data_2Z98
# 
_entry.id   2Z98 
# 
_audit_conform.dict_name       mmcif_pdbx.dic 
_audit_conform.dict_version    5.380 
_audit_conform.dict_location   http://mmcif.pdb.org/dictionaries/ascii/mmcif_pdbx.dic 
# 
loop_
_database_2.database_id 
_database_2.database_code 
_database_2.pdbx_database_accession 
_database_2.pdbx_DOI 
PDB   2Z98         pdb_00002z98 10.2210/pdb2z98/pdb 
RCSB  RCSB027680   ?            ?                   
WWPDB D_1000027680 ?            ?                   
# 
loop_
_pdbx_database_related.db_name 
_pdbx_database_related.db_id 
_pdbx_database_related.details 
_pdbx_database_related.content_type 
PDB 1V4B 'Same protein, the high resolution was 1.8 angstrom.' unspecified 
PDB 2Z9B .                                                     unspecified 
PDB 2Z9C .                                                     unspecified 
PDB 2Z9D .                                                     unspecified 
# 
_pdbx_database_status.status_code                     REL 
_pdbx_database_status.entry_id                        2Z98 
_pdbx_database_status.recvd_initial_deposition_date   2007-09-18 
_pdbx_database_status.deposit_site                    PDBJ 
_pdbx_database_status.process_site                    PDBJ 
_pdbx_database_status.status_code_sf                  REL 
_pdbx_database_status.status_code_mr                  ? 
_pdbx_database_status.SG_entry                        ? 
_pdbx_database_status.pdb_format_compatible           Y 
_pdbx_database_status.status_code_cs                  ? 
_pdbx_database_status.status_code_nmr_data            ? 
_pdbx_database_status.methods_development_category    ? 
# 
_audit_author.name           'Ito, K.' 
_audit_author.pdbx_ordinal   1 
# 
_citation.id                        primary 
_citation.title                     
'Expansion of Substrate Specificity and Catalytic Mechanism of Azoreductase by X-ray Crystallography and Site-directed Mutagenesis' 
_citation.journal_abbrev            J.Biol.Chem. 
_citation.journal_volume            283 
_citation.page_first                13889 
_citation.page_last                 13896 
_citation.year                      2008 
_citation.journal_id_ASTM           JBCHA3 
_citation.country                   US 
_citation.journal_id_ISSN           0021-9258 
_citation.journal_id_CSD            0071 
_citation.book_publisher            ? 
_citation.pdbx_database_id_PubMed   18337254 
_citation.pdbx_database_id_DOI      10.1074/jbc.M710070200 
# 
loop_
_citation_author.citation_id 
_citation_author.name 
_citation_author.ordinal 
_citation_author.identifier_ORCID 
primary 'Ito, K.'       1 ? 
primary 'Nakanishi, M.' 2 ? 
primary 'Lee, W.C.'     3 ? 
primary 'Zhi, Y.'       4 ? 
primary 'Sasaki, H.'    5 ? 
primary 'Zenno, S.'     6 ? 
primary 'Saigo, K.'     7 ? 
primary 'Kitade, Y.'    8 ? 
primary 'Tanokura, M.'  9 ? 
# 
_cell.entry_id           2Z98 
_cell.length_a           92.204 
_cell.length_b           92.204 
_cell.length_c           51.741 
_cell.angle_alpha        90.00 
_cell.angle_beta         90.00 
_cell.angle_gamma        90.00 
_cell.Z_PDB              8 
_cell.pdbx_unique_axis   ? 
_cell.length_a_esd       ? 
_cell.length_b_esd       ? 
_cell.length_c_esd       ? 
_cell.angle_alpha_esd    ? 
_cell.angle_beta_esd     ? 
_cell.angle_gamma_esd    ? 
# 
_symmetry.entry_id                         2Z98 
_symmetry.space_group_name_H-M             'P 42 21 2' 
_symmetry.pdbx_full_space_group_name_H-M   ? 
_symmetry.cell_setting                     ? 
_symmetry.Int_Tables_number                94 
_symmetry.space_group_name_Hall            ? 
# 
loop_
_entity.id 
_entity.type 
_entity.src_method 
_entity.pdbx_description 
_entity.formula_weight 
_entity.pdbx_number_of_molecules 
_entity.pdbx_ec 
_entity.pdbx_mutation 
_entity.pdbx_fragment 
_entity.details 
1 polymer     man 'FMN-dependent NADH-azoreductase' 21547.443 1   1.7.1.6 ? ? ? 
2 non-polymer syn 'FLAVIN MONONUCLEOTIDE'           456.344   1   ?       ? ? ? 
3 non-polymer syn 1,2-ETHANEDIOL                    62.068    2   ?       ? ? ? 
4 water       nat water                             18.015    117 ?       ? ? ? 
# 
_entity_name_com.entity_id   1 
_entity_name_com.name        'FMN-dependent NADH-azo compound oxidoreductase, Azo-dye reductase' 
# 
_entity_poly.entity_id                      1 
_entity_poly.type                           'polypeptide(L)' 
_entity_poly.nstd_linkage                   no 
_entity_poly.nstd_monomer                   no 
_entity_poly.pdbx_seq_one_letter_code       
;SKVLVLKSSILAGYSQSNQLSDYFVEQWREKHSADEITVRDLAANPIPVLDGELVGALRPSDAPLTPRQQEALALSDELI
AELKAHDVIVIAAPMYNFNISTQLKNYFDLVARAGVTFRYTENGPEGLVTGKKAIVITSRGGIHKDGPTDLVTPYLSTFL
GFIGITDVKFVFAEGIAYGPEMAAKAQSDAKAAIDSIVSA
;
_entity_poly.pdbx_seq_one_letter_code_can   
;SKVLVLKSSILAGYSQSNQLSDYFVEQWREKHSADEITVRDLAANPIPVLDGELVGALRPSDAPLTPRQQEALALSDELI
AELKAHDVIVIAAPMYNFNISTQLKNYFDLVARAGVTFRYTENGPEGLVTGKKAIVITSRGGIHKDGPTDLVTPYLSTFL
GFIGITDVKFVFAEGIAYGPEMAAKAQSDAKAAIDSIVSA
;
_entity_poly.pdbx_strand_id                 A 
_entity_poly.pdbx_target_identifier         ? 
# 
loop_
_entity_poly_seq.entity_id 
_entity_poly_seq.num 
_entity_poly_seq.mon_id 
_entity_poly_seq.hetero 
1 1   SER n 
1 2   LYS n 
1 3   VAL n 
1 4   LEU n 
1 5   VAL n 
1 6   LEU n 
1 7   LYS n 
1 8   SER n 
1 9   SER n 
1 10  ILE n 
1 11  LEU n 
1 12  ALA n 
1 13  GLY n 
1 14  TYR n 
1 15  SER n 
1 16  GLN n 
1 17  SER n 
1 18  ASN n 
1 19  GLN n 
1 20  LEU n 
1 21  SER n 
1 22  ASP n 
1 23  TYR n 
1 24  PHE n 
1 25  VAL n 
1 26  GLU n 
1 27  GLN n 
1 28  TRP n 
1 29  ARG n 
1 30  GLU n 
1 31  LYS n 
1 32  HIS n 
1 33  SER n 
1 34  ALA n 
1 35  ASP n 
1 36  GLU n 
1 37  ILE n 
1 38  THR n 
1 39  VAL n 
1 40  ARG n 
1 41  ASP n 
1 42  LEU n 
1 43  ALA n 
1 44  ALA n 
1 45  ASN n 
1 46  PRO n 
1 47  ILE n 
1 48  PRO n 
1 49  VAL n 
1 50  LEU n 
1 51  ASP n 
1 52  GLY n 
1 53  GLU n 
1 54  LEU n 
1 55  VAL n 
1 56  GLY n 
1 57  ALA n 
1 58  LEU n 
1 59  ARG n 
1 60  PRO n 
1 61  SER n 
1 62  ASP n 
1 63  ALA n 
1 64  PRO n 
1 65  LEU n 
1 66  THR n 
1 67  PRO n 
1 68  ARG n 
1 69  GLN n 
1 70  GLN n 
1 71  GLU n 
1 72  ALA n 
1 73  LEU n 
1 74  ALA n 
1 75  LEU n 
1 76  SER n 
1 77  ASP n 
1 78  GLU n 
1 79  LEU n 
1 80  ILE n 
1 81  ALA n 
1 82  GLU n 
1 83  LEU n 
1 84  LYS n 
1 85  ALA n 
1 86  HIS n 
1 87  ASP n 
1 88  VAL n 
1 89  ILE n 
1 90  VAL n 
1 91  ILE n 
1 92  ALA n 
1 93  ALA n 
1 94  PRO n 
1 95  MET n 
1 96  TYR n 
1 97  ASN n 
1 98  PHE n 
1 99  ASN n 
1 100 ILE n 
1 101 SER n 
1 102 THR n 
1 103 GLN n 
1 104 LEU n 
1 105 LYS n 
1 106 ASN n 
1 107 TYR n 
1 108 PHE n 
1 109 ASP n 
1 110 LEU n 
1 111 VAL n 
1 112 ALA n 
1 113 ARG n 
1 114 ALA n 
1 115 GLY n 
1 116 VAL n 
1 117 THR n 
1 118 PHE n 
1 119 ARG n 
1 120 TYR n 
1 121 THR n 
1 122 GLU n 
1 123 ASN n 
1 124 GLY n 
1 125 PRO n 
1 126 GLU n 
1 127 GLY n 
1 128 LEU n 
1 129 VAL n 
1 130 THR n 
1 131 GLY n 
1 132 LYS n 
1 133 LYS n 
1 134 ALA n 
1 135 ILE n 
1 136 VAL n 
1 137 ILE n 
1 138 THR n 
1 139 SER n 
1 140 ARG n 
1 141 GLY n 
1 142 GLY n 
1 143 ILE n 
1 144 HIS n 
1 145 LYS n 
1 146 ASP n 
1 147 GLY n 
1 148 PRO n 
1 149 THR n 
1 150 ASP n 
1 151 LEU n 
1 152 VAL n 
1 153 THR n 
1 154 PRO n 
1 155 TYR n 
1 156 LEU n 
1 157 SER n 
1 158 THR n 
1 159 PHE n 
1 160 LEU n 
1 161 GLY n 
1 162 PHE n 
1 163 ILE n 
1 164 GLY n 
1 165 ILE n 
1 166 THR n 
1 167 ASP n 
1 168 VAL n 
1 169 LYS n 
1 170 PHE n 
1 171 VAL n 
1 172 PHE n 
1 173 ALA n 
1 174 GLU n 
1 175 GLY n 
1 176 ILE n 
1 177 ALA n 
1 178 TYR n 
1 179 GLY n 
1 180 PRO n 
1 181 GLU n 
1 182 MET n 
1 183 ALA n 
1 184 ALA n 
1 185 LYS n 
1 186 ALA n 
1 187 GLN n 
1 188 SER n 
1 189 ASP n 
1 190 ALA n 
1 191 LYS n 
1 192 ALA n 
1 193 ALA n 
1 194 ILE n 
1 195 ASP n 
1 196 SER n 
1 197 ILE n 
1 198 VAL n 
1 199 SER n 
1 200 ALA n 
# 
_entity_src_gen.entity_id                          1 
_entity_src_gen.pdbx_src_id                        1 
_entity_src_gen.pdbx_alt_source_flag               sample 
_entity_src_gen.pdbx_seq_type                      ? 
_entity_src_gen.pdbx_beg_seq_num                   ? 
_entity_src_gen.pdbx_end_seq_num                   ? 
_entity_src_gen.gene_src_common_name               ? 
_entity_src_gen.gene_src_genus                     Escherichia 
_entity_src_gen.pdbx_gene_src_gene                 azoR 
_entity_src_gen.gene_src_species                   ? 
_entity_src_gen.gene_src_strain                    ? 
_entity_src_gen.gene_src_tissue                    ? 
_entity_src_gen.gene_src_tissue_fraction           ? 
_entity_src_gen.gene_src_details                   ? 
_entity_src_gen.pdbx_gene_src_fragment             ? 
_entity_src_gen.pdbx_gene_src_scientific_name      'Escherichia coli' 
_entity_src_gen.pdbx_gene_src_ncbi_taxonomy_id     562 
_entity_src_gen.pdbx_gene_src_variant              ? 
_entity_src_gen.pdbx_gene_src_cell_line            ? 
_entity_src_gen.pdbx_gene_src_atcc                 ? 
_entity_src_gen.pdbx_gene_src_organ                ? 
_entity_src_gen.pdbx_gene_src_organelle            ? 
_entity_src_gen.pdbx_gene_src_cell                 ? 
_entity_src_gen.pdbx_gene_src_cellular_location    ? 
_entity_src_gen.host_org_common_name               ? 
_entity_src_gen.pdbx_host_org_scientific_name      'Escherichia coli' 
_entity_src_gen.pdbx_host_org_ncbi_taxonomy_id     562 
_entity_src_gen.host_org_genus                     Escherichia 
_entity_src_gen.pdbx_host_org_gene                 ? 
_entity_src_gen.pdbx_host_org_organ                ? 
_entity_src_gen.host_org_species                   ? 
_entity_src_gen.pdbx_host_org_tissue               ? 
_entity_src_gen.pdbx_host_org_tissue_fraction      ? 
_entity_src_gen.pdbx_host_org_strain               ? 
_entity_src_gen.pdbx_host_org_variant              ? 
_entity_src_gen.pdbx_host_org_cell_line            ? 
_entity_src_gen.pdbx_host_org_atcc                 ? 
_entity_src_gen.pdbx_host_org_culture_collection   ? 
_entity_src_gen.pdbx_host_org_cell                 ? 
_entity_src_gen.pdbx_host_org_organelle            ? 
_entity_src_gen.pdbx_host_org_cellular_location    ? 
_entity_src_gen.pdbx_host_org_vector_type          plasmid 
_entity_src_gen.pdbx_host_org_vector               ? 
_entity_src_gen.host_org_details                   ? 
_entity_src_gen.expression_system_id               ? 
_entity_src_gen.plasmid_name                       pET22b 
_entity_src_gen.plasmid_details                    ? 
_entity_src_gen.pdbx_description                   ? 
# 
_struct_ref.id                         1 
_struct_ref.db_name                    UNP 
_struct_ref.db_code                    AZOR_ECOLI 
_struct_ref.pdbx_db_accession          P41407 
_struct_ref.entity_id                  1 
_struct_ref.pdbx_seq_one_letter_code   
;SKVLVLKSSILAGYSQSNQLSDYFVEQWREKHSADEITVRDLAANPIPVLDGELVGALRPSDAPLTPRQQEALALSDELI
AELKAHDVIVIAAPMYNFNISTQLKNYFDLVARAGVTFRYTENGPEGLVTGKKAIVITSRGGIHKDGPTDLVTPYLSTFL
GFIGITDVKFVFAEGIAYGPEMAAKAQSDAKAAIDSIVSA
;
_struct_ref.pdbx_align_begin           2 
_struct_ref.pdbx_db_isoform            ? 
# 
_struct_ref_seq.align_id                      1 
_struct_ref_seq.ref_id                        1 
_struct_ref_seq.pdbx_PDB_id_code              2Z98 
_struct_ref_seq.pdbx_strand_id                A 
_struct_ref_seq.seq_align_beg                 1 
_struct_ref_seq.pdbx_seq_align_beg_ins_code   ? 
_struct_ref_seq.seq_align_end                 200 
_struct_ref_seq.pdbx_seq_align_end_ins_code   ? 
_struct_ref_seq.pdbx_db_accession             P41407 
_struct_ref_seq.db_align_beg                  2 
_struct_ref_seq.pdbx_db_align_beg_ins_code    ? 
_struct_ref_seq.db_align_end                  201 
_struct_ref_seq.pdbx_db_align_end_ins_code    ? 
_struct_ref_seq.pdbx_auth_seq_align_beg       1 
_struct_ref_seq.pdbx_auth_seq_align_end       200 
# 
loop_
_chem_comp.id 
_chem_comp.type 
_chem_comp.mon_nstd_flag 
_chem_comp.name 
_chem_comp.pdbx_synonyms 
_chem_comp.formula 
_chem_comp.formula_weight 
ALA 'L-peptide linking' y ALANINE                 ?                          'C3 H7 N O2'      89.093  
ARG 'L-peptide linking' y ARGININE                ?                          'C6 H15 N4 O2 1'  175.209 
ASN 'L-peptide linking' y ASPARAGINE              ?                          'C4 H8 N2 O3'     132.118 
ASP 'L-peptide linking' y 'ASPARTIC ACID'         ?                          'C4 H7 N O4'      133.103 
EDO non-polymer         . 1,2-ETHANEDIOL          'ETHYLENE GLYCOL'          'C2 H6 O2'        62.068  
FMN non-polymer         . 'FLAVIN MONONUCLEOTIDE' 'RIBOFLAVIN MONOPHOSPHATE' 'C17 H21 N4 O9 P' 456.344 
GLN 'L-peptide linking' y GLUTAMINE               ?                          'C5 H10 N2 O3'    146.144 
GLU 'L-peptide linking' y 'GLUTAMIC ACID'         ?                          'C5 H9 N O4'      147.129 
GLY 'peptide linking'   y GLYCINE                 ?                          'C2 H5 N O2'      75.067  
HIS 'L-peptide linking' y HISTIDINE               ?                          'C6 H10 N3 O2 1'  156.162 
HOH non-polymer         . WATER                   ?                          'H2 O'            18.015  
ILE 'L-peptide linking' y ISOLEUCINE              ?                          'C6 H13 N O2'     131.173 
LEU 'L-peptide linking' y LEUCINE                 ?                          'C6 H13 N O2'     131.173 
LYS 'L-peptide linking' y LYSINE                  ?                          'C6 H15 N2 O2 1'  147.195 
MET 'L-peptide linking' y METHIONINE              ?                          'C5 H11 N O2 S'   149.211 
PHE 'L-peptide linking' y PHENYLALANINE           ?                          'C9 H11 N O2'     165.189 
PRO 'L-peptide linking' y PROLINE                 ?                          'C5 H9 N O2'      115.130 
SER 'L-peptide linking' y SERINE                  ?                          'C3 H7 N O3'      105.093 
THR 'L-peptide linking' y THREONINE               ?                          'C4 H9 N O3'      119.119 
TRP 'L-peptide linking' y TRYPTOPHAN              ?                          'C11 H12 N2 O2'   204.225 
TYR 'L-peptide linking' y TYROSINE                ?                          'C9 H11 N O3'     181.189 
VAL 'L-peptide linking' y VALINE                  ?                          'C5 H11 N O2'     117.146 
# 
_exptl.entry_id          2Z98 
_exptl.method            'X-RAY DIFFRACTION' 
_exptl.crystals_number   1 
# 
_exptl_crystal.id                    1 
_exptl_crystal.density_meas          ? 
_exptl_crystal.density_Matthews      2.55 
_exptl_crystal.density_percent_sol   51.80 
_exptl_crystal.description           ? 
_exptl_crystal.F_000                 ? 
_exptl_crystal.preparation           ? 
# 
_diffrn.id                     1 
_diffrn.ambient_temp           ? 
_diffrn.ambient_temp_details   ? 
_diffrn.crystal_id             1 
# 
_diffrn_detector.diffrn_id              1 
_diffrn_detector.detector               CCD 
_diffrn_detector.type                   'ADSC QUANTUM 4' 
_diffrn_detector.pdbx_collection_date   2002-11-21 
_diffrn_detector.details                ? 
# 
_diffrn_radiation.diffrn_id                        1 
_diffrn_radiation.wavelength_id                    1 
_diffrn_radiation.pdbx_monochromatic_or_laue_m_l   M 
_diffrn_radiation.monochromator                    ? 
_diffrn_radiation.pdbx_diffrn_protocol             'SINGLE WAVELENGTH' 
_diffrn_radiation.pdbx_scattering_type             x-ray 
# 
_diffrn_radiation_wavelength.id           1 
_diffrn_radiation_wavelength.wavelength   1.0000 
_diffrn_radiation_wavelength.wt           1.0 
# 
_diffrn_source.diffrn_id                   1 
_diffrn_source.source                      SYNCHROTRON 
_diffrn_source.type                        'PHOTON FACTORY BEAMLINE BL-18B' 
_diffrn_source.pdbx_synchrotron_site       'Photon Factory' 
_diffrn_source.pdbx_synchrotron_beamline   BL-18B 
_diffrn_source.pdbx_wavelength             ? 
_diffrn_source.pdbx_wavelength_list        1.0000 
# 
_reflns.entry_id                     2Z98 
_reflns.observed_criterion_sigma_F   ? 
_reflns.observed_criterion_sigma_I   ? 
_reflns.d_resolution_high            1.40 
_reflns.d_resolution_low             64.55 
_reflns.number_all                   ? 
_reflns.number_obs                   42307 
_reflns.percent_possible_obs         ? 
_reflns.pdbx_Rmerge_I_obs            ? 
_reflns.pdbx_Rsym_value              ? 
_reflns.pdbx_netI_over_sigmaI        ? 
_reflns.B_iso_Wilson_estimate        ? 
_reflns.pdbx_redundancy              ? 
_reflns.R_free_details               ? 
_reflns.limit_h_max                  ? 
_reflns.limit_h_min                  ? 
_reflns.limit_k_max                  ? 
_reflns.limit_k_min                  ? 
_reflns.limit_l_max                  ? 
_reflns.limit_l_min                  ? 
_reflns.observed_criterion_F_max     ? 
_reflns.observed_criterion_F_min     ? 
_reflns.pdbx_chi_squared             ? 
_reflns.pdbx_scaling_rejects         ? 
_reflns.pdbx_diffrn_id               1 
_reflns.pdbx_ordinal                 1 
# 
_refine.entry_id                                 2Z98 
_refine.ls_number_reflns_obs                     40396 
_refine.ls_number_reflns_all                     ? 
_refine.pdbx_ls_sigma_I                          ? 
_refine.pdbx_ls_sigma_F                          ? 
_refine.pdbx_data_cutoff_high_absF               ? 
_refine.pdbx_data_cutoff_low_absF                ? 
_refine.pdbx_data_cutoff_high_rms_absF           ? 
_refine.ls_d_res_low                             34.30 
_refine.ls_d_res_high                            1.40 
_refine.ls_percent_reflns_obs                    95.95 
_refine.ls_R_factor_obs                          0.18586 
_refine.ls_R_factor_all                          ? 
_refine.ls_R_factor_R_work                       0.18403 
_refine.ls_R_factor_R_free                       0.21982 
_refine.ls_R_factor_R_free_error                 ? 
_refine.ls_R_factor_R_free_error_details         ? 
_refine.ls_percent_reflns_R_free                 5.1 
_refine.ls_number_reflns_R_free                  2155 
_refine.ls_number_parameters                     ? 
_refine.ls_number_restraints                     ? 
_refine.occupancy_min                            ? 
_refine.occupancy_max                            ? 
_refine.correlation_coeff_Fo_to_Fc               0.964 
_refine.correlation_coeff_Fo_to_Fc_free          0.948 
_refine.B_iso_mean                               13.436 
_refine.aniso_B[1][1]                            0.40 
_refine.aniso_B[2][2]                            0.40 
_refine.aniso_B[3][3]                            -0.80 
_refine.aniso_B[1][2]                            0.00 
_refine.aniso_B[1][3]                            0.00 
_refine.aniso_B[2][3]                            0.00 
_refine.solvent_model_details                    'BABINET MODEL WITH MASK' 
_refine.solvent_model_param_ksol                 ? 
_refine.solvent_model_param_bsol                 ? 
_refine.pdbx_solvent_vdw_probe_radii             1.40 
_refine.pdbx_solvent_ion_probe_radii             0.80 
_refine.pdbx_solvent_shrinkage_radii             0.80 
_refine.pdbx_ls_cross_valid_method               THROUGHOUT 
_refine.details                                  'HYDROGENS HAVE BEEN ADDED IN THE RIDING POSITIONS' 
_refine.pdbx_starting_model                      'PDB ENTRY 1V4B' 
_refine.pdbx_method_to_determine_struct          'MOLECULAR REPLACEMENT' 
_refine.pdbx_isotropic_thermal_model             ? 
_refine.pdbx_stereochemistry_target_values       'MAXIMUM LIKELIHOOD' 
_refine.pdbx_stereochem_target_val_spec_case     ? 
_refine.pdbx_R_Free_selection_details            RANDOM 
_refine.pdbx_overall_ESU_R                       0.058 
_refine.pdbx_overall_ESU_R_Free                  0.064 
_refine.overall_SU_ML                            0.042 
_refine.overall_SU_B                             1.025 
_refine.ls_redundancy_reflns_obs                 ? 
_refine.B_iso_min                                ? 
_refine.B_iso_max                                ? 
_refine.overall_SU_R_Cruickshank_DPI             ? 
_refine.overall_SU_R_free                        ? 
_refine.ls_wR_factor_R_free                      ? 
_refine.ls_wR_factor_R_work                      ? 
_refine.overall_FOM_free_R_set                   ? 
_refine.overall_FOM_work_R_set                   ? 
_refine.pdbx_overall_phase_error                 ? 
_refine.pdbx_refine_id                           'X-RAY DIFFRACTION' 
_refine.pdbx_diffrn_id                           1 
_refine.pdbx_TLS_residual_ADP_flag               ? 
_refine.pdbx_overall_SU_R_free_Cruickshank_DPI   ? 
_refine.pdbx_overall_SU_R_Blow_DPI               ? 
_refine.pdbx_overall_SU_R_free_Blow_DPI          ? 
# 
_refine_hist.pdbx_refine_id                   'X-RAY DIFFRACTION' 
_refine_hist.cycle_id                         LAST 
_refine_hist.pdbx_number_atoms_protein        1476 
_refine_hist.pdbx_number_atoms_nucleic_acid   0 
_refine_hist.pdbx_number_atoms_ligand         39 
_refine_hist.number_atoms_solvent             117 
_refine_hist.number_atoms_total               1632 
_refine_hist.d_res_high                       1.40 
_refine_hist.d_res_low                        34.30 
# 
loop_
_refine_ls_restr.type 
_refine_ls_restr.dev_ideal 
_refine_ls_restr.dev_ideal_target 
_refine_ls_restr.weight 
_refine_ls_restr.number 
_refine_ls_restr.pdbx_refine_id 
_refine_ls_restr.pdbx_restraint_function 
r_bond_refined_d             0.046  0.022  ? 1537 'X-RAY DIFFRACTION' ? 
r_bond_other_d               0.002  0.020  ? 1002 'X-RAY DIFFRACTION' ? 
r_angle_refined_deg          3.739  1.998  ? 2088 'X-RAY DIFFRACTION' ? 
r_angle_other_deg            1.507  3.000  ? 2457 'X-RAY DIFFRACTION' ? 
r_dihedral_angle_1_deg       5.892  5.000  ? 192  'X-RAY DIFFRACTION' ? 
r_dihedral_angle_2_deg       36.055 24.918 ? 61   'X-RAY DIFFRACTION' ? 
r_dihedral_angle_3_deg       12.861 15.000 ? 248  'X-RAY DIFFRACTION' ? 
r_dihedral_angle_4_deg       23.574 15.000 ? 6    'X-RAY DIFFRACTION' ? 
r_chiral_restr               0.218  0.200  ? 243  'X-RAY DIFFRACTION' ? 
r_gen_planes_refined         0.018  0.020  ? 1670 'X-RAY DIFFRACTION' ? 
r_gen_planes_other           0.001  0.020  ? 287  'X-RAY DIFFRACTION' ? 
r_nbd_refined                0.236  0.200  ? 263  'X-RAY DIFFRACTION' ? 
r_nbd_other                  0.221  0.200  ? 1015 'X-RAY DIFFRACTION' ? 
r_nbtor_refined              0.190  0.200  ? 779  'X-RAY DIFFRACTION' ? 
r_nbtor_other                0.100  0.200  ? 789  'X-RAY DIFFRACTION' ? 
r_xyhbond_nbd_refined        0.163  0.200  ? 76   'X-RAY DIFFRACTION' ? 
r_xyhbond_nbd_other          ?      ?      ? ?    'X-RAY DIFFRACTION' ? 
r_metal_ion_refined          ?      ?      ? ?    'X-RAY DIFFRACTION' ? 
r_metal_ion_other            ?      ?      ? ?    'X-RAY DIFFRACTION' ? 
r_symmetry_vdw_refined       0.121  0.200  ? 11   'X-RAY DIFFRACTION' ? 
r_symmetry_vdw_other         0.233  0.200  ? 36   'X-RAY DIFFRACTION' ? 
r_symmetry_hbond_refined     0.160  0.200  ? 7    'X-RAY DIFFRACTION' ? 
r_symmetry_hbond_other       ?      ?      ? ?    'X-RAY DIFFRACTION' ? 
r_symmetry_metal_ion_refined ?      ?      ? ?    'X-RAY DIFFRACTION' ? 
r_symmetry_metal_ion_other   ?      ?      ? ?    'X-RAY DIFFRACTION' ? 
r_mcbond_it                  2.403  1.500  ? 1210 'X-RAY DIFFRACTION' ? 
r_mcbond_other               0.622  1.500  ? 393  'X-RAY DIFFRACTION' ? 
r_mcangle_it                 2.742  2.000  ? 1546 'X-RAY DIFFRACTION' ? 
r_scbond_it                  4.608  3.000  ? 649  'X-RAY DIFFRACTION' ? 
r_scangle_it                 5.462  4.500  ? 542  'X-RAY DIFFRACTION' ? 
r_rigid_bond_restr           ?      ?      ? ?    'X-RAY DIFFRACTION' ? 
r_sphericity_free            ?      ?      ? ?    'X-RAY DIFFRACTION' ? 
r_sphericity_bonded          ?      ?      ? ?    'X-RAY DIFFRACTION' ? 
# 
_refine_ls_shell.pdbx_total_number_of_bins_used   20 
_refine_ls_shell.d_res_high                       1.400 
_refine_ls_shell.d_res_low                        1.436 
_refine_ls_shell.number_reflns_R_work             2803 
_refine_ls_shell.R_factor_R_work                  0.228 
_refine_ls_shell.percent_reflns_obs               93.68 
_refine_ls_shell.R_factor_R_free                  0.318 
_refine_ls_shell.R_factor_R_free_error            ? 
_refine_ls_shell.percent_reflns_R_free            ? 
_refine_ls_shell.number_reflns_R_free             134 
_refine_ls_shell.number_reflns_all                ? 
_refine_ls_shell.R_factor_all                     ? 
_refine_ls_shell.number_reflns_obs                ? 
_refine_ls_shell.redundancy_reflns_obs            ? 
_refine_ls_shell.pdbx_refine_id                   'X-RAY DIFFRACTION' 
# 
_struct.entry_id                  2Z98 
_struct.title                     
;The crystal structure of AzoR (azoreductase) from Escherichia coli: Oxidized AzoR in tetragonal crystals (The resolution has improved from 1.8 (1v4b) to 1.4 angstrom)
;
_struct.pdbx_model_details        ? 
_struct.pdbx_CASP_flag            ? 
_struct.pdbx_model_type_details   ? 
# 
_struct_keywords.entry_id        2Z98 
_struct_keywords.pdbx_keywords   OXIDOREDUCTASE 
_struct_keywords.text            'azoreductase, Flavoprotein, FMN, NAD, Oxidoreductase' 
# 
loop_
_struct_asym.id 
_struct_asym.pdbx_blank_PDB_chainid_flag 
_struct_asym.pdbx_modified 
_struct_asym.entity_id 
_struct_asym.details 
A N N 1 ? 
B N N 2 ? 
C N N 3 ? 
D N N 3 ? 
E N N 4 ? 
# 
_struct_biol.id        1 
_struct_biol.details   ? 
# 
loop_
_struct_conf.conf_type_id 
_struct_conf.id 
_struct_conf.pdbx_PDB_helix_id 
_struct_conf.beg_label_comp_id 
_struct_conf.beg_label_asym_id 
_struct_conf.beg_label_seq_id 
_struct_conf.pdbx_beg_PDB_ins_code 
_struct_conf.end_label_comp_id 
_struct_conf.end_label_asym_id 
_struct_conf.end_label_seq_id 
_struct_conf.pdbx_end_PDB_ins_code 
_struct_conf.beg_auth_comp_id 
_struct_conf.beg_auth_asym_id 
_struct_conf.beg_auth_seq_id 
_struct_conf.end_auth_comp_id 
_struct_conf.end_auth_asym_id 
_struct_conf.end_auth_seq_id 
_struct_conf.pdbx_PDB_helix_class 
_struct_conf.details 
_struct_conf.pdbx_PDB_helix_length 
HELX_P HELX_P1 1 LEU A 11  ? TYR A 14  ? LEU A 11  TYR A 14  5 ? 4  
HELX_P HELX_P2 2 SER A 15  ? HIS A 32  ? SER A 15  HIS A 32  1 ? 18 
HELX_P HELX_P3 3 ASP A 51  ? LEU A 58  ? ASP A 51  LEU A 58  1 ? 8  
HELX_P HELX_P4 4 THR A 66  ? HIS A 86  ? THR A 66  HIS A 86  1 ? 21 
HELX_P HELX_P5 5 SER A 101 ? ALA A 112 ? SER A 101 ALA A 112 1 ? 12 
HELX_P HELX_P6 6 LEU A 151 ? ILE A 163 ? LEU A 151 ILE A 163 1 ? 13 
HELX_P HELX_P7 7 GLY A 179 ? SER A 199 ? GLY A 179 SER A 199 1 ? 21 
# 
_struct_conf_type.id          HELX_P 
_struct_conf_type.criteria    ? 
_struct_conf_type.reference   ? 
# 
loop_
_struct_sheet.id 
_struct_sheet.type 
_struct_sheet.number_strands 
_struct_sheet.details 
A ? 5 ? 
B ? 2 ? 
# 
loop_
_struct_sheet_order.sheet_id 
_struct_sheet_order.range_id_1 
_struct_sheet_order.range_id_2 
_struct_sheet_order.offset 
_struct_sheet_order.sense 
A 1 2 ? parallel      
A 2 3 ? parallel      
A 3 4 ? parallel      
A 4 5 ? parallel      
B 1 2 ? anti-parallel 
# 
loop_
_struct_sheet_range.sheet_id 
_struct_sheet_range.id 
_struct_sheet_range.beg_label_comp_id 
_struct_sheet_range.beg_label_asym_id 
_struct_sheet_range.beg_label_seq_id 
_struct_sheet_range.pdbx_beg_PDB_ins_code 
_struct_sheet_range.end_label_comp_id 
_struct_sheet_range.end_label_asym_id 
_struct_sheet_range.end_label_seq_id 
_struct_sheet_range.pdbx_end_PDB_ins_code 
_struct_sheet_range.beg_auth_comp_id 
_struct_sheet_range.beg_auth_asym_id 
_struct_sheet_range.beg_auth_seq_id 
_struct_sheet_range.end_auth_comp_id 
_struct_sheet_range.end_auth_asym_id 
_struct_sheet_range.end_auth_seq_id 
A 1 GLU A 36  ? ASP A 41  ? GLU A 36  ASP A 41  
A 2 LYS A 2   ? LYS A 7   ? LYS A 2   LYS A 7   
A 3 VAL A 88  ? ALA A 92  ? VAL A 88  ALA A 92  
A 4 LYS A 133 ? SER A 139 ? LYS A 133 SER A 139 
A 5 VAL A 168 ? ALA A 173 ? VAL A 168 ALA A 173 
B 1 PHE A 118 ? THR A 121 ? PHE A 118 THR A 121 
B 2 GLY A 124 ? GLY A 127 ? GLY A 124 GLY A 127 
# 
loop_
_pdbx_struct_sheet_hbond.sheet_id 
_pdbx_struct_sheet_hbond.range_id_1 
_pdbx_struct_sheet_hbond.range_id_2 
_pdbx_struct_sheet_hbond.range_1_label_atom_id 
_pdbx_struct_sheet_hbond.range_1_label_comp_id 
_pdbx_struct_sheet_hbond.range_1_label_asym_id 
_pdbx_struct_sheet_hbond.range_1_label_seq_id 
_pdbx_struct_sheet_hbond.range_1_PDB_ins_code 
_pdbx_struct_sheet_hbond.range_1_auth_atom_id 
_pdbx_struct_sheet_hbond.range_1_auth_comp_id 
_pdbx_struct_sheet_hbond.range_1_auth_asym_id 
_pdbx_struct_sheet_hbond.range_1_auth_seq_id 
_pdbx_struct_sheet_hbond.range_2_label_atom_id 
_pdbx_struct_sheet_hbond.range_2_label_comp_id 
_pdbx_struct_sheet_hbond.range_2_label_asym_id 
_pdbx_struct_sheet_hbond.range_2_label_seq_id 
_pdbx_struct_sheet_hbond.range_2_PDB_ins_code 
_pdbx_struct_sheet_hbond.range_2_auth_atom_id 
_pdbx_struct_sheet_hbond.range_2_auth_comp_id 
_pdbx_struct_sheet_hbond.range_2_auth_asym_id 
_pdbx_struct_sheet_hbond.range_2_auth_seq_id 
A 1 2 O THR A 38  ? O THR A 38  N VAL A 3   ? N VAL A 3   
A 2 3 N LEU A 4   ? N LEU A 4   O VAL A 90  ? O VAL A 90  
A 3 4 N ILE A 91  ? N ILE A 91  O ILE A 135 ? O ILE A 135 
A 4 5 N VAL A 136 ? N VAL A 136 O VAL A 171 ? O VAL A 171 
B 1 2 N ARG A 119 ? N ARG A 119 O GLU A 126 ? O GLU A 126 
# 
loop_
_struct_site.id 
_struct_site.pdbx_evidence_code 
_struct_site.pdbx_auth_asym_id 
_struct_site.pdbx_auth_comp_id 
_struct_site.pdbx_auth_seq_id 
_struct_site.pdbx_auth_ins_code 
_struct_site.pdbx_num_residues 
_struct_site.details 
AC1 Software A FMN 201 ? 18 'BINDING SITE FOR RESIDUE FMN A 201' 
AC2 Software A EDO 202 ? 4  'BINDING SITE FOR RESIDUE EDO A 202' 
AC3 Software A EDO 203 ? 3  'BINDING SITE FOR RESIDUE EDO A 203' 
# 
loop_
_struct_site_gen.id 
_struct_site_gen.site_id 
_struct_site_gen.pdbx_num_res 
_struct_site_gen.label_comp_id 
_struct_site_gen.label_asym_id 
_struct_site_gen.label_seq_id 
_struct_site_gen.pdbx_auth_ins_code 
_struct_site_gen.auth_comp_id 
_struct_site_gen.auth_asym_id 
_struct_site_gen.auth_seq_id 
_struct_site_gen.label_atom_id 
_struct_site_gen.label_alt_id 
_struct_site_gen.symmetry 
_struct_site_gen.details 
1  AC1 18 SER A 9   ? SER A 9   . ? 1_555 ? 
2  AC1 18 LEU A 11  ? LEU A 11  . ? 1_555 ? 
3  AC1 18 SER A 15  ? SER A 15  . ? 1_555 ? 
4  AC1 18 GLN A 16  ? GLN A 16  . ? 1_555 ? 
5  AC1 18 SER A 17  ? SER A 17  . ? 1_555 ? 
6  AC1 18 LEU A 50  ? LEU A 50  . ? 7_556 ? 
7  AC1 18 PRO A 94  ? PRO A 94  . ? 1_555 ? 
8  AC1 18 MET A 95  ? MET A 95  . ? 1_555 ? 
9  AC1 18 TYR A 96  ? TYR A 96  . ? 1_555 ? 
10 AC1 18 ASN A 97  ? ASN A 97  . ? 1_555 ? 
11 AC1 18 PHE A 98  ? PHE A 98  . ? 1_555 ? 
12 AC1 18 SER A 139 ? SER A 139 . ? 1_555 ? 
13 AC1 18 ARG A 140 ? ARG A 140 . ? 1_555 ? 
14 AC1 18 GLY A 141 ? GLY A 141 . ? 1_555 ? 
15 AC1 18 GLY A 142 ? GLY A 142 . ? 1_555 ? 
16 AC1 18 HIS A 144 ? HIS A 144 . ? 1_555 ? 
17 AC1 18 HOH E .   ? HOH A 233 . ? 1_555 ? 
18 AC1 18 HOH E .   ? HOH A 258 . ? 1_555 ? 
19 AC2 4  PHE A 98  ? PHE A 98  . ? 7_556 ? 
20 AC2 4  ASN A 99  ? ASN A 99  . ? 1_555 ? 
21 AC2 4  LEU A 151 ? LEU A 151 . ? 7_556 ? 
22 AC2 4  TYR A 155 ? TYR A 155 . ? 1_555 ? 
23 AC3 3  PHE A 170 ? PHE A 170 . ? 1_555 ? 
24 AC3 3  PHE A 172 ? PHE A 172 . ? 1_555 ? 
25 AC3 3  ASP A 189 ? ASP A 189 . ? 1_555 ? 
# 
_atom_sites.entry_id                    2Z98 
_atom_sites.fract_transf_matrix[1][1]   -0.00826666 
_atom_sites.fract_transf_matrix[1][2]   -0.00673108 
_atom_sites.fract_transf_matrix[1][3]   0.00199766 
_atom_sites.fract_transf_matrix[2][1]   -0.00495880 
_atom_sites.fract_transf_matrix[2][2]   0.00778173 
_atom_sites.fract_transf_matrix[2][3]   0.00570006 
_atom_sites.fract_transf_matrix[3][1]   -0.00885762 
_atom_sites.fract_transf_matrix[3][2]   0.00611416 
_atom_sites.fract_transf_matrix[3][3]   -0.01605281 
_atom_sites.fract_transf_vector[1]      0.202904 
_atom_sites.fract_transf_vector[2]      0.396748 
_atom_sites.fract_transf_vector[3]      0.445159 
# 
loop_
_atom_type.symbol 
C 
N 
O 
P 
S 
# 
loop_
_atom_site.group_PDB 
_atom_site.id 
_atom_site.type_symbol 
_atom_site.label_atom_id 
_atom_site.label_alt_id 
_atom_site.label_comp_id 
_atom_site.label_asym_id 
_atom_site.label_entity_id 
_atom_site.label_seq_id 
_atom_site.pdbx_PDB_ins_code 
_atom_site.Cartn_x 
_atom_site.Cartn_y 
_atom_site.Cartn_z 
_atom_site.occupancy 
_atom_site.B_iso_or_equiv 
_atom_site.pdbx_formal_charge 
_atom_site.auth_seq_id 
_atom_site.auth_comp_id 
_atom_site.auth_asym_id 
_atom_site.auth_atom_id 
_atom_site.pdbx_PDB_model_num 
ATOM   1    N N     . SER A 1 1   ? 3.722   18.730  3.697   1.00 20.25 ? 1   SER A N     1 
ATOM   2    C CA    . SER A 1 1   ? 3.307   17.518  2.801   1.00 20.87 ? 1   SER A CA    1 
ATOM   3    C C     . SER A 1 1   ? 2.324   16.772  3.642   1.00 18.66 ? 1   SER A C     1 
ATOM   4    O O     . SER A 1 1   ? 2.233   16.849  4.825   1.00 18.08 ? 1   SER A O     1 
ATOM   5    C CB    . SER A 1 1   ? 4.441   16.707  2.616   1.00 19.99 ? 1   SER A CB    1 
ATOM   6    O OG    . SER A 1 1   ? 5.483   17.338  1.894   1.00 28.82 ? 1   SER A OG    1 
ATOM   7    N N     . LYS A 1 2   ? 1.728   15.801  2.883   1.00 16.25 ? 2   LYS A N     1 
ATOM   8    C CA    . LYS A 1 2   ? 0.677   14.998  3.454   1.00 15.80 ? 2   LYS A CA    1 
ATOM   9    C C     . LYS A 1 2   ? 1.065   13.502  3.186   1.00 14.33 ? 2   LYS A C     1 
ATOM   10   O O     . LYS A 1 2   ? 1.488   13.179  2.052   1.00 14.11 ? 2   LYS A O     1 
ATOM   11   C CB    . LYS A 1 2   ? -0.633  15.219  2.823   1.00 16.43 ? 2   LYS A CB    1 
ATOM   12   C CG    . LYS A 1 2   ? -1.255  16.680  3.075   1.00 19.81 ? 2   LYS A CG    1 
ATOM   13   C CD    . LYS A 1 2   ? -2.785  16.711  2.964   1.00 27.12 ? 2   LYS A CD    1 
ATOM   14   C CE    . LYS A 1 2   ? -3.482  17.177  4.215   0.00 33.74 ? 2   LYS A CE    1 
ATOM   15   N NZ    . LYS A 1 2   ? -4.459  16.167  4.676   1.00 50.06 ? 2   LYS A NZ    1 
ATOM   16   N N     . VAL A 1 3   ? 1.007   12.717  4.241   1.00 14.12 ? 3   VAL A N     1 
ATOM   17   C CA    . VAL A 1 3   ? 1.486   11.285  4.150   1.00 13.25 ? 3   VAL A CA    1 
ATOM   18   C C     . VAL A 1 3   ? 0.274   10.464  4.503   1.00 10.09 ? 3   VAL A C     1 
ATOM   19   O O     . VAL A 1 3   ? -0.481  10.596  5.403   1.00 11.56 ? 3   VAL A O     1 
ATOM   20   C CB    . VAL A 1 3   ? 2.522   10.981  5.188   1.00 12.75 ? 3   VAL A CB    1 
ATOM   21   C CG1   . VAL A 1 3   ? 2.983   9.485   5.167   1.00 14.07 ? 3   VAL A CG1   1 
ATOM   22   C CG2   . VAL A 1 3   ? 3.745   11.946  5.107   1.00 14.45 ? 3   VAL A CG2   1 
ATOM   23   N N     . LEU A 1 4   ? -0.058  9.493   3.547   1.00 10.57 ? 4   LEU A N     1 
ATOM   24   C CA    . LEU A 1 4   ? -1.088  8.440   3.673   1.00 11.80 ? 4   LEU A CA    1 
ATOM   25   C C     . LEU A 1 4   ? -0.442  7.064   3.954   1.00 9.08  ? 4   LEU A C     1 
ATOM   26   O O     . LEU A 1 4   ? 0.451   6.746   3.202   1.00 10.81 ? 4   LEU A O     1 
ATOM   27   C CB    . LEU A 1 4   ? -1.904  8.357   2.418   1.00 10.00 ? 4   LEU A CB    1 
ATOM   28   C CG    . LEU A 1 4   ? -2.992  7.311   2.359   1.00 10.66 ? 4   LEU A CG    1 
ATOM   29   C CD1   . LEU A 1 4   ? -4.062  7.565   3.367   1.00 11.11 ? 4   LEU A CD1   1 
ATOM   30   C CD2   . LEU A 1 4   ? -3.591  7.244   0.920   1.00 12.17 ? 4   LEU A CD2   1 
ATOM   31   N N     . VAL A 1 5   ? -0.918  6.472   5.029   1.00 10.44 ? 5   VAL A N     1 
ATOM   32   C CA    . VAL A 1 5   ? -0.456  5.142   5.423   1.00 10.41 ? 5   VAL A CA    1 
ATOM   33   C C     . VAL A 1 5   ? -1.550  4.124   5.333   1.00 10.91 ? 5   VAL A C     1 
ATOM   34   O O     . VAL A 1 5   ? -2.559  4.347   5.878   1.00 10.95 ? 5   VAL A O     1 
ATOM   35   C CB    . VAL A 1 5   ? 0.186   5.132   6.819   1.00 11.53 ? 5   VAL A CB    1 
ATOM   36   C CG1   . VAL A 1 5   ? 0.746   3.742   7.181   1.00 12.76 ? 5   VAL A CG1   1 
ATOM   37   C CG2   . VAL A 1 5   ? 1.217   6.204   6.989   1.00 12.35 ? 5   VAL A CG2   1 
ATOM   38   N N     . LEU A 1 6   ? -1.327  3.059   4.536   1.00 11.14 ? 6   LEU A N     1 
ATOM   39   C CA    . LEU A 1 6   ? -2.320  2.016   4.275   1.00 11.16 ? 6   LEU A CA    1 
ATOM   40   C C     . LEU A 1 6   ? -1.847  0.747   4.928   1.00 8.45  ? 6   LEU A C     1 
ATOM   41   O O     . LEU A 1 6   ? -0.847  0.192   4.539   1.00 11.38 ? 6   LEU A O     1 
ATOM   42   C CB    . LEU A 1 6   ? -2.536  1.848   2.768   1.00 9.82  ? 6   LEU A CB    1 
ATOM   43   C CG    . LEU A 1 6   ? -3.121  3.048   2.031   1.00 10.21 ? 6   LEU A CG    1 
ATOM   44   C CD1   . LEU A 1 6   ? -2.869  2.858   0.530   1.00 17.11 ? 6   LEU A CD1   1 
ATOM   45   C CD2   . LEU A 1 6   ? -4.509  3.250   2.326   1.00 15.41 ? 6   LEU A CD2   1 
ATOM   46   N N     . LYS A 1 7   ? -2.527  0.363   5.991   1.00 9.85  ? 7   LYS A N     1 
ATOM   47   C CA    . LYS A 1 7   ? -2.289  -0.884  6.693   1.00 9.23  ? 7   LYS A CA    1 
ATOM   48   C C     . LYS A 1 7   ? -3.175  -2.011  6.080   1.00 9.43  ? 7   LYS A C     1 
ATOM   49   O O     . LYS A 1 7   ? -4.297  -1.800  5.844   1.00 9.59  ? 7   LYS A O     1 
ATOM   50   C CB    . LYS A 1 7   ? -2.543  -0.804  8.198   1.00 11.02 ? 7   LYS A CB    1 
ATOM   51   C CG    . LYS A 1 7   ? -1.551  0.159   8.896   1.00 10.68 ? 7   LYS A CG    1 
ATOM   52   C CD    . LYS A 1 7   ? -1.930  0.334   10.401  1.00 12.76 ? 7   LYS A CD    1 
ATOM   53   C CE    . LYS A 1 7   ? -0.749  0.995   11.178  1.00 12.93 ? 7   LYS A CE    1 
ATOM   54   N NZ    . LYS A 1 7   ? -1.137  1.167   12.592  1.00 13.55 ? 7   LYS A NZ    1 
ATOM   55   N N     . SER A 1 8   ? -2.584  -3.226  5.944   1.00 10.48 ? 8   SER A N     1 
ATOM   56   C CA    . SER A 1 8   ? -3.381  -4.292  5.266   1.00 9.76  ? 8   SER A CA    1 
ATOM   57   C C     . SER A 1 8   ? -3.206  -5.586  5.902   1.00 10.41 ? 8   SER A C     1 
ATOM   58   O O     . SER A 1 8   ? -3.766  -6.601  5.399   1.00 11.51 ? 8   SER A O     1 
ATOM   59   C CB    . SER A 1 8   ? -3.008  -4.393  3.782   1.00 9.54  ? 8   SER A CB    1 
ATOM   60   O OG    . SER A 1 8   ? -1.778  -4.882  3.430   1.00 9.55  ? 8   SER A OG    1 
ATOM   61   N N     . SER A 1 9   ? -2.491  -5.773  6.959   1.00 10.32 ? 9   SER A N     1 
ATOM   62   C CA    . SER A 1 9   ? -2.245  -7.049  7.691   1.00 9.54  ? 9   SER A CA    1 
ATOM   63   C C     . SER A 1 9   ? -3.543  -7.360  8.438   1.00 10.06 ? 9   SER A C     1 
ATOM   64   O O     . SER A 1 9   ? -4.369  -6.621  8.836   1.00 11.48 ? 9   SER A O     1 
ATOM   65   C CB    . SER A 1 9   ? -1.186  -6.907  8.774   1.00 10.12 ? 9   SER A CB    1 
ATOM   66   O OG    . SER A 1 9   ? -1.106  -8.066  9.612   1.00 11.58 ? 9   SER A OG    1 
ATOM   67   N N     . ILE A 1 10  ? -3.694  -8.752  8.539   1.00 9.68  ? 10  ILE A N     1 
ATOM   68   C CA    . ILE A 1 10  ? -4.846  -9.334  9.285   1.00 11.48 ? 10  ILE A CA    1 
ATOM   69   C C     . ILE A 1 10  ? -4.418  -9.759  10.716  1.00 13.76 ? 10  ILE A C     1 
ATOM   70   O O     . ILE A 1 10  ? -5.233  -10.350 11.470  1.00 14.24 ? 10  ILE A O     1 
ATOM   71   C CB    . ILE A 1 10  ? -5.476  -10.606 8.582   1.00 11.82 ? 10  ILE A CB    1 
ATOM   72   C CG1   . ILE A 1 10  ? -4.476  -11.702 8.408   1.00 12.36 ? 10  ILE A CG1   1 
ATOM   73   C CG2   . ILE A 1 10  ? -6.071  -10.051 7.300   1.00 14.49 ? 10  ILE A CG2   1 
ATOM   74   C CD1   . ILE A 1 10  ? -5.056  -12.986 7.654   1.00 13.14 ? 10  ILE A CD1   1 
ATOM   75   N N     . LEU A 1 11  ? -3.202  -9.374  11.184  1.00 11.75 ? 11  LEU A N     1 
ATOM   76   C CA    . LEU A 1 11  ? -2.591  -9.817  12.409  1.00 11.91 ? 11  LEU A CA    1 
ATOM   77   C C     . LEU A 1 11  ? -2.706  -8.689  13.520  1.00 14.05 ? 11  LEU A C     1 
ATOM   78   O O     . LEU A 1 11  ? -2.136  -8.917  14.598  1.00 17.79 ? 11  LEU A O     1 
ATOM   79   C CB    . LEU A 1 11  ? -1.301  -10.448 12.231  1.00 12.28 ? 11  LEU A CB    1 
ATOM   80   C CG    . LEU A 1 11  ? -1.193  -11.601 11.242  1.00 13.81 ? 11  LEU A CG    1 
ATOM   81   C CD1   . LEU A 1 11  ? 0.207   -12.078 11.130  1.00 12.75 ? 11  LEU A CD1   1 
ATOM   82   C CD2   . LEU A 1 11  ? -2.177  -12.769 11.628  1.00 18.01 ? 11  LEU A CD2   1 
ATOM   83   N N     . ALA A 1 12  ? -3.377  -7.611  13.200  1.00 16.15 ? 12  ALA A N     1 
ATOM   84   C CA    . ALA A 1 12  ? -3.642  -6.535  14.232  1.00 18.54 ? 12  ALA A CA    1 
ATOM   85   C C     . ALA A 1 12  ? -2.306  -6.028  14.848  1.00 19.17 ? 12  ALA A C     1 
ATOM   86   O O     . ALA A 1 12  ? -1.316  -5.714  14.181  1.00 18.03 ? 12  ALA A O     1 
ATOM   87   C CB    . ALA A 1 12  ? -4.682  -7.053  15.179  1.00 17.34 ? 12  ALA A CB    1 
ATOM   88   N N     . GLY A 1 13  ? -2.254  -6.049  16.180  1.00 22.48 ? 13  GLY A N     1 
ATOM   89   C CA    . GLY A 1 13  ? -1.129  -5.401  16.784  1.00 19.60 ? 13  GLY A CA    1 
ATOM   90   C C     . GLY A 1 13  ? 0.029   -6.336  16.824  1.00 23.05 ? 13  GLY A C     1 
ATOM   91   O O     . GLY A 1 13  ? 1.110   -5.847  17.007  1.00 25.78 ? 13  GLY A O     1 
ATOM   92   N N     . TYR A 1 14  ? -0.093  -7.636  16.511  1.00 21.70 ? 14  TYR A N     1 
ATOM   93   C CA    . TYR A 1 14  ? 1.000   -8.515  16.211  1.00 22.55 ? 14  TYR A CA    1 
ATOM   94   C C     . TYR A 1 14  ? 1.620   -8.475  14.812  1.00 19.01 ? 14  TYR A C     1 
ATOM   95   O O     . TYR A 1 14  ? 2.616   -9.178  14.552  1.00 20.61 ? 14  TYR A O     1 
ATOM   96   C CB    . TYR A 1 14  ? 0.455   -9.985  16.337  1.00 29.64 ? 14  TYR A CB    1 
ATOM   97   C CG    . TYR A 1 14  ? 0.049   -10.163 17.785  1.00 35.92 ? 14  TYR A CG    1 
ATOM   98   C CD1   . TYR A 1 14  ? -1.276  -10.039 18.180  1.00 38.62 ? 14  TYR A CD1   1 
ATOM   99   C CD2   . TYR A 1 14  ? 1.069   -10.298 18.769  1.00 39.59 ? 14  TYR A CD2   1 
ATOM   100  C CE1   . TYR A 1 14  ? -1.635  -10.094 19.549  1.00 39.07 ? 14  TYR A CE1   1 
ATOM   101  C CE2   . TYR A 1 14  ? 0.746   -10.340 20.180  1.00 41.48 ? 14  TYR A CE2   1 
ATOM   102  C CZ    . TYR A 1 14  ? -0.618  -10.275 20.560  1.00 42.52 ? 14  TYR A CZ    1 
ATOM   103  O OH    . TYR A 1 14  ? -0.952  -10.359 21.967  1.00 44.42 ? 14  TYR A OH    1 
ATOM   104  N N     . SER A 1 15  ? 1.089   -7.558  14.026  1.00 15.22 ? 15  SER A N     1 
ATOM   105  C CA    . SER A 1 15  ? 1.590   -7.424  12.690  1.00 14.10 ? 15  SER A CA    1 
ATOM   106  C C     . SER A 1 15  ? 2.976   -6.921  12.522  1.00 9.55  ? 15  SER A C     1 
ATOM   107  O O     . SER A 1 15  ? 3.220   -5.718  13.108  1.00 11.76 ? 15  SER A O     1 
ATOM   108  C CB    . SER A 1 15  ? 0.605   -6.621  11.991  1.00 11.44 ? 15  SER A CB    1 
ATOM   109  O OG    . SER A 1 15  ? 1.115   -6.026  10.796  1.00 11.89 ? 15  SER A OG    1 
ATOM   110  N N     . GLN A 1 16  ? 3.852   -7.412  11.835  1.00 10.67 ? 16  GLN A N     1 
ATOM   111  C CA    . GLN A 1 16  ? 5.205   -6.934  11.557  1.00 12.69 ? 16  GLN A CA    1 
ATOM   112  C C     . GLN A 1 16  ? 5.133   -5.725  10.732  1.00 12.77 ? 16  GLN A C     1 
ATOM   113  O O     . GLN A 1 16  ? 5.808   -4.680  10.998  1.00 11.68 ? 16  GLN A O     1 
ATOM   114  C CB    . GLN A 1 16  ? 6.097   -7.933  10.849  1.00 12.09 ? 16  GLN A CB    1 
ATOM   115  C CG    . GLN A 1 16  ? 6.287   -9.149  11.705  1.00 15.92 ? 16  GLN A CG    1 
ATOM   116  C CD    . GLN A 1 16  ? 7.152   -8.931  12.908  1.00 23.33 ? 16  GLN A CD    1 
ATOM   117  O OE1   . GLN A 1 16  ? 8.162   -8.146  12.852  1.00 20.26 ? 16  GLN A OE1   1 
ATOM   118  N NE2   . GLN A 1 16  ? 6.987   -9.868  13.896  1.00 28.27 ? 16  GLN A NE2   1 
ATOM   119  N N     . SER A 1 17  ? 4.284   -5.636  9.700   1.00 11.22 ? 17  SER A N     1 
ATOM   120  C CA    . SER A 1 17  ? 4.197   -4.525  8.785   1.00 12.13 ? 17  SER A CA    1 
ATOM   121  C C     . SER A 1 17  ? 3.494   -3.399  9.512   1.00 10.24 ? 17  SER A C     1 
ATOM   122  O O     . SER A 1 17  ? 3.783   -2.165  9.200   1.00 10.14 ? 17  SER A O     1 
ATOM   123  C CB    . SER A 1 17  ? 3.567   -4.911  7.422   1.00 9.82  ? 17  SER A CB    1 
ATOM   124  O OG    . SER A 1 17  ? 2.220   -5.245  7.587   1.00 11.17 ? 17  SER A OG    1 
ATOM   125  N N     . ASN A 1 18  ? 2.515   -3.543  10.375  1.00 10.70 ? 18  ASN A N     1 
ATOM   126  C CA    . ASN A 1 18  ? 1.929   -2.504  11.165  1.00 11.40 ? 18  ASN A CA    1 
ATOM   127  C C     . ASN A 1 18  ? 2.933   -1.917  12.076  1.00 11.55 ? 18  ASN A C     1 
ATOM   128  O O     . ASN A 1 18  ? 2.924   -0.641  12.255  1.00 12.26 ? 18  ASN A O     1 
ATOM   129  C CB    . ASN A 1 18  ? 0.678   -2.915  11.899  1.00 12.83 ? 18  ASN A CB    1 
ATOM   130  C CG    . ASN A 1 18  ? -0.491  -3.152  10.914  1.00 10.89 ? 18  ASN A CG    1 
ATOM   131  O OD1   . ASN A 1 18  ? -0.438  -2.669  9.799   1.00 12.30 ? 18  ASN A OD1   1 
ATOM   132  N ND2   . ASN A 1 18  ? -1.590  -3.814  11.401  1.00 12.46 ? 18  ASN A ND2   1 
ATOM   133  N N     . GLN A 1 19  ? 3.731   -2.660  12.749  1.00 10.30 ? 19  GLN A N     1 
ATOM   134  C CA    . GLN A 1 19  ? 4.688   -2.124  13.722  1.00 11.81 ? 19  GLN A CA    1 
ATOM   135  C C     . GLN A 1 19  ? 5.650   -1.413  12.861  1.00 9.71  ? 19  GLN A C     1 
ATOM   136  O O     . GLN A 1 19  ? 6.025   -0.236  13.377  1.00 12.70 ? 19  GLN A O     1 
ATOM   137  C CB    . GLN A 1 19  ? 5.373   -3.301  14.455  1.00 14.40 ? 19  GLN A CB    1 
ATOM   138  C CG    . GLN A 1 19  ? 4.527   -3.947  15.515  1.00 19.36 ? 19  GLN A CG    1 
ATOM   139  C CD    . GLN A 1 19  ? 5.210   -5.234  16.152  1.00 28.30 ? 19  GLN A CD    1 
ATOM   140  O OE1   . GLN A 1 19  ? 4.587   -6.363  16.292  1.00 38.93 ? 19  GLN A OE1   1 
ATOM   141  N NE2   . GLN A 1 19  ? 6.449   -5.065  16.551  1.00 40.39 ? 19  GLN A NE2   1 
ATOM   142  N N     . LEU A 1 20  ? 6.153   -1.696  11.698  1.00 10.66 ? 20  LEU A N     1 
ATOM   143  C CA    . LEU A 1 20  ? 7.103   -0.941  10.937  1.00 11.28 ? 20  LEU A CA    1 
ATOM   144  C C     . LEU A 1 20  ? 6.367   0.252   10.366  1.00 11.83 ? 20  LEU A C     1 
ATOM   145  O O     . LEU A 1 20  ? 6.991   1.389   10.305  1.00 11.57 ? 20  LEU A O     1 
ATOM   146  C CB    . LEU A 1 20  ? 7.613   -1.799  9.844   1.00 10.61 ? 20  LEU A CB    1 
ATOM   147  C CG    . LEU A 1 20  ? 8.668   -2.830  10.195  1.00 11.42 ? 20  LEU A CG    1 
ATOM   148  C CD1   . LEU A 1 20  ? 8.831   -3.840  9.108   1.00 12.45 ? 20  LEU A CD1   1 
ATOM   149  C CD2   . LEU A 1 20  ? 9.935   -2.150  10.661  1.00 12.39 ? 20  LEU A CD2   1 
ATOM   150  N N     . SER A 1 21  ? 5.109   0.292   10.074  1.00 10.09 ? 21  SER A N     1 
ATOM   151  C CA    . SER A 1 21  ? 4.345   1.408   9.581   1.00 11.87 ? 21  SER A CA    1 
ATOM   152  C C     . SER A 1 21  ? 4.278   2.403   10.733  1.00 12.46 ? 21  SER A C     1 
ATOM   153  O O     . SER A 1 21  ? 4.370   3.647   10.518  1.00 11.99 ? 21  SER A O     1 
ATOM   154  C CB    . SER A 1 21  ? 2.933   1.004   9.104   1.00 13.22 ? 21  SER A CB    1 
ATOM   155  O OG    . SER A 1 21  ? 3.034   0.216   7.915   1.00 13.16 ? 21  SER A OG    1 
ATOM   156  N N     . ASP A 1 22  ? 3.973   1.985   11.924  1.00 11.32 ? 22  ASP A N     1 
ATOM   157  C CA    . ASP A 1 22  ? 3.982   2.864   13.127  1.00 13.49 ? 22  ASP A CA    1 
ATOM   158  C C     . ASP A 1 22  ? 5.304   3.378   13.401  1.00 10.39 ? 22  ASP A C     1 
ATOM   159  O O     . ASP A 1 22  ? 5.381   4.654   13.700  1.00 12.22 ? 22  ASP A O     1 
ATOM   160  C CB    . ASP A 1 22  ? 3.467   2.125   14.355  1.00 13.42 ? 22  ASP A CB    1 
ATOM   161  C CG    . ASP A 1 22  ? 1.974   1.728   14.320  1.00 14.88 ? 22  ASP A CG    1 
ATOM   162  O OD1   . ASP A 1 22  ? 1.622   0.972   15.246  1.00 17.90 ? 22  ASP A OD1   1 
ATOM   163  O OD2   . ASP A 1 22  ? 1.230   2.277   13.517  1.00 15.80 ? 22  ASP A OD2   1 
ATOM   164  N N     . TYR A 1 23  ? 6.391   2.792   13.114  1.00 12.12 ? 23  TYR A N     1 
ATOM   165  C CA    . TYR A 1 23  ? 7.771   3.269   13.261  1.00 12.04 ? 23  TYR A CA    1 
ATOM   166  C C     . TYR A 1 23  ? 7.972   4.235   12.212  1.00 11.31 ? 23  TYR A C     1 
ATOM   167  O O     . TYR A 1 23  ? 8.438   5.436   12.483  1.00 11.03 ? 23  TYR A O     1 
ATOM   168  C CB    . TYR A 1 23  ? 8.811   2.173   13.130  1.00 13.49 ? 23  TYR A CB    1 
ATOM   169  C CG    . TYR A 1 23  ? 10.192  2.743   13.152  1.00 11.44 ? 23  TYR A CG    1 
ATOM   170  C CD1   . TYR A 1 23  ? 10.692  3.061   14.406  1.00 15.54 ? 23  TYR A CD1   1 
ATOM   171  C CD2   . TYR A 1 23  ? 10.977  2.840   12.083  1.00 13.18 ? 23  TYR A CD2   1 
ATOM   172  C CE1   . TYR A 1 23  ? 12.034  3.605   14.478  1.00 16.23 ? 23  TYR A CE1   1 
ATOM   173  C CE2   . TYR A 1 23  ? 12.270  3.323   12.122  1.00 13.52 ? 23  TYR A CE2   1 
ATOM   174  C CZ    . TYR A 1 23  ? 12.794  3.643   13.342  1.00 16.35 ? 23  TYR A CZ    1 
ATOM   175  O OH    . TYR A 1 23  ? 14.095  4.167   13.347  1.00 17.52 ? 23  TYR A OH    1 
ATOM   176  N N     . PHE A 1 24  ? 7.550   4.187   10.969  1.00 11.83 ? 24  PHE A N     1 
ATOM   177  C CA    . PHE A 1 24  ? 7.635   5.162   9.916   1.00 11.46 ? 24  PHE A CA    1 
ATOM   178  C C     . PHE A 1 24  ? 6.867   6.334   10.342  1.00 12.14 ? 24  PHE A C     1 
ATOM   179  O O     . PHE A 1 24  ? 7.422   7.533   10.238  1.00 11.60 ? 24  PHE A O     1 
ATOM   180  C CB    . PHE A 1 24  ? 7.024   4.604   8.570   1.00 12.62 ? 24  PHE A CB    1 
ATOM   181  C CG    . PHE A 1 24  ? 7.149   5.497   7.474   1.00 12.95 ? 24  PHE A CG    1 
ATOM   182  C CD1   . PHE A 1 24  ? 8.151   5.237   6.563   1.00 17.28 ? 24  PHE A CD1   1 
ATOM   183  C CD2   . PHE A 1 24  ? 6.337   6.635   7.344   1.00 15.71 ? 24  PHE A CD2   1 
ATOM   184  C CE1   . PHE A 1 24  ? 8.383   5.989   5.464   1.00 15.55 ? 24  PHE A CE1   1 
ATOM   185  C CE2   . PHE A 1 24  ? 6.610   7.495   6.286   1.00 12.07 ? 24  PHE A CE2   1 
ATOM   186  C CZ    . PHE A 1 24  ? 7.645   7.206   5.421   1.00 13.69 ? 24  PHE A CZ    1 
ATOM   187  N N     . VAL A 1 25  ? 5.687   6.260   10.808  1.00 11.08 ? 25  VAL A N     1 
ATOM   188  C CA    . VAL A 1 25  ? 4.902   7.444   11.251  1.00 13.20 ? 25  VAL A CA    1 
ATOM   189  C C     . VAL A 1 25  ? 5.637   8.164   12.338  1.00 13.18 ? 25  VAL A C     1 
ATOM   190  O O     . VAL A 1 25  ? 5.611   9.456   12.401  1.00 14.10 ? 25  VAL A O     1 
ATOM   191  C CB    . VAL A 1 25  ? 3.469   7.017   11.641  1.00 13.63 ? 25  VAL A CB    1 
ATOM   192  C CG1   . VAL A 1 25  ? 2.636   8.121   12.377  1.00 14.60 ? 25  VAL A CG1   1 
ATOM   193  C CG2   . VAL A 1 25  ? 2.665   6.471   10.392  1.00 11.79 ? 25  VAL A CG2   1 
ATOM   194  N N     . GLU A 1 26  ? 6.079   7.507   13.326  1.00 12.53 ? 26  GLU A N     1 
ATOM   195  C CA    . GLU A 1 26  ? 6.775   8.159   14.521  1.00 13.31 ? 26  GLU A CA    1 
ATOM   196  C C     . GLU A 1 26  ? 7.942   8.831   13.963  1.00 12.57 ? 26  GLU A C     1 
ATOM   197  O O     . GLU A 1 26  ? 8.184   10.081  14.387  1.00 14.39 ? 26  GLU A O     1 
ATOM   198  C CB    . GLU A 1 26  ? 7.252   7.091   15.455  1.00 14.66 ? 26  GLU A CB    1 
ATOM   199  C CG    . GLU A 1 26  ? 8.353   7.564   16.470  1.00 22.45 ? 26  GLU A CG    1 
ATOM   200  C CD    . GLU A 1 26  ? 9.028   6.378   17.240  1.00 24.56 ? 26  GLU A CD    1 
ATOM   201  O OE1   . GLU A 1 26  ? 10.011  5.762   16.771  1.00 22.21 ? 26  GLU A OE1   1 
ATOM   202  O OE2   . GLU A 1 26  ? 8.587   6.098   18.390  1.00 37.84 ? 26  GLU A OE2   1 
ATOM   203  N N     . GLN A 1 27  ? 8.754   8.376   13.127  1.00 13.31 ? 27  GLN A N     1 
ATOM   204  C CA    . GLN A 1 27  ? 9.947   8.913   12.564  1.00 14.69 ? 27  GLN A CA    1 
ATOM   205  C C     . GLN A 1 27  ? 9.564   10.084  11.696  1.00 15.33 ? 27  GLN A C     1 
ATOM   206  O O     . GLN A 1 27  ? 10.177  11.235  11.832  1.00 16.26 ? 27  GLN A O     1 
ATOM   207  C CB    . GLN A 1 27  ? 10.874  7.920   11.908  1.00 15.52 ? 27  GLN A CB    1 
ATOM   208  C CG    . GLN A 1 27  ? 11.397  6.930   12.835  1.00 15.51 ? 27  GLN A CG    1 
ATOM   209  C CD    . GLN A 1 27  ? 12.195  7.512   13.959  1.00 18.55 ? 27  GLN A CD    1 
ATOM   210  O OE1   . GLN A 1 27  ? 13.167  8.182   13.587  1.00 22.18 ? 27  GLN A OE1   1 
ATOM   211  N NE2   . GLN A 1 27  ? 11.847  7.256   15.193  1.00 17.01 ? 27  GLN A NE2   1 
ATOM   212  N N     . TRP A 1 28  ? 8.582   10.037  10.872  1.00 15.31 ? 28  TRP A N     1 
ATOM   213  C CA    . TRP A 1 28  ? 8.153   11.149  10.074  1.00 14.24 ? 28  TRP A CA    1 
ATOM   214  C C     . TRP A 1 28  ? 7.618   12.256  10.982  1.00 14.82 ? 28  TRP A C     1 
ATOM   215  O O     . TRP A 1 28  ? 7.961   13.457  10.631  1.00 15.75 ? 28  TRP A O     1 
ATOM   216  C CB    . TRP A 1 28  ? 7.116   10.696  9.001   1.00 13.23 ? 28  TRP A CB    1 
ATOM   217  C CG    . TRP A 1 28  ? 6.929   11.599  7.873   1.00 11.43 ? 28  TRP A CG    1 
ATOM   218  C CD1   . TRP A 1 28  ? 6.207   12.747  7.878   1.00 16.58 ? 28  TRP A CD1   1 
ATOM   219  C CD2   . TRP A 1 28  ? 7.631   11.555  6.638   1.00 12.78 ? 28  TRP A CD2   1 
ATOM   220  N NE1   . TRP A 1 28  ? 6.405   13.367  6.660   1.00 12.43 ? 28  TRP A NE1   1 
ATOM   221  C CE2   . TRP A 1 28  ? 7.301   12.700  5.902   1.00 11.22 ? 28  TRP A CE2   1 
ATOM   222  C CE3   . TRP A 1 28  ? 8.512   10.653  6.101   1.00 16.16 ? 28  TRP A CE3   1 
ATOM   223  C CZ2   . TRP A 1 28  ? 7.770   12.892  4.649   1.00 14.52 ? 28  TRP A CZ2   1 
ATOM   224  C CZ3   . TRP A 1 28  ? 9.003   10.847  4.912   1.00 15.31 ? 28  TRP A CZ3   1 
ATOM   225  C CH2   . TRP A 1 28  ? 8.651   11.953  4.175   1.00 15.00 ? 28  TRP A CH2   1 
ATOM   226  N N     . ARG A 1 29  ? 6.895   12.029  12.009  1.00 16.09 ? 29  ARG A N     1 
ATOM   227  C CA    . ARG A 1 29  ? 6.372   13.148  12.824  1.00 17.09 ? 29  ARG A CA    1 
ATOM   228  C C     . ARG A 1 29  ? 7.485   13.838  13.499  1.00 19.00 ? 29  ARG A C     1 
ATOM   229  O O     . ARG A 1 29  ? 7.340   15.085  13.781  1.00 18.56 ? 29  ARG A O     1 
ATOM   230  C CB    . ARG A 1 29  ? 5.450   12.698  13.794  1.00 18.58 ? 29  ARG A CB    1 
ATOM   231  C CG    . ARG A 1 29  ? 4.224   12.152  13.298  1.00 26.60 ? 29  ARG A CG    1 
ATOM   232  C CD    . ARG A 1 29  ? 2.876   12.883  13.669  1.00 28.58 ? 29  ARG A CD    1 
ATOM   233  N NE    . ARG A 1 29  ? 2.981   14.357  13.607  1.00 27.28 ? 29  ARG A NE    1 
ATOM   234  C CZ    . ARG A 1 29  ? 2.567   15.130  14.534  1.00 30.87 ? 29  ARG A CZ    1 
ATOM   235  N NH1   . ARG A 1 29  ? 1.781   14.680  15.520  1.00 36.40 ? 29  ARG A NH1   1 
ATOM   236  N NH2   . ARG A 1 29  ? 2.732   16.388  14.413  1.00 26.84 ? 29  ARG A NH2   1 
ATOM   237  N N     . GLU A 1 30  ? 8.594   13.195  13.796  1.00 18.57 ? 30  GLU A N     1 
ATOM   238  C CA    . GLU A 1 30  ? 9.686   13.769  14.646  1.00 20.05 ? 30  GLU A CA    1 
ATOM   239  C C     . GLU A 1 30  ? 10.481  14.486  13.672  1.00 19.97 ? 30  GLU A C     1 
ATOM   240  O O     . GLU A 1 30  ? 11.018  15.579  14.068  1.00 22.35 ? 30  GLU A O     1 
ATOM   241  C CB    . GLU A 1 30  ? 10.548  12.600  15.317  1.00 19.26 ? 30  GLU A CB    1 
ATOM   242  C CG    . GLU A 1 30  ? 11.799  12.994  15.935  1.00 27.30 ? 30  GLU A CG    1 
ATOM   243  C CD    . GLU A 1 30  ? 12.465  11.831  16.578  1.00 23.56 ? 30  GLU A CD    1 
ATOM   244  O OE1   . GLU A 1 30  ? 11.780  10.832  16.983  1.00 31.32 ? 30  GLU A OE1   1 
ATOM   245  O OE2   . GLU A 1 30  ? 13.727  12.027  16.788  1.00 37.62 ? 30  GLU A OE2   1 
ATOM   246  N N     . LYS A 1 31  ? 10.555  14.295  12.396  1.00 19.92 ? 31  LYS A N     1 
ATOM   247  C CA    . LYS A 1 31  ? 11.481  14.812  11.517  1.00 22.59 ? 31  LYS A CA    1 
ATOM   248  C C     . LYS A 1 31  ? 10.759  15.871  10.608  1.00 26.54 ? 31  LYS A C     1 
ATOM   249  O O     . LYS A 1 31  ? 11.382  16.780  9.876   1.00 32.26 ? 31  LYS A O     1 
ATOM   250  C CB    . LYS A 1 31  ? 12.145  13.628  10.787  1.00 22.61 ? 31  LYS A CB    1 
ATOM   251  C CG    . LYS A 1 31  ? 13.136  12.837  11.764  1.00 23.96 ? 31  LYS A CG    1 
ATOM   252  C CD    . LYS A 1 31  ? 13.902  11.838  10.921  1.00 31.07 ? 31  LYS A CD    1 
ATOM   253  C CE    . LYS A 1 31  ? 15.240  12.430  10.073  1.00 38.62 ? 31  LYS A CE    1 
ATOM   254  N NZ    . LYS A 1 31  ? 15.035  13.869  9.440   1.00 42.21 ? 31  LYS A NZ    1 
ATOM   255  N N     . HIS A 1 32  ? 9.403   15.822  10.604  1.00 24.65 ? 32  HIS A N     1 
ATOM   256  C CA    . HIS A 1 32  ? 8.714   16.603  9.635   1.00 22.82 ? 32  HIS A CA    1 
ATOM   257  C C     . HIS A 1 32  ? 7.397   17.085  10.354  1.00 22.76 ? 32  HIS A C     1 
ATOM   258  O O     . HIS A 1 32  ? 6.346   16.580  9.835   1.00 22.64 ? 32  HIS A O     1 
ATOM   259  C CB    . HIS A 1 32  ? 8.556   15.846  8.290   1.00 23.31 ? 32  HIS A CB    1 
ATOM   260  C CG    . HIS A 1 32  ? 9.822   15.296  7.658   1.00 29.43 ? 32  HIS A CG    1 
ATOM   261  N ND1   . HIS A 1 32  ? 10.997  15.996  7.406   1.00 30.63 ? 32  HIS A ND1   1 
ATOM   262  C CD2   . HIS A 1 32  ? 10.110  13.996  7.380   1.00 18.68 ? 32  HIS A CD2   1 
ATOM   263  C CE1   . HIS A 1 32  ? 11.900  15.132  6.890   1.00 33.90 ? 32  HIS A CE1   1 
ATOM   264  N NE2   . HIS A 1 32  ? 11.366  13.902  6.795   1.00 22.73 ? 32  HIS A NE2   1 
ATOM   265  N N     . SER A 1 33  ? 7.288   17.744  11.560  1.00 19.09 ? 33  SER A N     1 
ATOM   266  C CA    . SER A 1 33  ? 6.173   17.823  12.494  1.00 21.09 ? 33  SER A CA    1 
ATOM   267  C C     . SER A 1 33  ? 4.847   18.415  12.118  1.00 18.69 ? 33  SER A C     1 
ATOM   268  O O     . SER A 1 33  ? 3.837   18.083  12.877  1.00 23.91 ? 33  SER A O     1 
ATOM   269  C CB    . SER A 1 33  ? 6.515   18.610  13.754  1.00 23.99 ? 33  SER A CB    1 
ATOM   270  O OG    . SER A 1 33  ? 6.943   19.885  13.364  1.00 27.45 ? 33  SER A OG    1 
ATOM   271  N N     . ALA A 1 34  ? 5.000   19.271  11.168  1.00 19.09 ? 34  ALA A N     1 
ATOM   272  C CA    . ALA A 1 34  ? 3.908   20.026  10.444  1.00 22.92 ? 34  ALA A CA    1 
ATOM   273  C C     . ALA A 1 34  ? 3.203   19.189  9.367   1.00 23.11 ? 34  ALA A C     1 
ATOM   274  O O     . ALA A 1 34  ? 2.104   19.526  9.020   1.00 19.79 ? 34  ALA A O     1 
ATOM   275  C CB    . ALA A 1 34  ? 4.479   21.174  9.652   1.00 25.91 ? 34  ALA A CB    1 
ATOM   276  N N     . ASP A 1 35  ? 3.823   18.125  8.820   1.00 16.20 ? 35  ASP A N     1 
ATOM   277  C CA    . ASP A 1 35  ? 3.205   17.323  7.775   1.00 14.07 ? 35  ASP A CA    1 
ATOM   278  C C     . ASP A 1 35  ? 2.005   16.629  8.444   1.00 12.92 ? 35  ASP A C     1 
ATOM   279  O O     . ASP A 1 35  ? 1.954   16.229  9.591   1.00 14.01 ? 35  ASP A O     1 
ATOM   280  C CB    . ASP A 1 35  ? 4.181   16.296  7.344   1.00 14.56 ? 35  ASP A CB    1 
ATOM   281  C CG    . ASP A 1 35  ? 5.039   16.694  6.321   1.00 17.11 ? 35  ASP A CG    1 
ATOM   282  O OD1   . ASP A 1 35  ? 5.026   17.980  6.008   1.00 17.72 ? 35  ASP A OD1   1 
ATOM   283  O OD2   . ASP A 1 35  ? 5.909   15.986  5.701   1.00 17.34 ? 35  ASP A OD2   1 
ATOM   284  N N     . GLU A 1 36  ? 0.914   16.464  7.658   1.00 14.24 ? 36  GLU A N     1 
ATOM   285  C CA    . GLU A 1 36  ? -0.329  15.792  8.131   1.00 14.71 ? 36  GLU A CA    1 
ATOM   286  C C     . GLU A 1 36  ? -0.210  14.284  7.663   1.00 13.29 ? 36  GLU A C     1 
ATOM   287  O O     . GLU A 1 36  ? 0.029   14.052  6.505   1.00 16.86 ? 36  GLU A O     1 
ATOM   288  C CB    . GLU A 1 36  ? -1.432  16.503  7.354   1.00 17.37 ? 36  GLU A CB    1 
ATOM   289  C CG    . GLU A 1 36  ? -1.495  18.063  7.617   1.00 20.43 ? 36  GLU A CG    1 
ATOM   290  C CD    . GLU A 1 36  ? -2.251  18.796  6.475   1.00 29.69 ? 36  GLU A CD    1 
ATOM   291  O OE1   . GLU A 1 36  ? -1.569  19.645  5.863   1.00 45.30 ? 36  GLU A OE1   1 
ATOM   292  O OE2   . GLU A 1 36  ? -3.419  18.405  6.247   1.00 39.38 ? 36  GLU A OE2   1 
ATOM   293  N N     . ILE A 1 37  ? -0.469  13.500  8.625   1.00 12.51 ? 37  ILE A N     1 
ATOM   294  C CA    . ILE A 1 37  ? -0.389  12.008  8.407   1.00 12.90 ? 37  ILE A CA    1 
ATOM   295  C C     . ILE A 1 37  ? -1.768  11.429  8.626   1.00 12.64 ? 37  ILE A C     1 
ATOM   296  O O     . ILE A 1 37  ? -2.490  11.630  9.610   1.00 16.26 ? 37  ILE A O     1 
ATOM   297  C CB    . ILE A 1 37  ? 0.651   11.391  9.321   1.00 13.94 ? 37  ILE A CB    1 
ATOM   298  C CG1   . ILE A 1 37  ? 2.043   12.013  9.169   1.00 14.65 ? 37  ILE A CG1   1 
ATOM   299  C CG2   . ILE A 1 37  ? 0.782   9.840   9.016   1.00 15.26 ? 37  ILE A CG2   1 
ATOM   300  C CD1   . ILE A 1 37  ? 3.139   11.538  10.137  1.00 17.01 ? 37  ILE A CD1   1 
ATOM   301  N N     . THR A 1 38  ? -2.276  10.665  7.598   1.00 12.95 ? 38  THR A N     1 
ATOM   302  C CA    . THR A 1 38  ? -3.543  9.952   7.636   1.00 13.33 ? 38  THR A CA    1 
ATOM   303  C C     . THR A 1 38  ? -3.295  8.426   7.611   1.00 11.24 ? 38  THR A C     1 
ATOM   304  O O     . THR A 1 38  ? -2.487  8.022   6.827   1.00 11.39 ? 38  THR A O     1 
ATOM   305  C CB    . THR A 1 38  ? -4.319  10.206  6.459   1.00 12.63 ? 38  THR A CB    1 
ATOM   306  O OG1   . THR A 1 38  ? -4.619  11.669  6.373   1.00 16.88 ? 38  THR A OG1   1 
ATOM   307  C CG2   . THR A 1 38  ? -5.681  9.506   6.383   1.00 13.94 ? 38  THR A CG2   1 
ATOM   308  N N     . VAL A 1 39  ? -3.718  7.684   8.570   1.00 12.79 ? 39  VAL A N     1 
ATOM   309  C CA    . VAL A 1 39  ? -3.634  6.162   8.574   1.00 11.61 ? 39  VAL A CA    1 
ATOM   310  C C     . VAL A 1 39  ? -4.954  5.647   8.314   1.00 15.01 ? 39  VAL A C     1 
ATOM   311  O O     . VAL A 1 39  ? -5.965  5.837   9.031   1.00 16.26 ? 39  VAL A O     1 
ATOM   312  C CB    . VAL A 1 39  ? -3.070  5.701   9.895   1.00 14.18 ? 39  VAL A CB    1 
ATOM   313  C CG1   . VAL A 1 39  ? -2.721  4.197   9.800   1.00 15.96 ? 39  VAL A CG1   1 
ATOM   314  C CG2   . VAL A 1 39  ? -1.699  6.421   10.192  1.00 15.88 ? 39  VAL A CG2   1 
ATOM   315  N N     . ARG A 1 40  ? -5.039  4.753   7.322   1.00 13.15 ? 40  ARG A N     1 
ATOM   316  C CA    . ARG A 1 40  ? -6.215  3.969   6.893   1.00 13.56 ? 40  ARG A CA    1 
ATOM   317  C C     . ARG A 1 40  ? -5.893  2.469   7.077   1.00 11.07 ? 40  ARG A C     1 
ATOM   318  O O     . ARG A 1 40  ? -4.928  1.968   6.475   1.00 12.24 ? 40  ARG A O     1 
ATOM   319  C CB    . ARG A 1 40  ? -6.601  4.239   5.504   1.00 13.06 ? 40  ARG A CB    1 
ATOM   320  C CG    . ARG A 1 40  ? -7.850  3.377   5.070   1.00 13.40 ? 40  ARG A CG    1 
ATOM   321  C CD    . ARG A 1 40  ? -8.407  3.687   3.744   1.00 13.10 ? 40  ARG A CD    1 
ATOM   322  N NE    . ARG A 1 40  ? -9.033  5.029   3.653   1.00 12.50 ? 40  ARG A NE    1 
ATOM   323  C CZ    . ARG A 1 40  ? -10.284 5.236   3.964   1.00 16.42 ? 40  ARG A CZ    1 
ATOM   324  N NH1   . ARG A 1 40  ? -11.075 4.335   4.360   1.00 17.70 ? 40  ARG A NH1   1 
ATOM   325  N NH2   . ARG A 1 40  ? -10.697 6.489   3.730   1.00 16.54 ? 40  ARG A NH2   1 
ATOM   326  N N     . ASP A 1 41  ? -6.537  1.792   7.980   1.00 11.87 ? 41  ASP A N     1 
ATOM   327  C CA    . ASP A 1 41  ? -6.327  0.388   8.322   1.00 10.76 ? 41  ASP A CA    1 
ATOM   328  C C     . ASP A 1 41  ? -7.443  -0.335  7.528   1.00 11.77 ? 41  ASP A C     1 
ATOM   329  O O     . ASP A 1 41  ? -8.561  -0.361  7.923   1.00 12.85 ? 41  ASP A O     1 
ATOM   330  C CB    . ASP A 1 41  ? -6.349  0.116   9.767   1.00 10.34 ? 41  ASP A CB    1 
ATOM   331  C CG    . ASP A 1 41  ? -6.007  -1.209  10.150  1.00 13.20 ? 41  ASP A CG    1 
ATOM   332  O OD1   . ASP A 1 41  ? -6.227  -2.200  9.319   1.00 12.32 ? 41  ASP A OD1   1 
ATOM   333  O OD2   . ASP A 1 41  ? -5.600  -1.492  11.289  1.00 13.62 ? 41  ASP A OD2   1 
ATOM   334  N N     . LEU A 1 42  ? -7.014  -1.006  6.467   1.00 12.08 ? 42  LEU A N     1 
ATOM   335  C CA    . LEU A 1 42  ? -7.910  -1.745  5.568   1.00 12.03 ? 42  LEU A CA    1 
ATOM   336  C C     . LEU A 1 42  ? -8.298  -3.075  6.189   1.00 12.57 ? 42  LEU A C     1 
ATOM   337  O O     . LEU A 1 42  ? -9.182  -3.708  5.492   1.00 11.33 ? 42  LEU A O     1 
ATOM   338  C CB    . LEU A 1 42  ? -7.178  -1.961  4.272   1.00 11.97 ? 42  LEU A CB    1 
ATOM   339  C CG    . LEU A 1 42  ? -6.721  -0.692  3.517   1.00 10.67 ? 42  LEU A CG    1 
ATOM   340  C CD1   . LEU A 1 42  ? -5.765  -1.087  2.367   1.00 11.50 ? 42  LEU A CD1   1 
ATOM   341  C CD2   . LEU A 1 42  ? -7.852  0.139   3.032   1.00 12.98 ? 42  LEU A CD2   1 
ATOM   342  N N     . ALA A 1 43  ? -7.748  -3.555  7.263   1.00 11.85 ? 43  ALA A N     1 
ATOM   343  C CA    . ALA A 1 43  ? -8.218  -4.771  8.018   1.00 11.79 ? 43  ALA A CA    1 
ATOM   344  C C     . ALA A 1 43  ? -9.270  -4.286  9.033   1.00 13.14 ? 43  ALA A C     1 
ATOM   345  O O     . ALA A 1 43  ? -10.380 -4.853  9.178   1.00 14.03 ? 43  ALA A O     1 
ATOM   346  C CB    . ALA A 1 43  ? -7.152  -5.482  8.638   1.00 11.72 ? 43  ALA A CB    1 
ATOM   347  N N     . ALA A 1 44  ? -8.986  -3.165  9.718   1.00 13.16 ? 44  ALA A N     1 
ATOM   348  C CA    . ALA A 1 44  ? -9.971  -2.723  10.782  1.00 13.13 ? 44  ALA A CA    1 
ATOM   349  C C     . ALA A 1 44  ? -11.146 -2.145  10.166  1.00 16.39 ? 44  ALA A C     1 
ATOM   350  O O     . ALA A 1 44  ? -12.277 -2.209  10.773  1.00 17.11 ? 44  ALA A O     1 
ATOM   351  C CB    . ALA A 1 44  ? -9.366  -1.597  11.741  1.00 15.15 ? 44  ALA A CB    1 
ATOM   352  N N     . ASN A 1 45  ? -11.112 -1.510  9.002   1.00 13.94 ? 45  ASN A N     1 
ATOM   353  C CA    . ASN A 1 45  ? -12.242 -0.917  8.327   1.00 15.32 ? 45  ASN A CA    1 
ATOM   354  C C     . ASN A 1 45  ? -12.244 -1.390  6.836   1.00 15.86 ? 45  ASN A C     1 
ATOM   355  O O     . ASN A 1 45  ? -11.689 -0.800  5.931   1.00 15.65 ? 45  ASN A O     1 
ATOM   356  C CB    . ASN A 1 45  ? -12.183 0.579   8.301   1.00 17.18 ? 45  ASN A CB    1 
ATOM   357  C CG    . ASN A 1 45  ? -12.177 1.199   9.739   1.00 22.33 ? 45  ASN A CG    1 
ATOM   358  O OD1   . ASN A 1 45  ? -11.103 1.502   10.353  1.00 23.12 ? 45  ASN A OD1   1 
ATOM   359  N ND2   . ASN A 1 45  ? -13.264 1.090   10.332  1.00 23.14 ? 45  ASN A ND2   1 
ATOM   360  N N     . PRO A 1 46  ? -12.711 -2.643  6.680   1.00 15.57 ? 46  PRO A N     1 
ATOM   361  C CA    . PRO A 1 46  ? -12.573 -3.354  5.396   1.00 15.10 ? 46  PRO A CA    1 
ATOM   362  C C     . PRO A 1 46  ? -13.275 -2.755  4.272   1.00 12.97 ? 46  PRO A C     1 
ATOM   363  O O     . PRO A 1 46  ? -14.313 -2.200  4.357   1.00 16.71 ? 46  PRO A O     1 
ATOM   364  C CB    . PRO A 1 46  ? -13.054 -4.770  5.698   1.00 16.67 ? 46  PRO A CB    1 
ATOM   365  C CG    . PRO A 1 46  ? -13.620 -4.794  6.943   1.00 19.30 ? 46  PRO A CG    1 
ATOM   366  C CD    . PRO A 1 46  ? -13.277 -3.511  7.723   1.00 15.35 ? 46  PRO A CD    1 
ATOM   367  N N     . ILE A 1 47  ? -12.661 -2.887  3.108   1.00 12.83 ? 47  ILE A N     1 
ATOM   368  C CA    . ILE A 1 47  ? -13.211 -2.543  1.811   1.00 11.68 ? 47  ILE A CA    1 
ATOM   369  C C     . ILE A 1 47  ? -13.913 -3.777  1.218   1.00 11.66 ? 47  ILE A C     1 
ATOM   370  O O     . ILE A 1 47  ? -13.396 -4.856  1.373   1.00 12.40 ? 47  ILE A O     1 
ATOM   371  C CB    . ILE A 1 47  ? -12.107 -2.075  0.832   1.00 11.38 ? 47  ILE A CB    1 
ATOM   372  C CG1   . ILE A 1 47  ? -11.236 -0.961  1.544   1.00 12.76 ? 47  ILE A CG1   1 
ATOM   373  C CG2   . ILE A 1 47  ? -12.628 -1.642  -0.518  1.00 12.97 ? 47  ILE A CG2   1 
ATOM   374  C CD1   . ILE A 1 47  ? -11.939 0.338   2.033   1.00 15.33 ? 47  ILE A CD1   1 
ATOM   375  N N     . PRO A 1 48  ? -15.092 -3.602  0.600   1.00 12.78 ? 48  PRO A N     1 
ATOM   376  C CA    . PRO A 1 48  ? -15.779 -4.788  0.052   1.00 11.89 ? 48  PRO A CA    1 
ATOM   377  C C     . PRO A 1 48  ? -14.971 -5.372  -1.050  1.00 12.55 ? 48  PRO A C     1 
ATOM   378  O O     . PRO A 1 48  ? -14.211 -4.748  -1.798  1.00 13.02 ? 48  PRO A O     1 
ATOM   379  C CB    . PRO A 1 48  ? -17.004 -4.175  -0.550  1.00 15.70 ? 48  PRO A CB    1 
ATOM   380  C CG    . PRO A 1 48  ? -16.813 -2.787  -0.745  1.00 17.32 ? 48  PRO A CG    1 
ATOM   381  C CD    . PRO A 1 48  ? -15.849 -2.338  0.364   1.00 15.39 ? 48  PRO A CD    1 
ATOM   382  N N     . VAL A 1 49  ? -15.282 -6.681  -1.287  1.00 13.25 ? 49  VAL A N     1 
ATOM   383  C CA    . VAL A 1 49  ? -14.810 -7.391  -2.474  1.00 13.09 ? 49  VAL A CA    1 
ATOM   384  C C     . VAL A 1 49  ? -15.441 -6.911  -3.721  1.00 10.42 ? 49  VAL A C     1 
ATOM   385  O O     . VAL A 1 49  ? -16.621 -6.624  -3.795  1.00 12.71 ? 49  VAL A O     1 
ATOM   386  C CB    . VAL A 1 49  ? -15.171 -8.895  -2.226  1.00 13.02 ? 49  VAL A CB    1 
ATOM   387  C CG1   . VAL A 1 49  ? -14.873 -9.720  -3.540  1.00 13.49 ? 49  VAL A CG1   1 
ATOM   388  C CG2   . VAL A 1 49  ? -14.421 -9.519  -1.174  1.00 13.21 ? 49  VAL A CG2   1 
ATOM   389  N N     . LEU A 1 50  ? -14.713 -6.708  -4.809  1.00 10.95 ? 50  LEU A N     1 
ATOM   390  C CA    . LEU A 1 50  ? -15.211 -6.339  -6.093  1.00 10.31 ? 50  LEU A CA    1 
ATOM   391  C C     . LEU A 1 50  ? -15.957 -7.600  -6.639  1.00 12.53 ? 50  LEU A C     1 
ATOM   392  O O     . LEU A 1 50  ? -15.282 -8.542  -7.060  1.00 14.24 ? 50  LEU A O     1 
ATOM   393  C CB    . LEU A 1 50  ? -14.085 -5.881  -6.995  1.00 11.62 ? 50  LEU A CB    1 
ATOM   394  C CG    . LEU A 1 50  ? -14.586 -5.335  -8.353  1.00 13.85 ? 50  LEU A CG    1 
ATOM   395  C CD1   . LEU A 1 50  ? -15.128 -3.887  -8.171  1.00 17.19 ? 50  LEU A CD1   1 
ATOM   396  C CD2   . LEU A 1 50  ? -13.561 -5.337  -9.417  1.00 15.13 ? 50  LEU A CD2   1 
ATOM   397  N N     . ASP A 1 51  ? -17.256 -7.471  -6.797  1.00 13.76 ? 51  ASP A N     1 
ATOM   398  C CA    . ASP A 1 51  ? -18.086 -8.532  -7.393  1.00 12.74 ? 51  ASP A CA    1 
ATOM   399  C C     . ASP A 1 51  ? -18.735 -7.970  -8.571  1.00 13.43 ? 51  ASP A C     1 
ATOM   400  O O     . ASP A 1 51  ? -18.615 -6.856  -9.016  1.00 14.31 ? 51  ASP A O     1 
ATOM   401  C CB    . ASP A 1 51  ? -18.990 -9.034  -6.346  1.00 12.36 ? 51  ASP A CB    1 
ATOM   402  C CG    . ASP A 1 51  ? -20.031 -8.067  -5.768  1.00 16.65 ? 51  ASP A CG    1 
ATOM   403  O OD1   . ASP A 1 51  ? -20.137 -6.983  -6.394  1.00 17.48 ? 51  ASP A OD1   1 
ATOM   404  O OD2   . ASP A 1 51  ? -20.795 -8.536  -4.896  1.00 21.40 ? 51  ASP A OD2   1 
ATOM   405  N N     . GLY A 1 52  ? -19.639 -8.803  -9.200  1.00 14.60 ? 52  GLY A N     1 
ATOM   406  C CA    . GLY A 1 52  ? -20.376 -8.351  -10.345 1.00 17.32 ? 52  GLY A CA    1 
ATOM   407  C C     . GLY A 1 52  ? -21.263 -7.092  -10.169 1.00 15.08 ? 52  GLY A C     1 
ATOM   408  O O     . GLY A 1 52  ? -21.275 -6.240  -11.027 1.00 18.15 ? 52  GLY A O     1 
ATOM   409  N N     . GLU A 1 53  ? -21.895 -7.081  -9.064  1.00 14.78 ? 53  GLU A N     1 
ATOM   410  C CA    . GLU A 1 53  ? -22.831 -5.899  -8.714  1.00 18.17 ? 53  GLU A CA    1 
ATOM   411  C C     . GLU A 1 53  ? -21.904 -4.635  -8.562  1.00 19.93 ? 53  GLU A C     1 
ATOM   412  O O     . GLU A 1 53  ? -22.192 -3.635  -9.212  1.00 19.40 ? 53  GLU A O     1 
ATOM   413  C CB    . GLU A 1 53  ? -23.545 -6.187  -7.492  1.00 17.13 ? 53  GLU A CB    1 
ATOM   414  C CG    . GLU A 1 53  ? -24.392 -4.996  -7.042  1.00 19.99 ? 53  GLU A CG    1 
ATOM   415  C CD    . GLU A 1 53  ? -25.317 -5.312  -5.950  1.00 23.18 ? 53  GLU A CD    1 
ATOM   416  O OE1   . GLU A 1 53  ? -25.116 -6.218  -5.086  1.00 28.50 ? 53  GLU A OE1   1 
ATOM   417  O OE2   . GLU A 1 53  ? -26.291 -4.432  -5.774  1.00 31.56 ? 53  GLU A OE2   1 
ATOM   418  N N     . LEU A 1 54  ? -20.827 -4.708  -7.801  1.00 17.65 ? 54  LEU A N     1 
ATOM   419  C CA    . LEU A 1 54  ? -19.933 -3.472  -7.711  1.00 17.75 ? 54  LEU A CA    1 
ATOM   420  C C     . LEU A 1 54  ? -19.239 -3.063  -8.973  1.00 19.67 ? 54  LEU A C     1 
ATOM   421  O O     . LEU A 1 54  ? -18.947 -1.860  -9.197  1.00 19.21 ? 54  LEU A O     1 
ATOM   422  C CB    . LEU A 1 54  ? -18.962 -3.720  -6.574  1.00 18.45 ? 54  LEU A CB    1 
ATOM   423  C CG    . LEU A 1 54  ? -19.598 -3.916  -5.241  1.00 19.86 ? 54  LEU A CG    1 
ATOM   424  C CD1   . LEU A 1 54  ? -18.591 -3.759  -3.971  1.00 21.64 ? 54  LEU A CD1   1 
ATOM   425  C CD2   . LEU A 1 54  ? -20.956 -3.174  -4.898  1.00 19.87 ? 54  LEU A CD2   1 
ATOM   426  N N     . VAL A 1 55  ? -18.805 -3.987  -9.840  1.00 16.99 ? 55  VAL A N     1 
ATOM   427  C CA    . VAL A 1 55  ? -18.134 -3.593  -11.005 1.00 19.93 ? 55  VAL A CA    1 
ATOM   428  C C     . VAL A 1 55  ? -19.199 -2.900  -11.900 1.00 21.44 ? 55  VAL A C     1 
ATOM   429  O O     . VAL A 1 55  ? -18.829 -2.006  -12.617 1.00 26.00 ? 55  VAL A O     1 
ATOM   430  C CB    . VAL A 1 55  ? -17.296 -4.765  -11.644 1.00 16.04 ? 55  VAL A CB    1 
ATOM   431  C CG1   . VAL A 1 55  ? -18.187 -5.740  -12.383 1.00 18.06 ? 55  VAL A CG1   1 
ATOM   432  C CG2   . VAL A 1 55  ? -16.193 -4.195  -12.505 1.00 18.12 ? 55  VAL A CG2   1 
ATOM   433  N N     . GLY A 1 56  ? -20.507 -3.279  -11.800 1.00 21.81 ? 56  GLY A N     1 
ATOM   434  C CA    . GLY A 1 56  ? -21.600 -2.372  -12.434 1.00 27.11 ? 56  GLY A CA    1 
ATOM   435  C C     . GLY A 1 56  ? -21.606 -0.960  -11.762 1.00 25.05 ? 56  GLY A C     1 
ATOM   436  O O     . GLY A 1 56  ? -21.618 0.113   -12.433 1.00 34.94 ? 56  GLY A O     1 
ATOM   437  N N     . ALA A 1 57  ? -21.488 -0.865  -10.457 1.00 29.37 ? 57  ALA A N     1 
ATOM   438  C CA    . ALA A 1 57  ? -21.553 0.551   -9.800  1.00 30.09 ? 57  ALA A CA    1 
ATOM   439  C C     . ALA A 1 57  ? -20.522 1.523   -10.224 1.00 34.02 ? 57  ALA A C     1 
ATOM   440  O O     . ALA A 1 57  ? -20.710 2.754   -10.036 1.00 36.94 ? 57  ALA A O     1 
ATOM   441  C CB    . ALA A 1 57  ? -21.413 0.453   -8.409  1.00 29.63 ? 57  ALA A CB    1 
ATOM   442  N N     . LEU A 1 58  ? -19.364 1.010   -10.685 1.00 37.46 ? 58  LEU A N     1 
ATOM   443  C CA    . LEU A 1 58  ? -18.210 1.769   -11.094 1.00 38.27 ? 58  LEU A CA    1 
ATOM   444  C C     . LEU A 1 58  ? -18.333 1.890   -12.615 1.00 42.32 ? 58  LEU A C     1 
ATOM   445  O O     . LEU A 1 58  ? -17.546 2.583   -13.230 1.00 45.77 ? 58  LEU A O     1 
ATOM   446  C CB    . LEU A 1 58  ? -16.929 0.982   -10.635 1.00 40.82 ? 58  LEU A CB    1 
ATOM   447  C CG    . LEU A 1 58  ? -16.878 0.508   -9.136  1.00 39.29 ? 58  LEU A CG    1 
ATOM   448  C CD1   . LEU A 1 58  ? -15.511 -0.060  -8.820  1.00 40.63 ? 58  LEU A CD1   1 
ATOM   449  C CD2   . LEU A 1 58  ? -17.149 1.582   -8.136  1.00 37.02 ? 58  LEU A CD2   1 
ATOM   450  N N     . LEU A 1 65  ? -28.759 2.874   -10.199 1.00 36.69 ? 65  LEU A N     1 
ATOM   451  C CA    . LEU A 1 65  ? -27.813 2.025   -9.411  1.00 33.81 ? 65  LEU A CA    1 
ATOM   452  C C     . LEU A 1 65  ? -28.554 1.606   -8.195  1.00 34.32 ? 65  LEU A C     1 
ATOM   453  O O     . LEU A 1 65  ? -29.433 2.308   -7.732  1.00 35.14 ? 65  LEU A O     1 
ATOM   454  C CB    . LEU A 1 65  ? -26.565 2.821   -8.937  1.00 33.95 ? 65  LEU A CB    1 
ATOM   455  C CG    . LEU A 1 65  ? -25.459 3.285   -9.877  1.00 36.56 ? 65  LEU A CG    1 
ATOM   456  C CD1   . LEU A 1 65  ? -24.198 3.809   -9.219  1.00 33.32 ? 65  LEU A CD1   1 
ATOM   457  C CD2   . LEU A 1 65  ? -25.161 2.126   -10.739 1.00 40.68 ? 65  LEU A CD2   1 
ATOM   458  N N     . THR A 1 66  ? -28.242 0.453   -7.663  1.00 33.09 ? 66  THR A N     1 
ATOM   459  C CA    . THR A 1 66  ? -28.739 -0.052  -6.409  1.00 32.49 ? 66  THR A CA    1 
ATOM   460  C C     . THR A 1 66  ? -28.172 0.656   -5.170  1.00 33.94 ? 66  THR A C     1 
ATOM   461  O O     . THR A 1 66  ? -27.147 1.261   -5.323  1.00 32.35 ? 66  THR A O     1 
ATOM   462  C CB    . THR A 1 66  ? -28.409 -1.621  -6.304  1.00 33.64 ? 66  THR A CB    1 
ATOM   463  O OG1   . THR A 1 66  ? -27.006 -1.853  -5.944  1.00 28.31 ? 66  THR A OG1   1 
ATOM   464  C CG2   . THR A 1 66  ? -28.824 -2.388  -7.633  1.00 26.58 ? 66  THR A CG2   1 
ATOM   465  N N     . PRO A 1 67  ? -28.842 0.641   -3.987  1.00 35.79 ? 67  PRO A N     1 
ATOM   466  C CA    . PRO A 1 67  ? -28.285 1.179   -2.698  1.00 34.18 ? 67  PRO A CA    1 
ATOM   467  C C     . PRO A 1 67  ? -26.783 0.805   -2.548  1.00 35.78 ? 67  PRO A C     1 
ATOM   468  O O     . PRO A 1 67  ? -25.879 1.659   -2.382  1.00 35.40 ? 67  PRO A O     1 
ATOM   469  C CB    . PRO A 1 67  ? -29.200 0.962   -1.669  0.00 36.65 ? 67  PRO A CB    1 
ATOM   470  C CG    . PRO A 1 67  ? -30.514 0.975   -2.397  1.00 38.00 ? 67  PRO A CG    1 
ATOM   471  C CD    . PRO A 1 67  ? -30.246 0.250   -3.725  1.00 36.08 ? 67  PRO A CD    1 
ATOM   472  N N     . ARG A 1 68  ? -26.507 -0.466  -2.754  1.00 32.26 ? 68  ARG A N     1 
ATOM   473  C CA    . ARG A 1 68  ? -25.173 -0.981  -2.491  1.00 31.48 ? 68  ARG A CA    1 
ATOM   474  C C     . ARG A 1 68  ? -24.176 -0.516  -3.630  1.00 28.45 ? 68  ARG A C     1 
ATOM   475  O O     . ARG A 1 68  ? -22.972 -0.129  -3.328  1.00 26.08 ? 68  ARG A O     1 
ATOM   476  C CB    . ARG A 1 68  ? -25.354 -2.480  -2.226  1.00 33.72 ? 68  ARG A CB    1 
ATOM   477  C CG    . ARG A 1 68  ? -24.157 -3.273  -2.449  1.00 32.69 ? 68  ARG A CG    1 
ATOM   478  C CD    . ARG A 1 68  ? -24.429 -4.720  -2.261  1.00 32.23 ? 68  ARG A CD    1 
ATOM   479  N NE    . ARG A 1 68  ? -23.111 -5.219  -1.940  1.00 28.97 ? 68  ARG A NE    1 
ATOM   480  C CZ    . ARG A 1 68  ? -22.347 -6.043  -2.685  1.00 33.22 ? 68  ARG A CZ    1 
ATOM   481  N NH1   . ARG A 1 68  ? -22.744 -6.569  -3.820  1.00 30.99 ? 68  ARG A NH1   1 
ATOM   482  N NH2   . ARG A 1 68  ? -21.113 -6.297  -2.251  1.00 28.40 ? 68  ARG A NH2   1 
ATOM   483  N N     . GLN A 1 69  ? -24.602 -0.452  -4.869  1.00 25.27 ? 69  GLN A N     1 
ATOM   484  C CA    . GLN A 1 69  ? -23.801 0.131   -5.908  1.00 24.07 ? 69  GLN A CA    1 
ATOM   485  C C     . GLN A 1 69  ? -23.458 1.617   -5.553  1.00 24.51 ? 69  GLN A C     1 
ATOM   486  O O     . GLN A 1 69  ? -22.383 2.141   -5.848  1.00 22.71 ? 69  GLN A O     1 
ATOM   487  C CB    . GLN A 1 69  ? -24.452 0.045   -7.252  1.00 21.58 ? 69  GLN A CB    1 
ATOM   488  C CG    . GLN A 1 69  ? -24.584 -1.463  -7.672  1.00 24.16 ? 69  GLN A CG    1 
ATOM   489  C CD    . GLN A 1 69  ? -25.263 -1.616  -8.981  1.00 28.31 ? 69  GLN A CD    1 
ATOM   490  O OE1   . GLN A 1 69  ? -26.307 -0.963  -9.175  1.00 27.51 ? 69  GLN A OE1   1 
ATOM   491  N NE2   . GLN A 1 69  ? -24.705 -2.358  -9.919  1.00 26.06 ? 69  GLN A NE2   1 
ATOM   492  N N     . GLN A 1 70  ? -24.496 2.358   -5.096  1.00 24.26 ? 70  GLN A N     1 
ATOM   493  C CA    . GLN A 1 70  ? -24.297 3.776   -4.769  1.00 25.96 ? 70  GLN A CA    1 
ATOM   494  C C     . GLN A 1 70  ? -23.273 3.896   -3.666  1.00 25.78 ? 70  GLN A C     1 
ATOM   495  O O     . GLN A 1 70  ? -22.346 4.804   -3.748  1.00 25.13 ? 70  GLN A O     1 
ATOM   496  C CB    . GLN A 1 70  ? -25.616 4.424   -4.336  1.00 27.82 ? 70  GLN A CB    1 
ATOM   497  C CG    . GLN A 1 70  ? -26.537 4.627   -5.557  1.00 34.67 ? 70  GLN A CG    1 
ATOM   498  C CD    . GLN A 1 70  ? -28.035 5.073   -5.258  1.00 34.93 ? 70  GLN A CD    1 
ATOM   499  O OE1   . GLN A 1 70  ? -28.386 5.309   -4.074  1.00 49.66 ? 70  GLN A OE1   1 
ATOM   500  N NE2   . GLN A 1 70  ? -28.907 5.168   -6.346  1.00 35.54 ? 70  GLN A NE2   1 
ATOM   501  N N     . GLU A 1 71  ? -23.410 3.136   -2.616  1.00 24.43 ? 71  GLU A N     1 
ATOM   502  C CA    . GLU A 1 71  ? -22.415 3.191   -1.533  1.00 25.82 ? 71  GLU A CA    1 
ATOM   503  C C     . GLU A 1 71  ? -20.980 2.845   -1.985  1.00 24.72 ? 71  GLU A C     1 
ATOM   504  O O     . GLU A 1 71  ? -20.042 3.503   -1.625  1.00 22.39 ? 71  GLU A O     1 
ATOM   505  C CB    . GLU A 1 71  ? -22.776 2.329   -0.368  1.00 29.48 ? 71  GLU A CB    1 
ATOM   506  C CG    . GLU A 1 71  ? -24.082 2.689   0.161   1.00 37.00 ? 71  GLU A CG    1 
ATOM   507  C CD    . GLU A 1 71  ? -24.451 1.829   1.332   1.00 40.39 ? 71  GLU A CD    1 
ATOM   508  O OE1   . GLU A 1 71  ? -25.675 1.838   1.689   1.00 52.58 ? 71  GLU A OE1   1 
ATOM   509  O OE2   . GLU A 1 71  ? -23.514 1.151   1.892   1.00 50.64 ? 71  GLU A OE2   1 
ATOM   510  N N     . ALA A 1 72  ? -20.773 1.807   -2.834  1.00 21.69 ? 72  ALA A N     1 
ATOM   511  C CA    . ALA A 1 72  ? -19.472 1.454   -3.360  1.00 19.70 ? 72  ALA A CA    1 
ATOM   512  C C     . ALA A 1 72  ? -18.931 2.505   -4.201  1.00 20.33 ? 72  ALA A C     1 
ATOM   513  O O     . ALA A 1 72  ? -17.724 2.770   -4.189  1.00 18.01 ? 72  ALA A O     1 
ATOM   514  C CB    . ALA A 1 72  ? -19.697 0.071   -4.139  1.00 19.47 ? 72  ALA A CB    1 
ATOM   515  N N     . LEU A 1 73  ? -19.719 3.159   -5.016  1.00 19.55 ? 73  LEU A N     1 
ATOM   516  C CA    . LEU A 1 73  ? -19.251 4.266   -5.836  1.00 18.37 ? 73  LEU A CA    1 
ATOM   517  C C     . LEU A 1 73  ? -18.742 5.450   -4.964  1.00 17.86 ? 73  LEU A C     1 
ATOM   518  O O     . LEU A 1 73  ? -17.658 6.037   -5.206  1.00 18.57 ? 73  LEU A O     1 
ATOM   519  C CB    . LEU A 1 73  ? -20.331 4.718   -6.812  1.00 18.69 ? 73  LEU A CB    1 
ATOM   520  C CG    . LEU A 1 73  ? -19.978 5.799   -7.731  1.00 21.98 ? 73  LEU A CG    1 
ATOM   521  C CD1   . LEU A 1 73  ? -18.778 5.637   -8.669  1.00 27.86 ? 73  LEU A CD1   1 
ATOM   522  C CD2   . LEU A 1 73  ? -21.296 6.255   -8.606  1.00 24.08 ? 73  LEU A CD2   1 
ATOM   523  N N     . ALA A 1 74  ? -19.530 5.757   -3.978  1.00 18.22 ? 74  ALA A N     1 
ATOM   524  C CA    . ALA A 1 74  ? -19.116 6.875   -3.095  1.00 16.89 ? 74  ALA A CA    1 
ATOM   525  C C     . ALA A 1 74  ? -17.877 6.498   -2.311  1.00 18.70 ? 74  ALA A C     1 
ATOM   526  O O     . ALA A 1 74  ? -17.004 7.326   -2.011  1.00 18.20 ? 74  ALA A O     1 
ATOM   527  C CB    . ALA A 1 74  ? -20.256 7.149   -2.114  1.00 19.82 ? 74  ALA A CB    1 
ATOM   528  N N     . LEU A 1 75  ? -17.703 5.234   -1.955  1.00 17.03 ? 75  LEU A N     1 
ATOM   529  C CA    . LEU A 1 75  ? -16.517 4.757   -1.144  1.00 16.92 ? 75  LEU A CA    1 
ATOM   530  C C     . LEU A 1 75  ? -15.350 4.790   -2.082  1.00 16.76 ? 75  LEU A C     1 
ATOM   531  O O     . LEU A 1 75  ? -14.245 5.295   -1.759  1.00 15.78 ? 75  LEU A O     1 
ATOM   532  C CB    . LEU A 1 75  ? -16.709 3.350   -0.612  1.00 17.34 ? 75  LEU A CB    1 
ATOM   533  C CG    . LEU A 1 75  ? -15.459 2.695   0.002   1.00 16.98 ? 75  LEU A CG    1 
ATOM   534  C CD1   . LEU A 1 75  ? -15.035 3.469   1.274   1.00 16.25 ? 75  LEU A CD1   1 
ATOM   535  C CD2   . LEU A 1 75  ? -15.691 1.265   0.376   1.00 16.23 ? 75  LEU A CD2   1 
ATOM   536  N N     . SER A 1 76  ? -15.499 4.375   -3.378  1.00 14.92 ? 76  SER A N     1 
ATOM   537  C CA    . SER A 1 76  ? -14.500 4.470   -4.364  1.00 13.66 ? 76  SER A CA    1 
ATOM   538  C C     . SER A 1 76  ? -13.964 5.925   -4.476  1.00 15.18 ? 76  SER A C     1 
ATOM   539  O O     . SER A 1 76  ? -12.784 6.271   -4.624  1.00 15.95 ? 76  SER A O     1 
ATOM   540  C CB    . SER A 1 76  ? -14.913 3.846   -5.750  1.00 13.79 ? 76  SER A CB    1 
ATOM   541  O OG    . SER A 1 76  ? -14.063 4.049   -6.719  1.00 14.96 ? 76  SER A OG    1 
ATOM   542  N N     . ASP A 1 77  ? -14.927 6.782   -4.802  1.00 17.98 ? 77  ASP A N     1 
ATOM   543  C CA    . ASP A 1 77  ? -14.631 8.261   -4.965  1.00 17.35 ? 77  ASP A CA    1 
ATOM   544  C C     . ASP A 1 77  ? -13.847 8.750   -3.709  1.00 15.39 ? 77  ASP A C     1 
ATOM   545  O O     . ASP A 1 77  ? -12.940 9.530   -3.910  1.00 17.07 ? 77  ASP A O     1 
ATOM   546  C CB    . ASP A 1 77  ? -15.981 9.074   -5.120  1.00 16.87 ? 77  ASP A CB    1 
ATOM   547  C CG    . ASP A 1 77  ? -16.669 8.799   -6.443  1.00 20.81 ? 77  ASP A CG    1 
ATOM   548  O OD1   . ASP A 1 77  ? -16.067 8.409   -7.399  1.00 22.11 ? 77  ASP A OD1   1 
ATOM   549  O OD2   . ASP A 1 77  ? -17.859 9.143   -6.538  1.00 24.43 ? 77  ASP A OD2   1 
ATOM   550  N N     . GLU A 1 78  ? -14.294 8.456   -2.529  1.00 16.03 ? 78  GLU A N     1 
ATOM   551  C CA    . GLU A 1 78  ? -13.592 8.782   -1.292  1.00 16.13 ? 78  GLU A CA    1 
ATOM   552  C C     . GLU A 1 78  ? -12.207 8.338   -1.313  1.00 15.69 ? 78  GLU A C     1 
ATOM   553  O O     . GLU A 1 78  ? -11.240 9.014   -0.971  1.00 15.49 ? 78  GLU A O     1 
ATOM   554  C CB    . GLU A 1 78  ? -14.363 8.321   -0.086  1.00 16.72 ? 78  GLU A CB    1 
ATOM   555  C CG    . GLU A 1 78  ? -13.712 8.591   1.340   1.00 20.21 ? 78  GLU A CG    1 
ATOM   556  C CD    . GLU A 1 78  ? -14.196 7.807   2.543   1.00 27.19 ? 78  GLU A CD    1 
ATOM   557  O OE1   . GLU A 1 78  ? -13.521 7.866   3.656   1.00 38.67 ? 78  GLU A OE1   1 
ATOM   558  O OE2   . GLU A 1 78  ? -15.319 7.209   2.476   1.00 35.23 ? 78  GLU A OE2   1 
ATOM   559  N N     . LEU A 1 79  ? -11.969 7.014   -1.526  1.00 14.00 ? 79  LEU A N     1 
ATOM   560  C CA    . LEU A 1 79  ? -10.612 6.483   -1.542  1.00 13.42 ? 79  LEU A CA    1 
ATOM   561  C C     . LEU A 1 79  ? -9.752  7.146   -2.539  1.00 13.17 ? 79  LEU A C     1 
ATOM   562  O O     . LEU A 1 79  ? -8.601  7.426   -2.235  1.00 12.04 ? 79  LEU A O     1 
ATOM   563  C CB    . LEU A 1 79  ? -10.694 4.925   -1.785  1.00 14.32 ? 79  LEU A CB    1 
ATOM   564  C CG    . LEU A 1 79  ? -11.405 4.185   -0.738  1.00 14.43 ? 79  LEU A CG    1 
ATOM   565  C CD1   . LEU A 1 79  ? -11.532 2.630   -1.198  1.00 14.26 ? 79  LEU A CD1   1 
ATOM   566  C CD2   . LEU A 1 79  ? -10.687 4.198   0.597   1.00 14.74 ? 79  LEU A CD2   1 
ATOM   567  N N     . ILE A 1 80  ? -10.258 7.414   -3.755  1.00 13.39 ? 80  ILE A N     1 
ATOM   568  C CA    . ILE A 1 80  ? -9.466  8.016   -4.782  1.00 12.58 ? 80  ILE A CA    1 
ATOM   569  C C     . ILE A 1 80  ? -9.100  9.524   -4.447  1.00 12.48 ? 80  ILE A C     1 
ATOM   570  O O     . ILE A 1 80  ? -7.999  9.945   -4.607  1.00 14.45 ? 80  ILE A O     1 
ATOM   571  C CB    . ILE A 1 80  ? -10.173 7.976   -6.171  1.00 15.11 ? 80  ILE A CB    1 
ATOM   572  C CG1   . ILE A 1 80  ? -10.202 6.486   -6.657  1.00 13.29 ? 80  ILE A CG1   1 
ATOM   573  C CG2   . ILE A 1 80  ? -9.565  8.860   -7.128  1.00 14.52 ? 80  ILE A CG2   1 
ATOM   574  C CD1   . ILE A 1 80  ? -11.174 6.230   -7.807  1.00 16.49 ? 80  ILE A CD1   1 
ATOM   575  N N     . ALA A 1 81  ? -10.100 10.170  -3.849  1.00 13.07 ? 81  ALA A N     1 
ATOM   576  C CA    . ALA A 1 81  ? -9.801  11.616  -3.480  1.00 11.85 ? 81  ALA A CA    1 
ATOM   577  C C     . ALA A 1 81  ? -8.791  11.629  -2.349  1.00 15.69 ? 81  ALA A C     1 
ATOM   578  O O     . ALA A 1 81  ? -7.872  12.460  -2.394  1.00 14.90 ? 81  ALA A O     1 
ATOM   579  C CB    . ALA A 1 81  ? -11.142 12.187  -3.049  1.00 15.01 ? 81  ALA A CB    1 
ATOM   580  N N     . GLU A 1 82  ? -8.848  10.669  -1.436  1.00 12.66 ? 82  GLU A N     1 
ATOM   581  C CA    . GLU A 1 82  ? -7.873  10.571  -0.419  1.00 13.45 ? 82  GLU A CA    1 
ATOM   582  C C     . GLU A 1 82  ? -6.471  10.336  -0.972  1.00 14.86 ? 82  GLU A C     1 
ATOM   583  O O     . GLU A 1 82  ? -5.480  10.965  -0.637  1.00 14.55 ? 82  GLU A O     1 
ATOM   584  C CB    . GLU A 1 82  ? -8.289  9.576   0.636   1.00 15.30 ? 82  GLU A CB    1 
ATOM   585  C CG    . GLU A 1 82  ? -7.230  9.238   1.699   1.00 14.02 ? 82  GLU A CG    1 
ATOM   586  C CD    . GLU A 1 82  ? -7.812  8.269   2.611   1.00 14.58 ? 82  GLU A CD    1 
ATOM   587  O OE1   . GLU A 1 82  ? -7.605  6.982   2.296   1.00 13.58 ? 82  GLU A OE1   1 
ATOM   588  O OE2   . GLU A 1 82  ? -8.588  8.443   3.549   1.00 16.57 ? 82  GLU A OE2   1 
ATOM   589  N N     . LEU A 1 83  ? -6.318  9.362   -1.918  1.00 11.45 ? 83  LEU A N     1 
ATOM   590  C CA    . LEU A 1 83  ? -5.085  9.058   -2.520  1.00 11.09 ? 83  LEU A CA    1 
ATOM   591  C C     . LEU A 1 83  ? -4.468  10.301  -3.209  1.00 10.92 ? 83  LEU A C     1 
ATOM   592  O O     . LEU A 1 83  ? -3.302  10.567  -3.087  1.00 12.81 ? 83  LEU A O     1 
ATOM   593  C CB    . LEU A 1 83  ? -5.246  7.770   -3.471  1.00 11.82 ? 83  LEU A CB    1 
ATOM   594  C CG    . LEU A 1 83  ? -4.101  7.378   -4.136  1.00 12.41 ? 83  LEU A CG    1 
ATOM   595  C CD1   . LEU A 1 83  ? -2.942  6.867   -3.235  1.00 13.89 ? 83  LEU A CD1   1 
ATOM   596  C CD2   . LEU A 1 83  ? -4.504  6.219   -5.251  1.00 14.04 ? 83  LEU A CD2   1 
ATOM   597  N N     . LYS A 1 84  ? -5.316  10.903  -4.024  1.00 13.12 ? 84  LYS A N     1 
ATOM   598  C CA    . LYS A 1 84  ? -4.877  12.059  -4.771  1.00 14.94 ? 84  LYS A CA    1 
ATOM   599  C C     . LYS A 1 84  ? -4.525  13.272  -3.770  1.00 13.60 ? 84  LYS A C     1 
ATOM   600  O O     . LYS A 1 84  ? -3.646  14.030  -4.248  1.00 16.56 ? 84  LYS A O     1 
ATOM   601  C CB    . LYS A 1 84  ? -5.849  12.510  -5.820  1.00 15.16 ? 84  LYS A CB    1 
ATOM   602  C CG    . LYS A 1 84  ? -6.042  11.525  -7.026  1.00 18.35 ? 84  LYS A CG    1 
ATOM   603  C CD    . LYS A 1 84  ? -7.056  12.087  -7.980  1.00 16.69 ? 84  LYS A CD    1 
ATOM   604  C CE    . LYS A 1 84  ? -7.165  11.202  -9.210  1.00 21.41 ? 84  LYS A CE    1 
ATOM   605  N NZ    . LYS A 1 84  ? -7.843  11.887  -10.404 1.00 22.09 ? 84  LYS A NZ    1 
ATOM   606  N N     . ALA A 1 85  ? -5.064  13.311  -2.609  1.00 13.91 ? 85  ALA A N     1 
ATOM   607  C CA    . ALA A 1 85  ? -4.869  14.432  -1.619  1.00 12.56 ? 85  ALA A CA    1 
ATOM   608  C C     . ALA A 1 85  ? -3.472  14.313  -1.022  1.00 16.64 ? 85  ALA A C     1 
ATOM   609  O O     . ALA A 1 85  ? -2.952  15.254  -0.356  1.00 20.22 ? 85  ALA A O     1 
ATOM   610  C CB    . ALA A 1 85  ? -5.962  14.512  -0.685  1.00 12.94 ? 85  ALA A CB    1 
ATOM   611  N N     . HIS A 1 86  ? -2.833  13.154  -0.963  1.00 12.38 ? 86  HIS A N     1 
ATOM   612  C CA    . HIS A 1 86  ? -1.610  12.932  -0.302  1.00 12.71 ? 86  HIS A CA    1 
ATOM   613  C C     . HIS A 1 86  ? -0.408  12.891  -1.134  1.00 15.07 ? 86  HIS A C     1 
ATOM   614  O O     . HIS A 1 86  ? -0.453  12.587  -2.330  1.00 14.76 ? 86  HIS A O     1 
ATOM   615  C CB    . HIS A 1 86  ? -1.747  11.629  0.585   1.00 12.56 ? 86  HIS A CB    1 
ATOM   616  C CG    . HIS A 1 86  ? -2.674  11.805  1.683   1.00 11.01 ? 86  HIS A CG    1 
ATOM   617  N ND1   . HIS A 1 86  ? -4.026  11.786  1.596   1.00 12.72 ? 86  HIS A ND1   1 
ATOM   618  C CD2   . HIS A 1 86  ? -2.420  12.028  3.022   1.00 11.73 ? 86  HIS A CD2   1 
ATOM   619  C CE1   . HIS A 1 86  ? -4.562  11.965  2.772   1.00 13.45 ? 86  HIS A CE1   1 
ATOM   620  N NE2   . HIS A 1 86  ? -3.589  12.170  3.663   1.00 11.91 ? 86  HIS A NE2   1 
ATOM   621  N N     . ASP A 1 87  ? 0.795   13.261  -0.682  1.00 11.56 ? 87  ASP A N     1 
ATOM   622  C CA    . ASP A 1 87  ? 2.027   13.228  -1.391  1.00 12.09 ? 87  ASP A CA    1 
ATOM   623  C C     . ASP A 1 87  ? 2.922   12.067  -1.387  1.00 11.98 ? 87  ASP A C     1 
ATOM   624  O O     . ASP A 1 87  ? 3.713   11.776  -2.293  1.00 14.89 ? 87  ASP A O     1 
ATOM   625  C CB    . ASP A 1 87  ? 2.855   14.528  -0.868  1.00 13.94 ? 87  ASP A CB    1 
ATOM   626  C CG    . ASP A 1 87  ? 2.046   15.869  -0.949  1.00 17.16 ? 87  ASP A CG    1 
ATOM   627  O OD1   . ASP A 1 87  ? 1.702   16.210  -2.069  1.00 16.64 ? 87  ASP A OD1   1 
ATOM   628  O OD2   . ASP A 1 87  ? 1.785   16.460  0.094   1.00 17.21 ? 87  ASP A OD2   1 
ATOM   629  N N     . VAL A 1 88  ? 2.943   11.555  -0.135  1.00 12.02 ? 88  VAL A N     1 
ATOM   630  C CA    . VAL A 1 88  ? 3.733   10.357  0.199   1.00 13.31 ? 88  VAL A CA    1 
ATOM   631  C C     . VAL A 1 88  ? 2.818   9.273   0.673   1.00 13.31 ? 88  VAL A C     1 
ATOM   632  O O     . VAL A 1 88  ? 1.957   9.492   1.447   1.00 11.45 ? 88  VAL A O     1 
ATOM   633  C CB    . VAL A 1 88  ? 4.696   10.593  1.397   1.00 13.22 ? 88  VAL A CB    1 
ATOM   634  C CG1   . VAL A 1 88  ? 5.525   9.339   1.775   1.00 13.11 ? 88  VAL A CG1   1 
ATOM   635  C CG2   . VAL A 1 88  ? 5.655   11.800  0.970   1.00 14.88 ? 88  VAL A CG2   1 
ATOM   636  N N     . ILE A 1 89  ? 2.851   8.125   -0.061  1.00 12.13 ? 89  ILE A N     1 
ATOM   637  C CA    . ILE A 1 89  ? 1.924   6.963   0.059   1.00 11.52 ? 89  ILE A CA    1 
ATOM   638  C C     . ILE A 1 89  ? 2.746   5.775   0.552   1.00 9.45  ? 89  ILE A C     1 
ATOM   639  O O     . ILE A 1 89  ? 3.661   5.319   -0.095  1.00 11.07 ? 89  ILE A O     1 
ATOM   640  C CB    . ILE A 1 89  ? 1.224   6.639   -1.224  1.00 13.00 ? 89  ILE A CB    1 
ATOM   641  C CG1   . ILE A 1 89  ? 0.777   7.918   -2.030  1.00 12.19 ? 89  ILE A CG1   1 
ATOM   642  C CG2   . ILE A 1 89  ? 0.060   5.598   -0.870  1.00 12.77 ? 89  ILE A CG2   1 
ATOM   643  C CD1   . ILE A 1 89  ? -0.225  8.686   -1.280  1.00 13.06 ? 89  ILE A CD1   1 
ATOM   644  N N     . VAL A 1 90  ? 2.466   5.424   1.804   1.00 9.78  ? 90  VAL A N     1 
ATOM   645  C CA    . VAL A 1 90  ? 3.095   4.311   2.475   1.00 10.63 ? 90  VAL A CA    1 
ATOM   646  C C     . VAL A 1 90  ? 2.118   3.098   2.464   1.00 9.86  ? 90  VAL A C     1 
ATOM   647  O O     . VAL A 1 90  ? 1.029   3.235   2.943   1.00 9.95  ? 90  VAL A O     1 
ATOM   648  C CB    . VAL A 1 90  ? 3.532   4.622   3.906   1.00 9.06  ? 90  VAL A CB    1 
ATOM   649  C CG1   . VAL A 1 90  ? 4.275   3.449   4.556   1.00 11.72 ? 90  VAL A CG1   1 
ATOM   650  C CG2   . VAL A 1 90  ? 4.423   5.922   3.943   1.00 13.99 ? 90  VAL A CG2   1 
ATOM   651  N N     . ILE A 1 91  ? 2.531   1.997   1.831   1.00 9.25  ? 91  ILE A N     1 
ATOM   652  C CA    . ILE A 1 91  ? 1.686   0.819   1.656   1.00 8.49  ? 91  ILE A CA    1 
ATOM   653  C C     . ILE A 1 91  ? 2.312   -0.359  2.411   1.00 6.77  ? 91  ILE A C     1 
ATOM   654  O O     . ILE A 1 91  ? 3.384   -0.762  1.992   1.00 8.77  ? 91  ILE A O     1 
ATOM   655  C CB    . ILE A 1 91  ? 1.476   0.577   0.186   1.00 9.41  ? 91  ILE A CB    1 
ATOM   656  C CG1   . ILE A 1 91  ? 0.890   1.758   -0.556  1.00 11.34 ? 91  ILE A CG1   1 
ATOM   657  C CG2   . ILE A 1 91  ? 0.573   -0.736  0.027   1.00 11.30 ? 91  ILE A CG2   1 
ATOM   658  C CD1   . ILE A 1 91  ? 0.832   1.611   -2.073  1.00 14.68 ? 91  ILE A CD1   1 
ATOM   659  N N     . ALA A 1 92  ? 1.604   -0.763  3.487   1.00 9.73  ? 92  ALA A N     1 
ATOM   660  C CA    . ALA A 1 92  ? 2.011   -2.033  4.178   1.00 8.32  ? 92  ALA A CA    1 
ATOM   661  C C     . ALA A 1 92  ? 1.472   -3.251  3.375   1.00 9.27  ? 92  ALA A C     1 
ATOM   662  O O     . ALA A 1 92  ? 0.294   -3.265  3.127   1.00 12.39 ? 92  ALA A O     1 
ATOM   663  C CB    . ALA A 1 92  ? 1.489   -1.993  5.572   1.00 12.19 ? 92  ALA A CB    1 
ATOM   664  N N     . ALA A 1 93  ? 2.394   -4.000  2.855   1.00 9.39  ? 93  ALA A N     1 
ATOM   665  C CA    . ALA A 1 93  ? 2.079   -5.148  1.930   1.00 9.53  ? 93  ALA A CA    1 
ATOM   666  C C     . ALA A 1 93  ? 2.667   -6.509  2.441   1.00 8.91  ? 93  ALA A C     1 
ATOM   667  O O     . ALA A 1 93  ? 3.565   -7.047  1.867   1.00 10.36 ? 93  ALA A O     1 
ATOM   668  C CB    . ALA A 1 93  ? 2.506   -4.860  0.491   1.00 11.99 ? 93  ALA A CB    1 
ATOM   669  N N     . PRO A 1 94  ? 2.082   -6.982  3.534   1.00 9.03  ? 94  PRO A N     1 
ATOM   670  C CA    . PRO A 1 94  ? 2.464   -8.380  3.950   1.00 8.97  ? 94  PRO A CA    1 
ATOM   671  C C     . PRO A 1 94  ? 2.107   -9.356  2.802   1.00 9.31  ? 94  PRO A C     1 
ATOM   672  O O     . PRO A 1 94  ? 1.088   -9.202  2.127   1.00 9.59  ? 94  PRO A O     1 
ATOM   673  C CB    . PRO A 1 94  ? 1.578   -8.653  5.089   1.00 10.25 ? 94  PRO A CB    1 
ATOM   674  C CG    . PRO A 1 94  ? 0.425   -7.670  5.082   1.00 11.90 ? 94  PRO A CG    1 
ATOM   675  C CD    . PRO A 1 94  ? 1.090   -6.458  4.425   1.00 10.55 ? 94  PRO A CD    1 
ATOM   676  N N     . MET A 1 95  ? 2.950   -10.364 2.754   1.00 8.89  ? 95  MET A N     1 
ATOM   677  C CA    . MET A 1 95  ? 2.761   -11.498 1.726   1.00 8.56  ? 95  MET A CA    1 
ATOM   678  C C     . MET A 1 95  ? 2.000   -12.619 2.412   1.00 10.06 ? 95  MET A C     1 
ATOM   679  O O     . MET A 1 95  ? 2.440   -13.247 3.385   1.00 10.43 ? 95  MET A O     1 
ATOM   680  C CB    . MET A 1 95  ? 4.075   -12.000 1.238   1.00 7.72  ? 95  MET A CB    1 
ATOM   681  C CG    . MET A 1 95  ? 4.000   -13.183 0.239   1.00 10.20 ? 95  MET A CG    1 
ATOM   682  S SD    . MET A 1 95  ? 5.482   -13.849 -0.335  1.00 10.97 ? 95  MET A SD    1 
ATOM   683  C CE    . MET A 1 95  ? 6.224   -12.446 -1.373  1.00 12.27 ? 95  MET A CE    1 
ATOM   684  N N     . TYR A 1 96  ? 0.812   -12.918 1.826   1.00 10.40 ? 96  TYR A N     1 
ATOM   685  C CA    . TYR A 1 96  ? -0.031  -14.134 2.235   1.00 8.99  ? 96  TYR A CA    1 
ATOM   686  C C     . TYR A 1 96  ? -0.248  -15.013 0.961   1.00 8.90  ? 96  TYR A C     1 
ATOM   687  O O     . TYR A 1 96  ? -0.832  -14.581 -0.002  1.00 9.07  ? 96  TYR A O     1 
ATOM   688  C CB    . TYR A 1 96  ? -1.357  -13.667 2.769   1.00 8.76  ? 96  TYR A CB    1 
ATOM   689  C CG    . TYR A 1 96  ? -1.306  -12.772 4.032   1.00 8.26  ? 96  TYR A CG    1 
ATOM   690  C CD1   . TYR A 1 96  ? -0.279  -12.840 4.926   1.00 11.40 ? 96  TYR A CD1   1 
ATOM   691  C CD2   . TYR A 1 96  ? -2.314  -11.907 4.237   1.00 9.67  ? 96  TYR A CD2   1 
ATOM   692  C CE1   . TYR A 1 96  ? -0.254  -12.016 6.114   1.00 8.95  ? 96  TYR A CE1   1 
ATOM   693  C CE2   . TYR A 1 96  ? -2.247  -11.014 5.397   1.00 10.20 ? 96  TYR A CE2   1 
ATOM   694  C CZ    . TYR A 1 96  ? -1.297  -11.215 6.269   1.00 9.12  ? 96  TYR A CZ    1 
ATOM   695  O OH    . TYR A 1 96  ? -1.276  -10.261 7.346   1.00 10.30 ? 96  TYR A OH    1 
ATOM   696  N N     . ASN A 1 97  ? 0.307   -16.180 1.089   1.00 10.86 ? 97  ASN A N     1 
ATOM   697  C CA    . ASN A 1 97  ? 0.109   -17.170 0.027   1.00 10.83 ? 97  ASN A CA    1 
ATOM   698  C C     . ASN A 1 97  ? 0.649   -16.602 -1.263  1.00 9.23  ? 97  ASN A C     1 
ATOM   699  O O     . ASN A 1 97  ? 0.005   -16.810 -2.380  1.00 9.84  ? 97  ASN A O     1 
ATOM   700  C CB    . ASN A 1 97  ? -1.255  -17.773 0.015   1.00 12.15 ? 97  ASN A CB    1 
ATOM   701  C CG    . ASN A 1 97  ? -1.624  -18.438 1.295   1.00 9.96  ? 97  ASN A CG    1 
ATOM   702  O OD1   . ASN A 1 97  ? -0.773  -19.207 1.780   1.00 12.30 ? 97  ASN A OD1   1 
ATOM   703  N ND2   . ASN A 1 97  ? -2.798  -18.251 1.802   1.00 11.23 ? 97  ASN A ND2   1 
ATOM   704  N N     . PHE A 1 98  ? 1.852   -15.966 -1.328  1.00 9.43  ? 98  PHE A N     1 
ATOM   705  C CA    . PHE A 1 98  ? 2.459   -15.467 -2.454  1.00 9.84  ? 98  PHE A CA    1 
ATOM   706  C C     . PHE A 1 98  ? 1.806   -14.250 -3.132  1.00 9.30  ? 98  PHE A C     1 
ATOM   707  O O     . PHE A 1 98  ? 2.220   -13.878 -4.211  1.00 10.55 ? 98  PHE A O     1 
ATOM   708  C CB    . PHE A 1 98  ? 2.817   -16.611 -3.523  1.00 10.96 ? 98  PHE A CB    1 
ATOM   709  C CG    . PHE A 1 98  ? 3.616   -17.679 -2.888  1.00 11.53 ? 98  PHE A CG    1 
ATOM   710  C CD1   . PHE A 1 98  ? 4.910   -17.545 -2.706  1.00 14.65 ? 98  PHE A CD1   1 
ATOM   711  C CD2   . PHE A 1 98  ? 2.985   -18.852 -2.566  1.00 14.54 ? 98  PHE A CD2   1 
ATOM   712  C CE1   . PHE A 1 98  ? 5.653   -18.518 -2.108  1.00 18.64 ? 98  PHE A CE1   1 
ATOM   713  C CE2   . PHE A 1 98  ? 3.723   -19.875 -1.859  1.00 18.55 ? 98  PHE A CE2   1 
ATOM   714  C CZ    . PHE A 1 98  ? 5.007   -19.709 -1.720  1.00 19.46 ? 98  PHE A CZ    1 
ATOM   715  N N     . ASN A 1 99  ? 0.781   -13.752 -2.545  1.00 9.10  ? 99  ASN A N     1 
ATOM   716  C CA    . ASN A 1 99  ? 0.055   -12.573 -3.005  1.00 10.00 ? 99  ASN A CA    1 
ATOM   717  C C     . ASN A 1 99  ? 0.123   -11.480 -1.894  1.00 9.43  ? 99  ASN A C     1 
ATOM   718  O O     . ASN A 1 99  ? 0.580   -11.725 -0.826  1.00 9.64  ? 99  ASN A O     1 
ATOM   719  C CB    . ASN A 1 99  ? -1.444  -13.012 -3.358  1.00 10.43 ? 99  ASN A CB    1 
ATOM   720  C CG    . ASN A 1 99  ? -2.020  -12.267 -4.469  1.00 9.34  ? 99  ASN A CG    1 
ATOM   721  O OD1   . ASN A 1 99  ? -1.858  -11.027 -4.611  1.00 10.24 ? 99  ASN A OD1   1 
ATOM   722  N ND2   . ASN A 1 99  ? -2.833  -12.829 -5.347  1.00 9.79  ? 99  ASN A ND2   1 
ATOM   723  N N     . ILE A 1 100 ? -0.448  -10.359 -2.242  1.00 9.67  ? 100 ILE A N     1 
ATOM   724  C CA    . ILE A 1 100 ? -0.764  -9.372  -1.178  1.00 8.19  ? 100 ILE A CA    1 
ATOM   725  C C     . ILE A 1 100 ? -2.023  -9.792  -0.409  1.00 9.28  ? 100 ILE A C     1 
ATOM   726  O O     . ILE A 1 100 ? -2.658  -10.845 -0.776  1.00 9.62  ? 100 ILE A O     1 
ATOM   727  C CB    . ILE A 1 100 ? -0.998  -7.945  -1.797  1.00 9.30  ? 100 ILE A CB    1 
ATOM   728  C CG1   . ILE A 1 100 ? -2.202  -7.981  -2.879  1.00 8.83  ? 100 ILE A CG1   1 
ATOM   729  C CG2   . ILE A 1 100 ? 0.322   -7.423  -2.404  1.00 9.93  ? 100 ILE A CG2   1 
ATOM   730  C CD1   . ILE A 1 100 ? -2.742  -6.560  -3.126  1.00 11.13 ? 100 ILE A CD1   1 
ATOM   731  N N     . SER A 1 101 ? -2.356  -9.177  0.671   1.00 10.02 ? 101 SER A N     1 
ATOM   732  C CA    . SER A 1 101 ? -3.499  -9.408  1.418   1.00 9.13  ? 101 SER A CA    1 
ATOM   733  C C     . SER A 1 101 ? -4.727  -9.057  0.650   1.00 10.14 ? 101 SER A C     1 
ATOM   734  O O     . SER A 1 101 ? -4.761  -8.131  -0.162  1.00 9.98  ? 101 SER A O     1 
ATOM   735  C CB    . SER A 1 101 ? -3.508  -8.860  2.814   1.00 11.27 ? 101 SER A CB    1 
ATOM   736  O OG    . SER A 1 101 ? -3.748  -7.479  2.688   1.00 10.06 ? 101 SER A OG    1 
ATOM   737  N N     . THR A 1 102 ? -5.857  -9.784  0.838   1.00 10.30 ? 102 THR A N     1 
ATOM   738  C CA    . THR A 1 102 ? -7.020  -9.453  0.254   1.00 8.38  ? 102 THR A CA    1 
ATOM   739  C C     . THR A 1 102 ? -7.533  -8.029  0.632   1.00 9.48  ? 102 THR A C     1 
ATOM   740  O O     . THR A 1 102 ? -8.221  -7.304  -0.090  1.00 9.70  ? 102 THR A O     1 
ATOM   741  C CB    . THR A 1 102 ? -8.178  -10.533 0.479   1.00 10.38 ? 102 THR A CB    1 
ATOM   742  O OG1   . THR A 1 102 ? -7.560  -11.722 -0.044  1.00 11.58 ? 102 THR A OG1   1 
ATOM   743  C CG2   . THR A 1 102 ? -9.468  -10.179 -0.178  1.00 10.27 ? 102 THR A CG2   1 
ATOM   744  N N     . GLN A 1 103 ? -7.207  -7.659  1.906   1.00 10.29 ? 103 GLN A N     1 
ATOM   745  C CA    . GLN A 1 103 ? -7.567  -6.307  2.398   1.00 11.52 ? 103 GLN A CA    1 
ATOM   746  C C     . GLN A 1 103 ? -6.999  -5.186  1.558   1.00 8.27  ? 103 GLN A C     1 
ATOM   747  O O     . GLN A 1 103 ? -7.707  -4.220  1.252   1.00 9.67  ? 103 GLN A O     1 
ATOM   748  C CB    . GLN A 1 103 ? -7.177  -6.196  3.884   1.00 11.05 ? 103 GLN A CB    1 
ATOM   749  C CG    . GLN A 1 103 ? -7.864  -7.131  4.859   1.00 11.67 ? 103 GLN A CG    1 
ATOM   750  C CD    . GLN A 1 103 ? -7.715  -8.620  4.671   1.00 9.61  ? 103 GLN A CD    1 
ATOM   751  O OE1   . GLN A 1 103 ? -6.626  -8.989  4.310   1.00 11.16 ? 103 GLN A OE1   1 
ATOM   752  N NE2   . GLN A 1 103 ? -8.678  -9.376  5.160   1.00 11.40 ? 103 GLN A NE2   1 
ATOM   753  N N     . LEU A 1 104 ? -5.746  -5.324  1.179   1.00 9.32  ? 104 LEU A N     1 
ATOM   754  C CA    . LEU A 1 104 ? -5.089  -4.344  0.248   1.00 8.91  ? 104 LEU A CA    1 
ATOM   755  C C     . LEU A 1 104 ? -5.665  -4.434  -1.167  1.00 8.64  ? 104 LEU A C     1 
ATOM   756  O O     . LEU A 1 104 ? -5.953  -3.492  -1.857  1.00 9.07  ? 104 LEU A O     1 
ATOM   757  C CB    . LEU A 1 104 ? -3.581  -4.568  0.204   1.00 8.90  ? 104 LEU A CB    1 
ATOM   758  C CG    . LEU A 1 104 ? -2.782  -3.612  -0.673  1.00 8.97  ? 104 LEU A CG    1 
ATOM   759  C CD1   . LEU A 1 104 ? -3.035  -2.116  -0.310  1.00 10.35 ? 104 LEU A CD1   1 
ATOM   760  C CD2   . LEU A 1 104 ? -1.353  -3.932  -0.589  1.00 8.37  ? 104 LEU A CD2   1 
ATOM   761  N N     . LYS A 1 105 ? -5.894  -5.703  -1.675  1.00 9.99  ? 105 LYS A N     1 
ATOM   762  C CA    . LYS A 1 105 ? -6.377  -5.926  -3.021  1.00 9.20  ? 105 LYS A CA    1 
ATOM   763  C C     . LYS A 1 105 ? -7.792  -5.259  -3.217  1.00 7.94  ? 105 LYS A C     1 
ATOM   764  O O     . LYS A 1 105 ? -7.994  -4.689  -4.262  1.00 9.29  ? 105 LYS A O     1 
ATOM   765  C CB    . LYS A 1 105 ? -6.462  -7.466  -3.226  1.00 8.94  ? 105 LYS A CB    1 
ATOM   766  C CG    . LYS A 1 105 ? -6.819  -7.807  -4.623  1.00 9.25  ? 105 LYS A CG    1 
ATOM   767  C CD    . LYS A 1 105 ? -6.945  -9.361  -4.744  1.00 10.05 ? 105 LYS A CD    1 
ATOM   768  C CE    . LYS A 1 105 ? -7.081  -9.899  -6.110  1.00 10.83 ? 105 LYS A CE    1 
ATOM   769  N NZ    . LYS A 1 105 ? -8.206  -9.371  -6.922  1.00 10.97 ? 105 LYS A NZ    1 
ATOM   770  N N     . ASN A 1 106 ? -8.655  -5.366  -2.227  1.00 9.53  ? 106 ASN A N     1 
ATOM   771  C CA    . ASN A 1 106 ? -9.891  -4.794  -2.403  1.00 9.68  ? 106 ASN A CA    1 
ATOM   772  C C     . ASN A 1 106 ? -9.856  -3.233  -2.562  1.00 10.76 ? 106 ASN A C     1 
ATOM   773  O O     . ASN A 1 106 ? -10.634 -2.630  -3.291  1.00 10.64 ? 106 ASN A O     1 
ATOM   774  C CB    . ASN A 1 106 ? -10.826 -5.094  -1.224  1.00 10.58 ? 106 ASN A CB    1 
ATOM   775  C CG    . ASN A 1 106 ? -11.249 -6.546  -1.146  1.00 11.48 ? 106 ASN A CG    1 
ATOM   776  O OD1   . ASN A 1 106 ? -11.126 -7.261  -2.150  1.00 12.45 ? 106 ASN A OD1   1 
ATOM   777  N ND2   . ASN A 1 106 ? -11.809 -6.907  -0.037  1.00 10.02 ? 106 ASN A ND2   1 
ATOM   778  N N     . TYR A 1 107 ? -8.929  -2.611  -1.838  1.00 9.92  ? 107 TYR A N     1 
ATOM   779  C CA    . TYR A 1 107 ? -8.640  -1.150  -1.995  1.00 10.23 ? 107 TYR A CA    1 
ATOM   780  C C     . TYR A 1 107 ? -8.226  -0.942  -3.404  1.00 9.83  ? 107 TYR A C     1 
ATOM   781  O O     . TYR A 1 107 ? -8.687  0.023   -4.108  1.00 11.35 ? 107 TYR A O     1 
ATOM   782  C CB    . TYR A 1 107 ? -7.588  -0.819  -0.977  1.00 10.21 ? 107 TYR A CB    1 
ATOM   783  C CG    . TYR A 1 107 ? -7.018  0.608   -1.096  1.00 9.56  ? 107 TYR A CG    1 
ATOM   784  C CD1   . TYR A 1 107 ? -7.648  1.689   -0.552  1.00 11.48 ? 107 TYR A CD1   1 
ATOM   785  C CD2   . TYR A 1 107 ? -5.883  0.814   -1.781  1.00 10.59 ? 107 TYR A CD2   1 
ATOM   786  C CE1   . TYR A 1 107 ? -7.078  3.022   -0.745  1.00 9.37  ? 107 TYR A CE1   1 
ATOM   787  C CE2   . TYR A 1 107 ? -5.337  2.111   -2.000  1.00 10.79 ? 107 TYR A CE2   1 
ATOM   788  C CZ    . TYR A 1 107 ? -5.963  3.088   -1.422  1.00 9.05  ? 107 TYR A CZ    1 
ATOM   789  O OH    . TYR A 1 107 ? -5.454  4.440   -1.525  1.00 10.35 ? 107 TYR A OH    1 
ATOM   790  N N     . PHE A 1 108 ? -7.183  -1.616  -3.925  1.00 9.10  ? 108 PHE A N     1 
ATOM   791  C CA    . PHE A 1 108 ? -6.791  -1.415  -5.278  1.00 8.95  ? 108 PHE A CA    1 
ATOM   792  C C     . PHE A 1 108 ? -7.924  -1.480  -6.272  1.00 10.63 ? 108 PHE A C     1 
ATOM   793  O O     . PHE A 1 108 ? -7.967  -0.790  -7.289  1.00 10.50 ? 108 PHE A O     1 
ATOM   794  C CB    . PHE A 1 108 ? -5.667  -2.378  -5.640  1.00 10.44 ? 108 PHE A CB    1 
ATOM   795  C CG    . PHE A 1 108 ? -4.330  -2.205  -4.959  1.00 10.26 ? 108 PHE A CG    1 
ATOM   796  C CD1   . PHE A 1 108 ? -3.956  -0.969  -4.413  1.00 10.39 ? 108 PHE A CD1   1 
ATOM   797  C CD2   . PHE A 1 108 ? -3.379  -3.170  -4.962  1.00 12.62 ? 108 PHE A CD2   1 
ATOM   798  C CE1   . PHE A 1 108 ? -2.624  -0.861  -3.950  1.00 11.83 ? 108 PHE A CE1   1 
ATOM   799  C CE2   . PHE A 1 108 ? -2.110  -3.037  -4.524  1.00 11.71 ? 108 PHE A CE2   1 
ATOM   800  C CZ    . PHE A 1 108 ? -1.743  -1.859  -3.987  1.00 11.69 ? 108 PHE A CZ    1 
ATOM   801  N N     . ASP A 1 109 ? -8.781  -2.535  -6.102  1.00 10.46 ? 109 ASP A N     1 
ATOM   802  C CA    . ASP A 1 109 ? -9.904  -2.746  -7.018  1.00 10.66 ? 109 ASP A CA    1 
ATOM   803  C C     . ASP A 1 109 ? -10.926 -1.672  -7.031  1.00 12.38 ? 109 ASP A C     1 
ATOM   804  O O     . ASP A 1 109 ? -11.592 -1.457  -7.978  1.00 14.33 ? 109 ASP A O     1 
ATOM   805  C CB    . ASP A 1 109 ? -10.598 -4.142  -6.735  1.00 10.58 ? 109 ASP A CB    1 
ATOM   806  C CG    . ASP A 1 109 ? -9.766  -5.335  -7.275  1.00 10.55 ? 109 ASP A CG    1 
ATOM   807  O OD1   . ASP A 1 109 ? -8.926  -5.145  -8.099  1.00 9.08  ? 109 ASP A OD1   1 
ATOM   808  O OD2   . ASP A 1 109 ? -10.064 -6.412  -6.666  1.00 11.99 ? 109 ASP A OD2   1 
ATOM   809  N N     . LEU A 1 110 ? -11.017 -0.920  -5.939  1.00 11.54 ? 110 LEU A N     1 
ATOM   810  C CA    . LEU A 1 110 ? -11.866 0.348   -5.994  1.00 12.42 ? 110 LEU A CA    1 
ATOM   811  C C     . LEU A 1 110 ? -11.117 1.577   -6.379  1.00 12.64 ? 110 LEU A C     1 
ATOM   812  O O     . LEU A 1 110 ? -11.781 2.550   -6.814  1.00 15.56 ? 110 LEU A O     1 
ATOM   813  C CB    . LEU A 1 110 ? -12.564 0.595   -4.670  1.00 14.29 ? 110 LEU A CB    1 
ATOM   814  C CG    . LEU A 1 110 ? -13.579 -0.365  -4.170  1.00 16.17 ? 110 LEU A CG    1 
ATOM   815  C CD1   . LEU A 1 110 ? -14.334 0.218   -2.960  1.00 13.50 ? 110 LEU A CD1   1 
ATOM   816  C CD2   . LEU A 1 110 ? -14.481 -0.940  -5.234  1.00 18.59 ? 110 LEU A CD2   1 
ATOM   817  N N     . VAL A 1 111 ? -9.842  1.626   -6.395  1.00 11.46 ? 111 VAL A N     1 
ATOM   818  C CA    . VAL A 1 111 ? -9.051  2.809   -6.805  1.00 15.02 ? 111 VAL A CA    1 
ATOM   819  C C     . VAL A 1 111 ? -8.739  2.821   -8.259  1.00 16.23 ? 111 VAL A C     1 
ATOM   820  O O     . VAL A 1 111 ? -8.496  3.856   -8.828  1.00 15.79 ? 111 VAL A O     1 
ATOM   821  C CB    . VAL A 1 111 ? -7.796  2.951   -5.932  1.00 16.00 ? 111 VAL A CB    1 
ATOM   822  C CG1   . VAL A 1 111 ? -6.744  3.677   -6.577  1.00 20.69 ? 111 VAL A CG1   1 
ATOM   823  C CG2   . VAL A 1 111 ? -8.176  3.427   -4.532  1.00 14.05 ? 111 VAL A CG2   1 
ATOM   824  N N     . ALA A 1 112 ? -8.695  1.683   -8.934  1.00 12.26 ? 112 ALA A N     1 
ATOM   825  C CA    . ALA A 1 112 ? -8.335  1.621   -10.332 1.00 13.60 ? 112 ALA A CA    1 
ATOM   826  C C     . ALA A 1 112 ? -9.569  1.900   -11.140 1.00 15.49 ? 112 ALA A C     1 
ATOM   827  O O     . ALA A 1 112 ? -10.510 1.060   -11.114 1.00 19.31 ? 112 ALA A O     1 
ATOM   828  C CB    . ALA A 1 112 ? -7.696  0.227   -10.732 1.00 12.70 ? 112 ALA A CB    1 
ATOM   829  N N     . ARG A 1 113 ? -9.732  3.084   -11.747 1.00 16.12 ? 113 ARG A N     1 
ATOM   830  C CA    . ARG A 1 113 ? -10.970 3.529   -12.454 1.00 19.01 ? 113 ARG A CA    1 
ATOM   831  C C     . ARG A 1 113 ? -10.586 4.267   -13.674 1.00 18.66 ? 113 ARG A C     1 
ATOM   832  O O     . ARG A 1 113 ? -9.941  5.337   -13.662 1.00 17.61 ? 113 ARG A O     1 
ATOM   833  C CB    . ARG A 1 113 ? -11.800 4.407   -11.581 1.00 22.18 ? 113 ARG A CB    1 
ATOM   834  C CG    . ARG A 1 113 ? -12.206 3.930   -10.309 1.00 30.84 ? 113 ARG A CG    1 
ATOM   835  C CD    . ARG A 1 113 ? -13.698 3.921   -9.849  1.00 26.32 ? 113 ARG A CD    1 
ATOM   836  N NE    . ARG A 1 113 ? -14.576 4.807   -10.571 1.00 24.91 ? 113 ARG A NE    1 
ATOM   837  C CZ    . ARG A 1 113 ? -15.227 5.808   -9.921  1.00 25.18 ? 113 ARG A CZ    1 
ATOM   838  N NH1   . ARG A 1 113 ? -15.126 5.952   -8.616  1.00 21.71 ? 113 ARG A NH1   1 
ATOM   839  N NH2   . ARG A 1 113 ? -16.006 6.594   -10.544 1.00 28.18 ? 113 ARG A NH2   1 
ATOM   840  N N     . ALA A 1 114 ? -11.066 3.815   -14.858 1.00 18.72 ? 114 ALA A N     1 
ATOM   841  C CA    . ALA A 1 114 ? -10.828 4.437   -16.105 1.00 18.48 ? 114 ALA A CA    1 
ATOM   842  C C     . ALA A 1 114 ? -11.401 5.904   -16.109 1.00 19.29 ? 114 ALA A C     1 
ATOM   843  O O     . ALA A 1 114 ? -12.486 6.118   -15.622 1.00 20.66 ? 114 ALA A O     1 
ATOM   844  C CB    . ALA A 1 114 ? -11.560 3.651   -17.232 1.00 20.35 ? 114 ALA A CB    1 
ATOM   845  N N     . GLY A 1 115 ? -10.618 6.858   -16.619 1.00 18.73 ? 115 GLY A N     1 
ATOM   846  C CA    . GLY A 1 115 ? -10.990 8.224   -16.601 1.00 20.06 ? 115 GLY A CA    1 
ATOM   847  C C     . GLY A 1 115 ? -10.786 8.909   -15.307 1.00 20.65 ? 115 GLY A C     1 
ATOM   848  O O     . GLY A 1 115 ? -10.951 10.142  -15.236 1.00 22.13 ? 115 GLY A O     1 
ATOM   849  N N     . VAL A 1 116 ? -10.307 8.234   -14.241 1.00 16.88 ? 116 VAL A N     1 
ATOM   850  C CA    . VAL A 1 116 ? -10.204 8.803   -12.877 1.00 18.06 ? 116 VAL A CA    1 
ATOM   851  C C     . VAL A 1 116 ? -8.800  8.654   -12.438 1.00 16.86 ? 116 VAL A C     1 
ATOM   852  O O     . VAL A 1 116 ? -8.094  9.614   -11.993 1.00 17.75 ? 116 VAL A O     1 
ATOM   853  C CB    . VAL A 1 116 ? -11.238 8.255   -11.951 1.00 18.09 ? 116 VAL A CB    1 
ATOM   854  C CG1   . VAL A 1 116 ? -11.208 9.037   -10.618 1.00 22.11 ? 116 VAL A CG1   1 
ATOM   855  C CG2   . VAL A 1 116 ? -12.768 8.498   -12.590 1.00 24.40 ? 116 VAL A CG2   1 
ATOM   856  N N     . THR A 1 117 ? -8.338  7.419   -12.342 1.00 15.44 ? 117 THR A N     1 
ATOM   857  C CA    . THR A 1 117 ? -6.898  7.174   -11.928 1.00 15.12 ? 117 THR A CA    1 
ATOM   858  C C     . THR A 1 117 ? -5.967  6.656   -13.002 1.00 12.93 ? 117 THR A C     1 
ATOM   859  O O     . THR A 1 117 ? -4.766  6.647   -12.865 1.00 14.19 ? 117 THR A O     1 
ATOM   860  C CB    . THR A 1 117 ? -6.893  6.274   -10.672 1.00 14.54 ? 117 THR A CB    1 
ATOM   861  O OG1   . THR A 1 117 ? -7.533  5.005   -11.018 1.00 13.43 ? 117 THR A OG1   1 
ATOM   862  C CG2   . THR A 1 117 ? -7.536  6.848   -9.539  1.00 15.08 ? 117 THR A CG2   1 
ATOM   863  N N     . PHE A 1 118 ? -6.596  6.434   -14.218 1.00 13.14 ? 118 PHE A N     1 
ATOM   864  C CA    . PHE A 1 118 ? -5.835  6.225   -15.392 1.00 14.54 ? 118 PHE A CA    1 
ATOM   865  C C     . PHE A 1 118 ? -6.780  6.515   -16.622 1.00 13.27 ? 118 PHE A C     1 
ATOM   866  O O     . PHE A 1 118 ? -7.958  6.606   -16.431 1.00 16.17 ? 118 PHE A O     1 
ATOM   867  C CB    . PHE A 1 118 ? -5.350  4.697   -15.468 1.00 13.50 ? 118 PHE A CB    1 
ATOM   868  C CG    . PHE A 1 118 ? -6.399  3.660   -15.686 1.00 13.07 ? 118 PHE A CG    1 
ATOM   869  C CD1   . PHE A 1 118 ? -6.767  3.341   -16.946 1.00 16.68 ? 118 PHE A CD1   1 
ATOM   870  C CD2   . PHE A 1 118 ? -7.116  3.171   -14.655 1.00 15.52 ? 118 PHE A CD2   1 
ATOM   871  C CE1   . PHE A 1 118 ? -7.724  2.364   -17.205 1.00 17.09 ? 118 PHE A CE1   1 
ATOM   872  C CE2   . PHE A 1 118 ? -8.078  2.219   -14.847 1.00 14.66 ? 118 PHE A CE2   1 
ATOM   873  C CZ    . PHE A 1 118 ? -8.420  1.862   -16.185 1.00 16.37 ? 118 PHE A CZ    1 
ATOM   874  N N     . ARG A 1 119 ? -6.079  6.730   -17.683 1.00 15.63 ? 119 ARG A N     1 
ATOM   875  C CA    . ARG A 1 119 ? -6.862  6.984   -18.939 1.00 17.97 ? 119 ARG A CA    1 
ATOM   876  C C     . ARG A 1 119 ? -6.209  6.287   -20.053 1.00 20.12 ? 119 ARG A C     1 
ATOM   877  O O     . ARG A 1 119 ? -5.066  5.970   -20.067 1.00 18.93 ? 119 ARG A O     1 
ATOM   878  C CB    . ARG A 1 119 ? -6.953  8.470   -19.293 1.00 18.04 ? 119 ARG A CB    1 
ATOM   879  C CG    . ARG A 1 119 ? -5.622  9.091   -19.466 1.00 18.80 ? 119 ARG A CG    1 
ATOM   880  C CD    . ARG A 1 119 ? -5.732  10.622  -19.804 1.00 20.73 ? 119 ARG A CD    1 
ATOM   881  N NE    . ARG A 1 119 ? -4.316  11.073  -20.003 1.00 25.18 ? 119 ARG A NE    1 
ATOM   882  C CZ    . ARG A 1 119 ? -4.090  12.362  -20.047 1.00 26.57 ? 119 ARG A CZ    1 
ATOM   883  N NH1   . ARG A 1 119 ? -5.133  13.171  -19.937 1.00 31.77 ? 119 ARG A NH1   1 
ATOM   884  N NH2   . ARG A 1 119 ? -2.875  12.774  -20.070 1.00 31.57 ? 119 ARG A NH2   1 
ATOM   885  N N     . TYR A 1 120 ? -7.038  5.993   -21.090 1.00 21.92 ? 120 TYR A N     1 
ATOM   886  C CA    . TYR A 1 120 ? -6.471  5.331   -22.286 1.00 21.14 ? 120 TYR A CA    1 
ATOM   887  C C     . TYR A 1 120 ? -5.952  6.346   -23.252 1.00 20.49 ? 120 TYR A C     1 
ATOM   888  O O     . TYR A 1 120 ? -6.618  7.322   -23.496 1.00 24.08 ? 120 TYR A O     1 
ATOM   889  C CB    . TYR A 1 120 ? -7.591  4.465   -22.897 1.00 22.61 ? 120 TYR A CB    1 
ATOM   890  C CG    . TYR A 1 120 ? -7.900  3.324   -22.081 1.00 23.34 ? 120 TYR A CG    1 
ATOM   891  C CD1   . TYR A 1 120 ? -7.019  2.322   -21.975 1.00 27.06 ? 120 TYR A CD1   1 
ATOM   892  C CD2   . TYR A 1 120 ? -9.102  3.209   -21.465 1.00 22.85 ? 120 TYR A CD2   1 
ATOM   893  C CE1   . TYR A 1 120 ? -7.327  1.152   -21.182 1.00 27.75 ? 120 TYR A CE1   1 
ATOM   894  C CE2   . TYR A 1 120 ? -9.431  2.046   -20.708 1.00 25.10 ? 120 TYR A CE2   1 
ATOM   895  C CZ    . TYR A 1 120 ? -8.511  1.058   -20.576 1.00 28.92 ? 120 TYR A CZ    1 
ATOM   896  O OH    . TYR A 1 120 ? -8.886  -0.045  -19.782 1.00 30.26 ? 120 TYR A OH    1 
ATOM   897  N N     . THR A 1 121 ? -4.805  6.073   -23.792 1.00 21.25 ? 121 THR A N     1 
ATOM   898  C CA    . THR A 1 121 ? -4.153  6.838   -24.829 1.00 23.33 ? 121 THR A CA    1 
ATOM   899  C C     . THR A 1 121 ? -3.842  5.893   -25.983 1.00 25.40 ? 121 THR A C     1 
ATOM   900  O O     . THR A 1 121 ? -3.851  4.684   -25.844 1.00 25.44 ? 121 THR A O     1 
ATOM   901  C CB    . THR A 1 121 ? -2.829  7.684   -24.296 1.00 25.11 ? 121 THR A CB    1 
ATOM   902  O OG1   . THR A 1 121 ? -1.638  6.930   -24.548 1.00 30.74 ? 121 THR A OG1   1 
ATOM   903  C CG2   . THR A 1 121 ? -2.973  8.153   -22.869 1.00 25.80 ? 121 THR A CG2   1 
ATOM   904  N N     . GLU A 1 122 ? -3.431  6.570   -27.050 1.00 29.57 ? 122 GLU A N     1 
ATOM   905  C CA    . GLU A 1 122 ? -3.030  5.954   -28.297 1.00 35.05 ? 122 GLU A CA    1 
ATOM   906  C C     . GLU A 1 122 ? -1.793  5.055   -27.971 1.00 37.65 ? 122 GLU A C     1 
ATOM   907  O O     . GLU A 1 122 ? -1.638  3.887   -28.437 1.00 39.05 ? 122 GLU A O     1 
ATOM   908  C CB    . GLU A 1 122 ? -2.768  7.057   -29.316 1.00 33.92 ? 122 GLU A CB    1 
ATOM   909  C CG    . GLU A 1 122 ? -1.745  6.606   -30.304 1.00 39.55 ? 122 GLU A CG    1 
ATOM   910  C CD    . GLU A 1 122 ? -1.445  7.593   -31.397 1.00 38.25 ? 122 GLU A CD    1 
ATOM   911  O OE1   . GLU A 1 122 ? -1.784  8.834   -31.289 1.00 40.54 ? 122 GLU A OE1   1 
ATOM   912  O OE2   . GLU A 1 122 ? -0.882  7.046   -32.396 1.00 44.04 ? 122 GLU A OE2   1 
ATOM   913  N N     . ASN A 1 123 ? -0.934  5.599   -27.109 1.00 38.93 ? 123 ASN A N     1 
ATOM   914  C CA    . ASN A 1 123 ? 0.282   4.891   -26.809 1.00 38.61 ? 123 ASN A CA    1 
ATOM   915  C C     . ASN A 1 123 ? 0.170   4.003   -25.608 1.00 37.69 ? 123 ASN A C     1 
ATOM   916  O O     . ASN A 1 123 ? 1.190   3.487   -25.265 1.00 41.32 ? 123 ASN A O     1 
ATOM   917  C CB    . ASN A 1 123 ? 1.485   5.856   -26.928 1.00 40.23 ? 123 ASN A CB    1 
ATOM   918  C CG    . ASN A 1 123 ? 1.669   6.378   -28.441 1.00 45.17 ? 123 ASN A CG    1 
ATOM   919  O OD1   . ASN A 1 123 ? 1.875   5.548   -29.402 1.00 53.00 ? 123 ASN A OD1   1 
ATOM   920  N ND2   . ASN A 1 123 ? 1.575   7.740   -28.647 1.00 48.52 ? 123 ASN A ND2   1 
ATOM   921  N N     . GLY A 1 124 ? -1.038  3.761   -25.024 1.00 34.28 ? 124 GLY A N     1 
ATOM   922  C CA    . GLY A 1 124 ? -1.407  2.718   -23.993 1.00 31.47 ? 124 GLY A CA    1 
ATOM   923  C C     . GLY A 1 124 ? -2.075  3.428   -22.768 1.00 29.03 ? 124 GLY A C     1 
ATOM   924  O O     . GLY A 1 124 ? -2.187  4.675   -22.881 1.00 26.01 ? 124 GLY A O     1 
ATOM   925  N N     . PRO A 1 125 ? -2.561  2.698   -21.708 1.00 27.48 ? 125 PRO A N     1 
ATOM   926  C CA    . PRO A 1 125 ? -3.004  3.400   -20.497 1.00 26.89 ? 125 PRO A CA    1 
ATOM   927  C C     . PRO A 1 125 ? -1.887  4.296   -19.863 1.00 27.36 ? 125 PRO A C     1 
ATOM   928  O O     . PRO A 1 125 ? -0.638  3.988   -19.917 1.00 26.22 ? 125 PRO A O     1 
ATOM   929  C CB    . PRO A 1 125 ? -3.392  2.312   -19.524 1.00 27.01 ? 125 PRO A CB    1 
ATOM   930  C CG    . PRO A 1 125 ? -3.057  1.032   -20.039 1.00 32.39 ? 125 PRO A CG    1 
ATOM   931  C CD    . PRO A 1 125 ? -2.557  1.240   -21.482 1.00 31.60 ? 125 PRO A CD    1 
ATOM   932  N N     . GLU A 1 126 ? -2.352  5.392   -19.301 1.00 20.76 ? 126 GLU A N     1 
ATOM   933  C CA    . GLU A 1 126 ? -1.486  6.364   -18.530 1.00 19.64 ? 126 GLU A CA    1 
ATOM   934  C C     . GLU A 1 126 ? -2.191  6.685   -17.227 1.00 15.88 ? 126 GLU A C     1 
ATOM   935  O O     . GLU A 1 126 ? -3.337  7.002   -17.170 1.00 15.91 ? 126 GLU A O     1 
ATOM   936  C CB    . GLU A 1 126 ? -1.302  7.559   -19.434 1.00 21.23 ? 126 GLU A CB    1 
ATOM   937  C CG    . GLU A 1 126 ? -0.679  8.740   -18.973 1.00 26.77 ? 126 GLU A CG    1 
ATOM   938  C CD    . GLU A 1 126 ? -0.683  9.723   -20.155 1.00 26.79 ? 126 GLU A CD    1 
ATOM   939  O OE1   . GLU A 1 126 ? 0.407   9.763   -20.716 1.00 43.13 ? 126 GLU A OE1   1 
ATOM   940  O OE2   . GLU A 1 126 ? -1.769  10.413  -20.432 1.00 36.99 ? 126 GLU A OE2   1 
ATOM   941  N N     . GLY A 1 127 ? -1.306  6.691   -16.144 1.00 16.50 ? 127 GLY A N     1 
ATOM   942  C CA    . GLY A 1 127 ? -1.798  6.992   -14.847 1.00 14.24 ? 127 GLY A CA    1 
ATOM   943  C C     . GLY A 1 127 ? -2.137  8.449   -14.678 1.00 13.42 ? 127 GLY A C     1 
ATOM   944  O O     . GLY A 1 127 ? -1.410  9.291   -15.297 1.00 15.91 ? 127 GLY A O     1 
ATOM   945  N N     . LEU A 1 128 ? -3.087  8.703   -13.867 1.00 14.05 ? 128 LEU A N     1 
ATOM   946  C CA    . LEU A 1 128 ? -3.557  10.036  -13.500 1.00 15.92 ? 128 LEU A CA    1 
ATOM   947  C C     . LEU A 1 128 ? -3.290  10.478  -12.090 1.00 17.78 ? 128 LEU A C     1 
ATOM   948  O O     . LEU A 1 128 ? -3.507  11.659  -11.746 1.00 18.28 ? 128 LEU A O     1 
ATOM   949  C CB    . LEU A 1 128 ? -4.980  10.253  -13.859 1.00 14.46 ? 128 LEU A CB    1 
ATOM   950  C CG    . LEU A 1 128 ? -5.403  10.152  -15.363 1.00 16.99 ? 128 LEU A CG    1 
ATOM   951  C CD1   . LEU A 1 128 ? -6.853  10.141  -15.473 1.00 19.12 ? 128 LEU A CD1   1 
ATOM   952  C CD2   . LEU A 1 128 ? -4.806  11.369  -16.039 1.00 22.51 ? 128 LEU A CD2   1 
ATOM   953  N N     . VAL A 1 129 ? -2.699  9.640   -11.274 1.00 15.62 ? 129 VAL A N     1 
ATOM   954  C CA    . VAL A 1 129 ? -2.315  9.999   -9.875  1.00 15.28 ? 129 VAL A CA    1 
ATOM   955  C C     . VAL A 1 129 ? -0.851  10.299  -10.001 1.00 15.26 ? 129 VAL A C     1 
ATOM   956  O O     . VAL A 1 129 ? 0.097   9.497   -10.033 1.00 16.17 ? 129 VAL A O     1 
ATOM   957  C CB    . VAL A 1 129 ? -2.517  8.748   -8.993  1.00 12.07 ? 129 VAL A CB    1 
ATOM   958  C CG1   . VAL A 1 129 ? -2.167  9.194   -7.485  1.00 17.51 ? 129 VAL A CG1   1 
ATOM   959  C CG2   . VAL A 1 129 ? -3.958  8.335   -9.110  1.00 15.55 ? 129 VAL A CG2   1 
ATOM   960  N N     . THR A 1 130 ? -0.550  11.624  -10.195 1.00 15.80 ? 130 THR A N     1 
ATOM   961  C CA    . THR A 1 130 ? 0.794   12.042  -10.469 1.00 17.48 ? 130 THR A CA    1 
ATOM   962  C C     . THR A 1 130 ? 1.535   12.782  -9.231  1.00 13.66 ? 130 THR A C     1 
ATOM   963  O O     . THR A 1 130 ? 0.832   13.148  -8.254  1.00 16.73 ? 130 THR A O     1 
ATOM   964  C CB    . THR A 1 130 ? 0.746   13.280  -11.566 1.00 22.46 ? 130 THR A CB    1 
ATOM   965  O OG1   . THR A 1 130 ? -0.270  14.155  -11.123 1.00 29.39 ? 130 THR A OG1   1 
ATOM   966  C CG2   . THR A 1 130 ? 0.369   12.408  -12.885 1.00 23.12 ? 130 THR A CG2   1 
ATOM   967  N N     . GLY A 1 131 ? 2.808   12.825  -9.351  1.00 15.72 ? 131 GLY A N     1 
ATOM   968  C CA    . GLY A 1 131 ? 3.612   13.561  -8.326  1.00 15.19 ? 131 GLY A CA    1 
ATOM   969  C C     . GLY A 1 131 ? 3.684   12.900  -7.010  1.00 17.06 ? 131 GLY A C     1 
ATOM   970  O O     . GLY A 1 131 ? 4.102   13.536  -6.014  1.00 19.50 ? 131 GLY A O     1 
ATOM   971  N N     . LYS A 1 132 ? 3.438   11.614  -6.913  1.00 13.53 ? 132 LYS A N     1 
ATOM   972  C CA    . LYS A 1 132 ? 3.519   10.916  -5.664  1.00 12.65 ? 132 LYS A CA    1 
ATOM   973  C C     . LYS A 1 132 ? 4.832   10.179  -5.495  1.00 14.14 ? 132 LYS A C     1 
ATOM   974  O O     . LYS A 1 132 ? 5.559   9.741   -6.396  1.00 15.81 ? 132 LYS A O     1 
ATOM   975  C CB    . LYS A 1 132 ? 2.445   9.804   -5.574  1.00 13.85 ? 132 LYS A CB    1 
ATOM   976  C CG    . LYS A 1 132 ? 1.088   10.267  -5.870  1.00 13.47 ? 132 LYS A CG    1 
ATOM   977  C CD    . LYS A 1 132 ? 0.638   11.589  -5.177  1.00 13.85 ? 132 LYS A CD    1 
ATOM   978  C CE    . LYS A 1 132 ? -0.787  11.908  -5.363  1.00 13.10 ? 132 LYS A CE    1 
ATOM   979  N NZ    . LYS A 1 132 ? -1.061  13.317  -4.902  1.00 15.26 ? 132 LYS A NZ    1 
ATOM   980  N N     . LYS A 1 133 ? 5.212   10.007  -4.182  1.00 13.90 ? 133 LYS A N     1 
ATOM   981  C CA    . LYS A 1 133 ? 6.366   9.186   -3.814  1.00 15.10 ? 133 LYS A CA    1 
ATOM   982  C C     . LYS A 1 133 ? 5.774   8.052   -2.877  1.00 14.64 ? 133 LYS A C     1 
ATOM   983  O O     . LYS A 1 133 ? 5.064   8.336   -1.899  1.00 15.78 ? 133 LYS A O     1 
ATOM   984  C CB    . LYS A 1 133 ? 7.392   9.942   -3.000  1.00 17.41 ? 133 LYS A CB    1 
ATOM   985  C CG    . LYS A 1 133 ? 8.122   10.925  -4.026  1.00 23.45 ? 133 LYS A CG    1 
ATOM   986  C CD    . LYS A 1 133 ? 8.942   11.890  -3.217  1.00 26.13 ? 133 LYS A CD    1 
ATOM   987  C CE    . LYS A 1 133 ? 9.768   12.784  -4.193  1.00 36.68 ? 133 LYS A CE    1 
ATOM   988  N NZ    . LYS A 1 133 ? 10.729  13.717  -3.542  1.00 40.57 ? 133 LYS A NZ    1 
ATOM   989  N N     . ALA A 1 134 ? 5.896   6.820   -3.276  1.00 14.42 ? 134 ALA A N     1 
ATOM   990  C CA    . ALA A 1 134 ? 5.452   5.659   -2.495  1.00 13.01 ? 134 ALA A CA    1 
ATOM   991  C C     . ALA A 1 134 ? 6.612   4.922   -1.881  1.00 11.12 ? 134 ALA A C     1 
ATOM   992  O O     . ALA A 1 134 ? 7.719   4.783   -2.375  1.00 12.22 ? 134 ALA A O     1 
ATOM   993  C CB    . ALA A 1 134 ? 4.613   4.706   -3.474  1.00 13.75 ? 134 ALA A CB    1 
ATOM   994  N N     . ILE A 1 135 ? 6.234   4.336   -0.718  1.00 9.44  ? 135 ILE A N     1 
ATOM   995  C CA    . ILE A 1 135 ? 7.059   3.496   0.071   1.00 11.09 ? 135 ILE A CA    1 
ATOM   996  C C     . ILE A 1 135 ? 6.261   2.207   0.341   1.00 9.67  ? 135 ILE A C     1 
ATOM   997  O O     . ILE A 1 135 ? 5.234   2.312   1.000   1.00 10.44 ? 135 ILE A O     1 
ATOM   998  C CB    . ILE A 1 135 ? 7.505   4.095   1.452   1.00 10.91 ? 135 ILE A CB    1 
ATOM   999  C CG1   . ILE A 1 135 ? 8.251   5.484   1.226   1.00 14.51 ? 135 ILE A CG1   1 
ATOM   1000 C CG2   . ILE A 1 135 ? 8.433   3.123   2.183   1.00 14.05 ? 135 ILE A CG2   1 
ATOM   1001 C CD1   . ILE A 1 135 ? 7.431   6.533   1.148   1.00 22.57 ? 135 ILE A CD1   1 
ATOM   1002 N N     . VAL A 1 136 ? 6.717   1.082   -0.079  1.00 10.51 ? 136 VAL A N     1 
ATOM   1003 C CA    . VAL A 1 136 ? 6.128   -0.260  0.231   1.00 10.77 ? 136 VAL A CA    1 
ATOM   1004 C C     . VAL A 1 136 ? 6.871   -0.842  1.397   1.00 8.66  ? 136 VAL A C     1 
ATOM   1005 O O     . VAL A 1 136 ? 8.092   -0.969  1.251   1.00 10.87 ? 136 VAL A O     1 
ATOM   1006 C CB    . VAL A 1 136 ? 6.090   -1.128  -1.050  1.00 12.82 ? 136 VAL A CB    1 
ATOM   1007 C CG1   . VAL A 1 136 ? 5.747   -2.592  -0.598  1.00 11.51 ? 136 VAL A CG1   1 
ATOM   1008 C CG2   . VAL A 1 136 ? 5.123   -0.563  -2.034  1.00 11.06 ? 136 VAL A CG2   1 
ATOM   1009 N N     . ILE A 1 137 ? 6.160   -1.197  2.414   1.00 9.10  ? 137 ILE A N     1 
ATOM   1010 C CA    . ILE A 1 137 ? 6.769   -1.976  3.552   1.00 10.72 ? 137 ILE A CA    1 
ATOM   1011 C C     . ILE A 1 137 ? 6.199   -3.445  3.357   1.00 7.42  ? 137 ILE A C     1 
ATOM   1012 O O     . ILE A 1 137 ? 5.006   -3.553  3.729   1.00 9.38  ? 137 ILE A O     1 
ATOM   1013 C CB    . ILE A 1 137 ? 6.448   -1.394  4.918   1.00 11.94 ? 137 ILE A CB    1 
ATOM   1014 C CG1   . ILE A 1 137 ? 6.970   0.088   4.988   1.00 10.41 ? 137 ILE A CG1   1 
ATOM   1015 C CG2   . ILE A 1 137 ? 6.995   -2.224  6.054   1.00 13.03 ? 137 ILE A CG2   1 
ATOM   1016 C CD1   . ILE A 1 137 ? 6.527   0.887   6.178   1.00 12.16 ? 137 ILE A CD1   1 
ATOM   1017 N N     . THR A 1 138 ? 7.067   -4.304  2.989   1.00 9.07  ? 138 THR A N     1 
ATOM   1018 C CA    . THR A 1 138 ? 6.570   -5.657  2.680   1.00 8.89  ? 138 THR A CA    1 
ATOM   1019 C C     . THR A 1 138 ? 7.299   -6.749  3.544   1.00 9.19  ? 138 THR A C     1 
ATOM   1020 O O     . THR A 1 138 ? 8.509   -6.879  3.494   1.00 10.99 ? 138 THR A O     1 
ATOM   1021 C CB    . THR A 1 138 ? 6.635   -5.876  1.180   1.00 8.65  ? 138 THR A CB    1 
ATOM   1022 O OG1   . THR A 1 138 ? 6.121   -7.255  0.873   1.00 10.09 ? 138 THR A OG1   1 
ATOM   1023 C CG2   . THR A 1 138 ? 7.957   -5.819  0.547   1.00 9.43  ? 138 THR A CG2   1 
ATOM   1024 N N     . SER A 1 139 ? 6.505   -7.389  4.355   1.00 9.45  ? 139 SER A N     1 
ATOM   1025 C CA    . SER A 1 139 ? 6.922   -8.473  5.287   1.00 9.90  ? 139 SER A CA    1 
ATOM   1026 C C     . SER A 1 139 ? 6.580   -9.848  4.763   1.00 9.03  ? 139 SER A C     1 
ATOM   1027 O O     . SER A 1 139 ? 5.537   -10.019 4.111   1.00 11.03 ? 139 SER A O     1 
ATOM   1028 C CB    . SER A 1 139 ? 6.243   -8.195  6.584   1.00 11.29 ? 139 SER A CB    1 
ATOM   1029 O OG    . SER A 1 139 ? 4.919   -7.936  6.462   1.00 11.68 ? 139 SER A OG    1 
ATOM   1030 N N     . ARG A 1 140 ? 7.521   -10.734 5.014   1.00 9.86  ? 140 ARG A N     1 
ATOM   1031 C CA    . ARG A 1 140 ? 7.444   -12.128 4.532   1.00 9.61  ? 140 ARG A CA    1 
ATOM   1032 C C     . ARG A 1 140 ? 8.022   -12.965 5.647   1.00 11.68 ? 140 ARG A C     1 
ATOM   1033 O O     . ARG A 1 140 ? 9.023   -12.741 6.268   1.00 10.63 ? 140 ARG A O     1 
ATOM   1034 C CB    . ARG A 1 140 ? 8.256   -12.311 3.326   1.00 11.21 ? 140 ARG A CB    1 
ATOM   1035 C CG    . ARG A 1 140 ? 7.729   -11.557 2.134   1.00 12.07 ? 140 ARG A CG    1 
ATOM   1036 C CD    . ARG A 1 140 ? 8.416   -10.209 2.003   1.00 10.77 ? 140 ARG A CD    1 
ATOM   1037 N NE    . ARG A 1 140 ? 7.864   -9.461  0.864   1.00 10.78 ? 140 ARG A NE    1 
ATOM   1038 C CZ    . ARG A 1 140 ? 8.214   -9.594  -0.417  1.00 10.80 ? 140 ARG A CZ    1 
ATOM   1039 N NH1   . ARG A 1 140 ? 7.588   -8.870  -1.345  1.00 11.34 ? 140 ARG A NH1   1 
ATOM   1040 N NH2   . ARG A 1 140 ? 9.293   -10.300 -0.781  1.00 11.44 ? 140 ARG A NH2   1 
ATOM   1041 N N     . GLY A 1 141 ? 7.456   -14.173 5.814   1.00 11.66 ? 141 GLY A N     1 
ATOM   1042 C CA    . GLY A 1 141 ? 7.930   -15.278 6.669   1.00 11.34 ? 141 GLY A CA    1 
ATOM   1043 C C     . GLY A 1 141 ? 9.180   -15.775 6.189   1.00 11.99 ? 141 GLY A C     1 
ATOM   1044 O O     . GLY A 1 141 ? 10.220  -15.977 6.937   1.00 13.10 ? 141 GLY A O     1 
ATOM   1045 N N     . GLY A 1 142 ? 9.253   -16.073 4.913   1.00 12.02 ? 142 GLY A N     1 
ATOM   1046 C CA    . GLY A 1 142 ? 10.417  -16.498 4.267   1.00 12.82 ? 142 GLY A CA    1 
ATOM   1047 C C     . GLY A 1 142 ? 11.262  -15.514 3.563   1.00 13.59 ? 142 GLY A C     1 
ATOM   1048 O O     . GLY A 1 142 ? 11.115  -14.279 3.772   1.00 13.21 ? 142 GLY A O     1 
ATOM   1049 N N     . ILE A 1 143 ? 12.148  -15.881 2.623   1.00 15.88 ? 143 ILE A N     1 
ATOM   1050 C CA    . ILE A 1 143 ? 13.054  -15.062 1.870   1.00 16.21 ? 143 ILE A CA    1 
ATOM   1051 C C     . ILE A 1 143 ? 12.923  -15.201 0.401   1.00 18.36 ? 143 ILE A C     1 
ATOM   1052 O O     . ILE A 1 143 ? 13.125  -16.266 -0.124  1.00 19.53 ? 143 ILE A O     1 
ATOM   1053 C CB    . ILE A 1 143 ? 14.583  -15.293 2.260   1.00 19.75 ? 143 ILE A CB    1 
ATOM   1054 C CG1   . ILE A 1 143 ? 14.748  -15.029 3.776   1.00 20.99 ? 143 ILE A CG1   1 
ATOM   1055 C CG2   . ILE A 1 143 ? 15.476  -14.412 1.434   1.00 18.76 ? 143 ILE A CG2   1 
ATOM   1056 C CD1   . ILE A 1 143 ? 16.099  -15.483 4.360   1.00 19.86 ? 143 ILE A CD1   1 
ATOM   1057 N N     . HIS A 1 144 ? 12.317  -14.158 -0.227  1.00 16.54 ? 144 HIS A N     1 
ATOM   1058 C CA    . HIS A 1 144 ? 11.935  -14.192 -1.620  1.00 16.13 ? 144 HIS A CA    1 
ATOM   1059 C C     . HIS A 1 144 ? 12.592  -13.133 -2.458  1.00 15.51 ? 144 HIS A C     1 
ATOM   1060 O O     . HIS A 1 144 ? 12.472  -13.230 -3.643  1.00 17.50 ? 144 HIS A O     1 
ATOM   1061 C CB    . HIS A 1 144 ? 10.379  -14.058 -1.687  1.00 14.07 ? 144 HIS A CB    1 
ATOM   1062 C CG    . HIS A 1 144 ? 9.685   -15.070 -0.873  1.00 12.50 ? 144 HIS A CG    1 
ATOM   1063 N ND1   . HIS A 1 144 ? 9.436   -16.360 -1.372  1.00 17.37 ? 144 HIS A ND1   1 
ATOM   1064 C CD2   . HIS A 1 144 ? 9.078   -15.029 0.354   1.00 14.25 ? 144 HIS A CD2   1 
ATOM   1065 C CE1   . HIS A 1 144 ? 8.795   -17.022 -0.436  1.00 18.56 ? 144 HIS A CE1   1 
ATOM   1066 N NE2   . HIS A 1 144 ? 8.602   -16.257 0.626   1.00 17.19 ? 144 HIS A NE2   1 
ATOM   1067 N N     . LYS A 1 145 ? 13.133  -12.109 -1.851  1.00 16.66 ? 145 LYS A N     1 
ATOM   1068 C CA    . LYS A 1 145 ? 13.571  -10.984 -2.590  1.00 16.33 ? 145 LYS A CA    1 
ATOM   1069 C C     . LYS A 1 145 ? 14.478  -11.338 -3.693  1.00 16.44 ? 145 LYS A C     1 
ATOM   1070 O O     . LYS A 1 145 ? 15.433  -12.066 -3.520  1.00 18.55 ? 145 LYS A O     1 
ATOM   1071 C CB    . LYS A 1 145 ? 14.238  -9.996  -1.660  1.00 17.28 ? 145 LYS A CB    1 
ATOM   1072 C CG    . LYS A 1 145 ? 14.788  -8.671  -2.274  1.00 19.50 ? 145 LYS A CG    1 
ATOM   1073 C CD    . LYS A 1 145 ? 15.523  -7.745  -1.264  1.00 20.03 ? 145 LYS A CD    1 
ATOM   1074 C CE    . LYS A 1 145 ? 16.100  -6.453  -1.908  1.00 25.69 ? 145 LYS A CE    1 
ATOM   1075 N NZ    . LYS A 1 145 ? 17.064  -5.748  -0.874  1.00 29.60 ? 145 LYS A NZ    1 
ATOM   1076 N N     . ASP A 1 146 ? 14.240  -10.777 -4.873  1.00 18.05 ? 146 ASP A N     1 
ATOM   1077 C CA    . ASP A 1 146 ? 15.077  -11.001 -6.127  1.00 19.86 ? 146 ASP A CA    1 
ATOM   1078 C C     . ASP A 1 146 ? 15.017  -12.363 -6.566  1.00 21.41 ? 146 ASP A C     1 
ATOM   1079 O O     . ASP A 1 146 ? 15.891  -12.786 -7.396  1.00 24.62 ? 146 ASP A O     1 
ATOM   1080 C CB    . ASP A 1 146 ? 16.545  -10.527 -6.001  1.00 22.89 ? 146 ASP A CB    1 
ATOM   1081 C CG    . ASP A 1 146 ? 16.634  -9.101  -5.622  1.00 25.94 ? 146 ASP A CG    1 
ATOM   1082 O OD1   . ASP A 1 146 ? 15.929  -8.291  -6.210  1.00 24.87 ? 146 ASP A OD1   1 
ATOM   1083 O OD2   . ASP A 1 146 ? 17.408  -8.734  -4.674  1.00 30.56 ? 146 ASP A OD2   1 
ATOM   1084 N N     . GLY A 1 147 ? 14.086  -13.126 -6.097  1.00 18.63 ? 147 GLY A N     1 
ATOM   1085 C CA    . GLY A 1 147 ? 13.873  -14.479 -6.618  1.00 18.40 ? 147 GLY A CA    1 
ATOM   1086 C C     . GLY A 1 147 ? 12.514  -14.666 -7.320  1.00 17.34 ? 147 GLY A C     1 
ATOM   1087 O O     . GLY A 1 147 ? 11.637  -13.811 -7.256  1.00 18.50 ? 147 GLY A O     1 
ATOM   1088 N N     . PRO A 1 148 ? 12.342  -15.824 -7.891  1.00 19.82 ? 148 PRO A N     1 
ATOM   1089 C CA    . PRO A 1 148 ? 11.203  -16.115 -8.705  1.00 19.58 ? 148 PRO A CA    1 
ATOM   1090 C C     . PRO A 1 148 ? 9.888   -16.244 -7.911  1.00 17.71 ? 148 PRO A C     1 
ATOM   1091 O O     . PRO A 1 148 ? 8.859   -16.268 -8.606  1.00 18.59 ? 148 PRO A O     1 
ATOM   1092 C CB    . PRO A 1 148 ? 11.580  -17.451 -9.441  1.00 22.32 ? 148 PRO A CB    1 
ATOM   1093 C CG    . PRO A 1 148 ? 12.451  -18.135 -8.443  1.00 23.31 ? 148 PRO A CG    1 
ATOM   1094 C CD    . PRO A 1 148 ? 13.330  -16.966 -7.955  1.00 21.88 ? 148 PRO A CD    1 
ATOM   1095 N N     . THR A 1 149 ? 9.864   -16.449 -6.583  1.00 14.01 ? 149 THR A N     1 
ATOM   1096 C CA    . THR A 1 149 ? 8.745   -16.530 -5.750  1.00 13.31 ? 149 THR A CA    1 
ATOM   1097 C C     . THR A 1 149 ? 8.216   -15.183 -5.275  1.00 12.68 ? 149 THR A C     1 
ATOM   1098 O O     . THR A 1 149 ? 7.192   -15.166 -4.635  1.00 13.19 ? 149 THR A O     1 
ATOM   1099 C CB    . THR A 1 149 ? 8.973   -17.479 -4.609  1.00 15.00 ? 149 THR A CB    1 
ATOM   1100 O OG1   . THR A 1 149 ? 10.076  -17.048 -3.856  1.00 16.79 ? 149 THR A OG1   1 
ATOM   1101 C CG2   . THR A 1 149 ? 9.206   -18.925 -5.128  1.00 16.22 ? 149 THR A CG2   1 
ATOM   1102 N N     . ASP A 1 150 ? 8.914   -14.114 -5.542  1.00 14.12 ? 150 ASP A N     1 
ATOM   1103 C CA    . ASP A 1 150 ? 8.427   -12.728 -5.190  1.00 13.41 ? 150 ASP A CA    1 
ATOM   1104 C C     . ASP A 1 150 ? 7.755   -12.170 -6.389  1.00 12.54 ? 150 ASP A C     1 
ATOM   1105 O O     . ASP A 1 150 ? 8.318   -11.423 -7.176  1.00 13.79 ? 150 ASP A O     1 
ATOM   1106 C CB    . ASP A 1 150 ? 9.522   -11.807 -4.733  1.00 12.50 ? 150 ASP A CB    1 
ATOM   1107 C CG    . ASP A 1 150 ? 9.026   -10.536 -4.174  1.00 12.84 ? 150 ASP A CG    1 
ATOM   1108 O OD1   . ASP A 1 150 ? 7.791   -10.302 -4.174  1.00 11.39 ? 150 ASP A OD1   1 
ATOM   1109 O OD2   . ASP A 1 150 ? 9.863   -9.708  -3.650  1.00 12.40 ? 150 ASP A OD2   1 
ATOM   1110 N N     . LEU A 1 151 ? 6.437   -12.373 -6.485  1.00 11.67 ? 151 LEU A N     1 
ATOM   1111 C CA    . LEU A 1 151 ? 5.669   -11.662 -7.508  1.00 11.73 ? 151 LEU A CA    1 
ATOM   1112 C C     . LEU A 1 151 ? 4.930   -10.459 -6.900  1.00 10.97 ? 151 LEU A C     1 
ATOM   1113 O O     . LEU A 1 151 ? 4.472   -9.581  -7.624  1.00 10.91 ? 151 LEU A O     1 
ATOM   1114 C CB    . LEU A 1 151 ? 4.588   -12.624 -8.156  1.00 14.42 ? 151 LEU A CB    1 
ATOM   1115 C CG    . LEU A 1 151 ? 5.091   -13.887 -8.880  1.00 14.99 ? 151 LEU A CG    1 
ATOM   1116 C CD1   . LEU A 1 151 ? 6.189   -13.529 -9.807  1.00 20.14 ? 151 LEU A CD1   1 
ATOM   1117 C CD2   . LEU A 1 151 ? 5.426   -15.001 -7.898  1.00 16.76 ? 151 LEU A CD2   1 
ATOM   1118 N N     . VAL A 1 152 ? 4.924   -10.387 -5.590  1.00 10.38 ? 152 VAL A N     1 
ATOM   1119 C CA    . VAL A 1 152 ? 4.378   -9.188  -4.917  1.00 9.91  ? 152 VAL A CA    1 
ATOM   1120 C C     . VAL A 1 152 ? 5.049   -7.883  -5.261  1.00 8.77  ? 152 VAL A C     1 
ATOM   1121 O O     . VAL A 1 152 ? 4.415   -6.950  -5.646  1.00 9.94  ? 152 VAL A O     1 
ATOM   1122 C CB    . VAL A 1 152 ? 4.375   -9.394  -3.371  1.00 11.43 ? 152 VAL A CB    1 
ATOM   1123 C CG1   . VAL A 1 152 ? 4.116   -8.122  -2.582  1.00 11.31 ? 152 VAL A CG1   1 
ATOM   1124 C CG2   . VAL A 1 152 ? 3.296   -10.512 -2.993  1.00 12.07 ? 152 VAL A CG2   1 
ATOM   1125 N N     . THR A 1 153 ? 6.399   -7.928  -5.279  1.00 10.60 ? 153 THR A N     1 
ATOM   1126 C CA    . THR A 1 153 ? 7.216   -6.711  -5.591  1.00 10.53 ? 153 THR A CA    1 
ATOM   1127 C C     . THR A 1 153 ? 6.858   -6.276  -7.015  1.00 10.73 ? 153 THR A C     1 
ATOM   1128 O O     . THR A 1 153 ? 6.451   -5.065  -7.198  1.00 10.06 ? 153 THR A O     1 
ATOM   1129 C CB    . THR A 1 153 ? 8.651   -6.948  -5.347  1.00 11.26 ? 153 THR A CB    1 
ATOM   1130 O OG1   . THR A 1 153 ? 8.768   -7.192  -3.915  1.00 11.52 ? 153 THR A OG1   1 
ATOM   1131 C CG2   . THR A 1 153 ? 9.524   -5.758  -5.771  1.00 12.40 ? 153 THR A CG2   1 
ATOM   1132 N N     . PRO A 1 154 ? 7.048   -7.071  -8.073  1.00 11.72 ? 154 PRO A N     1 
ATOM   1133 C CA    . PRO A 1 154 ? 6.751   -6.577  -9.405  1.00 10.52 ? 154 PRO A CA    1 
ATOM   1134 C C     . PRO A 1 154 ? 5.303   -6.291  -9.650  1.00 10.84 ? 154 PRO A C     1 
ATOM   1135 O O     . PRO A 1 154 ? 4.963   -5.364  -10.402 1.00 10.98 ? 154 PRO A O     1 
ATOM   1136 C CB    . PRO A 1 154 ? 7.373   -7.668  -10.297 1.00 12.72 ? 154 PRO A CB    1 
ATOM   1137 C CG    . PRO A 1 154 ? 7.277   -8.912  -9.478  1.00 13.07 ? 154 PRO A CG    1 
ATOM   1138 C CD    . PRO A 1 154 ? 7.717   -8.446  -8.062  1.00 12.48 ? 154 PRO A CD    1 
ATOM   1139 N N     . TYR A 1 155 ? 4.380   -7.001  -9.002  1.00 10.28 ? 155 TYR A N     1 
ATOM   1140 C CA    . TYR A 1 155 ? 2.969   -6.677  -9.067  1.00 10.16 ? 155 TYR A CA    1 
ATOM   1141 C C     . TYR A 1 155 ? 2.715   -5.256  -8.568  1.00 10.90 ? 155 TYR A C     1 
ATOM   1142 O O     . TYR A 1 155 ? 1.962   -4.453  -9.173  1.00 10.31 ? 155 TYR A O     1 
ATOM   1143 C CB    . TYR A 1 155 ? 2.124   -7.698  -8.367  1.00 9.46  ? 155 TYR A CB    1 
ATOM   1144 C CG    . TYR A 1 155 ? 0.831   -7.308  -7.988  1.00 8.60  ? 155 TYR A CG    1 
ATOM   1145 C CD1   . TYR A 1 155 ? -0.325  -7.103  -8.901  1.00 9.96  ? 155 TYR A CD1   1 
ATOM   1146 C CD2   . TYR A 1 155 ? 0.542   -7.102  -6.647  1.00 11.11 ? 155 TYR A CD2   1 
ATOM   1147 C CE1   . TYR A 1 155 ? -1.501  -6.700  -8.472  1.00 9.60  ? 155 TYR A CE1   1 
ATOM   1148 C CE2   . TYR A 1 155 ? -0.726  -6.768  -6.182  1.00 11.19 ? 155 TYR A CE2   1 
ATOM   1149 C CZ    . TYR A 1 155 ? -1.833  -6.534  -7.071  1.00 9.51  ? 155 TYR A CZ    1 
ATOM   1150 O OH    . TYR A 1 155 ? -3.042  -6.331  -6.555  1.00 10.97 ? 155 TYR A OH    1 
ATOM   1151 N N     . LEU A 1 156 ? 3.293   -4.978  -7.369  1.00 9.53  ? 156 LEU A N     1 
ATOM   1152 C CA    . LEU A 1 156 ? 3.118   -3.656  -6.784  1.00 11.24 ? 156 LEU A CA    1 
ATOM   1153 C C     . LEU A 1 156 ? 3.657   -2.598  -7.683  1.00 7.82  ? 156 LEU A C     1 
ATOM   1154 O O     . LEU A 1 156 ? 2.993   -1.577  -7.922  1.00 10.89 ? 156 LEU A O     1 
ATOM   1155 C CB    . LEU A 1 156 ? 3.610   -3.572  -5.364  1.00 9.14  ? 156 LEU A CB    1 
ATOM   1156 C CG    . LEU A 1 156 ? 2.747   -4.308  -4.337  1.00 9.76  ? 156 LEU A CG    1 
ATOM   1157 C CD1   . LEU A 1 156 ? 3.542   -4.449  -3.033  1.00 11.27 ? 156 LEU A CD1   1 
ATOM   1158 C CD2   . LEU A 1 156 ? 1.416   -3.645  -4.041  1.00 12.11 ? 156 LEU A CD2   1 
ATOM   1159 N N     . SER A 1 157 ? 4.863   -2.815  -8.214  1.00 9.89  ? 157 SER A N     1 
ATOM   1160 C CA    . SER A 1 157 ? 5.389   -1.856  -9.166  1.00 10.62 ? 157 SER A CA    1 
ATOM   1161 C C     . SER A 1 157 ? 4.496   -1.590  -10.298 1.00 11.44 ? 157 SER A C     1 
ATOM   1162 O O     . SER A 1 157 ? 4.251   -0.501  -10.806 1.00 12.02 ? 157 SER A O     1 
ATOM   1163 C CB    . SER A 1 157 ? 6.702   -2.307  -9.578  1.00 13.29 ? 157 SER A CB    1 
ATOM   1164 O OG    . SER A 1 157 ? 7.637   -2.132  -8.612  1.00 24.11 ? 157 SER A OG    1 
ATOM   1165 N N     . THR A 1 158 ? 3.970   -2.660  -10.892 1.00 12.47 ? 158 THR A N     1 
ATOM   1166 C CA    . THR A 1 158 ? 3.087   -2.629  -12.031 1.00 10.98 ? 158 THR A CA    1 
ATOM   1167 C C     . THR A 1 158 ? 1.801   -1.971  -11.740 1.00 11.60 ? 158 THR A C     1 
ATOM   1168 O O     . THR A 1 158 ? 1.405   -0.979  -12.506 1.00 12.17 ? 158 THR A O     1 
ATOM   1169 C CB    . THR A 1 158 ? 2.825   -4.076  -12.559 1.00 12.11 ? 158 THR A CB    1 
ATOM   1170 O OG1   . THR A 1 158 ? 4.056   -4.648  -12.937 1.00 13.09 ? 158 THR A OG1   1 
ATOM   1171 C CG2   . THR A 1 158 ? 1.794   -4.049  -13.782 1.00 14.45 ? 158 THR A CG2   1 
ATOM   1172 N N     . PHE A 1 159 ? 1.055   -2.307  -10.692 1.00 11.13 ? 159 PHE A N     1 
ATOM   1173 C CA    . PHE A 1 159 ? -0.197  -1.731  -10.392 1.00 11.17 ? 159 PHE A CA    1 
ATOM   1174 C C     . PHE A 1 159 ? -0.050  -0.187  -10.049 1.00 11.46 ? 159 PHE A C     1 
ATOM   1175 O O     . PHE A 1 159 ? -0.756  0.647   -10.564 1.00 11.68 ? 159 PHE A O     1 
ATOM   1176 C CB    . PHE A 1 159 ? -0.911  -2.399  -9.208  1.00 10.77 ? 159 PHE A CB    1 
ATOM   1177 C CG    . PHE A 1 159 ? -2.214  -1.790  -8.814  1.00 10.64 ? 159 PHE A CG    1 
ATOM   1178 C CD1   . PHE A 1 159 ? -3.407  -1.997  -9.494  1.00 12.63 ? 159 PHE A CD1   1 
ATOM   1179 C CD2   . PHE A 1 159 ? -2.231  -0.717  -7.909  1.00 11.11 ? 159 PHE A CD2   1 
ATOM   1180 C CE1   . PHE A 1 159 ? -4.508  -1.371  -9.244  1.00 13.55 ? 159 PHE A CE1   1 
ATOM   1181 C CE2   . PHE A 1 159 ? -3.371  -0.049  -7.629  1.00 11.94 ? 159 PHE A CE2   1 
ATOM   1182 C CZ    . PHE A 1 159 ? -4.479  -0.251  -8.352  1.00 12.66 ? 159 PHE A CZ    1 
ATOM   1183 N N     . LEU A 1 160 ? 0.936   0.085   -9.189  1.00 11.07 ? 160 LEU A N     1 
ATOM   1184 C CA    . LEU A 1 160 ? 1.144   1.504   -8.763  1.00 9.74  ? 160 LEU A CA    1 
ATOM   1185 C C     . LEU A 1 160 ? 1.535   2.204   -10.053 1.00 11.15 ? 160 LEU A C     1 
ATOM   1186 O O     . LEU A 1 160 ? 1.055   3.395   -10.242 1.00 10.95 ? 160 LEU A O     1 
ATOM   1187 C CB    . LEU A 1 160 ? 2.200   1.534   -7.678  1.00 11.54 ? 160 LEU A CB    1 
ATOM   1188 C CG    . LEU A 1 160 ? 1.720   1.006   -6.337  1.00 10.31 ? 160 LEU A CG    1 
ATOM   1189 C CD1   . LEU A 1 160 ? 2.967   0.945   -5.392  1.00 13.46 ? 160 LEU A CD1   1 
ATOM   1190 C CD2   . LEU A 1 160 ? 0.596   1.724   -5.744  1.00 14.42 ? 160 LEU A CD2   1 
ATOM   1191 N N     . GLY A 1 161 ? 2.441   1.731   -10.855 1.00 11.28 ? 161 GLY A N     1 
ATOM   1192 C CA    . GLY A 1 161 ? 2.856   2.398   -12.078 1.00 11.74 ? 161 GLY A CA    1 
ATOM   1193 C C     . GLY A 1 161 ? 1.737   2.707   -13.018 1.00 14.40 ? 161 GLY A C     1 
ATOM   1194 O O     . GLY A 1 161 ? 1.567   3.813   -13.646 1.00 13.90 ? 161 GLY A O     1 
ATOM   1195 N N     . PHE A 1 162 ? 0.778   1.831   -13.107 1.00 12.59 ? 162 PHE A N     1 
ATOM   1196 C CA    . PHE A 1 162 ? -0.405  1.932   -13.967 1.00 13.14 ? 162 PHE A CA    1 
ATOM   1197 C C     . PHE A 1 162 ? -1.219  3.163   -13.670 1.00 15.46 ? 162 PHE A C     1 
ATOM   1198 O O     . PHE A 1 162 ? -1.824  3.773   -14.568 1.00 14.47 ? 162 PHE A O     1 
ATOM   1199 C CB    . PHE A 1 162 ? -1.220  0.560   -13.856 1.00 15.70 ? 162 PHE A CB    1 
ATOM   1200 C CG    . PHE A 1 162 ? -2.541  0.553   -14.390 1.00 19.06 ? 162 PHE A CG    1 
ATOM   1201 C CD1   . PHE A 1 162 ? -2.681  0.618   -15.643 1.00 22.85 ? 162 PHE A CD1   1 
ATOM   1202 C CD2   . PHE A 1 162 ? -3.660  0.350   -13.584 1.00 22.89 ? 162 PHE A CD2   1 
ATOM   1203 C CE1   . PHE A 1 162 ? -3.978  0.552   -16.310 1.00 23.27 ? 162 PHE A CE1   1 
ATOM   1204 C CE2   . PHE A 1 162 ? -5.008  0.256   -14.213 1.00 27.84 ? 162 PHE A CE2   1 
ATOM   1205 C CZ    . PHE A 1 162 ? -5.062  0.501   -15.610 1.00 18.30 ? 162 PHE A CZ    1 
ATOM   1206 N N     . ILE A 1 163 ? -1.362  3.456   -12.339 1.00 11.70 ? 163 ILE A N     1 
ATOM   1207 C CA    . ILE A 1 163 ? -2.230  4.556   -11.876 1.00 12.90 ? 163 ILE A CA    1 
ATOM   1208 C C     . ILE A 1 163 ? -1.284  5.816   -11.801 1.00 11.89 ? 163 ILE A C     1 
ATOM   1209 O O     . ILE A 1 163 ? -1.875  6.865   -11.459 1.00 14.51 ? 163 ILE A O     1 
ATOM   1210 C CB    . ILE A 1 163 ? -2.984  4.328   -10.619 1.00 12.96 ? 163 ILE A CB    1 
ATOM   1211 C CG1   . ILE A 1 163 ? -2.126  3.993   -9.413  1.00 12.62 ? 163 ILE A CG1   1 
ATOM   1212 C CG2   . ILE A 1 163 ? -4.095  3.272   -10.880 1.00 13.77 ? 163 ILE A CG2   1 
ATOM   1213 C CD1   . ILE A 1 163 ? -3.024  3.961   -8.154  1.00 14.31 ? 163 ILE A CD1   1 
ATOM   1214 N N     . GLY A 1 164 ? 0.009   5.728   -12.139 1.00 11.77 ? 164 GLY A N     1 
ATOM   1215 C CA    . GLY A 1 164 ? 0.780   6.988   -12.120 1.00 13.94 ? 164 GLY A CA    1 
ATOM   1216 C C     . GLY A 1 164 ? 1.931   7.070   -11.152 1.00 13.98 ? 164 GLY A C     1 
ATOM   1217 O O     . GLY A 1 164 ? 2.768   7.960   -11.197 1.00 14.66 ? 164 GLY A O     1 
ATOM   1218 N N     . ILE A 1 165 ? 1.977   6.134   -10.199 1.00 12.91 ? 165 ILE A N     1 
ATOM   1219 C CA    . ILE A 1 165 ? 2.918   6.114   -9.060  1.00 11.51 ? 165 ILE A CA    1 
ATOM   1220 C C     . ILE A 1 165 ? 4.080   5.372   -9.458  1.00 13.69 ? 165 ILE A C     1 
ATOM   1221 O O     . ILE A 1 165 ? 4.122   4.120   -9.271  1.00 13.66 ? 165 ILE A O     1 
ATOM   1222 C CB    . ILE A 1 165 ? 2.218   5.720   -7.827  1.00 11.80 ? 165 ILE A CB    1 
ATOM   1223 C CG1   . ILE A 1 165 ? 0.999   6.487   -7.499  1.00 12.81 ? 165 ILE A CG1   1 
ATOM   1224 C CG2   . ILE A 1 165 ? 3.220   5.736   -6.651  1.00 13.81 ? 165 ILE A CG2   1 
ATOM   1225 C CD1   . ILE A 1 165 ? 0.169   6.058   -6.253  1.00 14.04 ? 165 ILE A CD1   1 
ATOM   1226 N N     . THR A 1 166 ? 5.070   5.901   -10.131 1.00 13.12 ? 166 THR A N     1 
ATOM   1227 C CA    . THR A 1 166 ? 6.248   5.346   -10.605 1.00 15.28 ? 166 THR A CA    1 
ATOM   1228 C C     . THR A 1 166 ? 7.412   5.401   -9.713  1.00 15.48 ? 166 THR A C     1 
ATOM   1229 O O     . THR A 1 166 ? 8.423   4.671   -9.956  1.00 17.48 ? 166 THR A O     1 
ATOM   1230 C CB    . THR A 1 166 ? 6.506   5.875   -12.047 1.00 15.53 ? 166 THR A CB    1 
ATOM   1231 O OG1   . THR A 1 166 ? 6.684   7.325   -11.880 1.00 16.83 ? 166 THR A OG1   1 
ATOM   1232 C CG2   . THR A 1 166 ? 5.440   5.579   -13.050 1.00 18.73 ? 166 THR A CG2   1 
ATOM   1233 N N     . ASP A 1 167 ? 7.410   6.295   -8.716  1.00 13.64 ? 167 ASP A N     1 
ATOM   1234 C CA    . ASP A 1 167 ? 8.464   6.512   -7.775  1.00 14.36 ? 167 ASP A CA    1 
ATOM   1235 C C     . ASP A 1 167 ? 8.132   5.750   -6.499  1.00 13.31 ? 167 ASP A C     1 
ATOM   1236 O O     . ASP A 1 167 ? 7.316   6.123   -5.693  1.00 13.84 ? 167 ASP A O     1 
ATOM   1237 C CB    . ASP A 1 167 ? 8.736   7.989   -7.394  1.00 16.28 ? 167 ASP A CB    1 
ATOM   1238 C CG    . ASP A 1 167 ? 9.879   8.185   -6.540  1.00 19.73 ? 167 ASP A CG    1 
ATOM   1239 O OD1   . ASP A 1 167 ? 10.326  7.282   -5.826  1.00 18.48 ? 167 ASP A OD1   1 
ATOM   1240 O OD2   . ASP A 1 167 ? 10.256  9.442   -6.409  1.00 25.23 ? 167 ASP A OD2   1 
ATOM   1241 N N     . VAL A 1 168 ? 8.601   4.472   -6.541  1.00 14.12 ? 168 VAL A N     1 
ATOM   1242 C CA    . VAL A 1 168 ? 8.335   3.504   -5.406  1.00 12.62 ? 168 VAL A CA    1 
ATOM   1243 C C     . VAL A 1 168 ? 9.603   2.952   -4.853  1.00 11.11 ? 168 VAL A C     1 
ATOM   1244 O O     . VAL A 1 168 ? 10.506  2.458   -5.566  1.00 15.94 ? 168 VAL A O     1 
ATOM   1245 C CB    . VAL A 1 168 ? 7.486   2.314   -5.977  1.00 12.55 ? 168 VAL A CB    1 
ATOM   1246 C CG1   . VAL A 1 168 ? 6.982   1.479   -4.774  1.00 13.48 ? 168 VAL A CG1   1 
ATOM   1247 C CG2   . VAL A 1 168 ? 6.271   2.752   -6.722  1.00 16.97 ? 168 VAL A CG2   1 
ATOM   1248 N N     . LYS A 1 169 ? 9.753   3.073   -3.526  1.00 13.37 ? 169 LYS A N     1 
ATOM   1249 C CA    . LYS A 1 169 ? 10.869  2.504   -2.769  1.00 14.30 ? 169 LYS A CA    1 
ATOM   1250 C C     . LYS A 1 169 ? 10.380  1.360   -1.968  1.00 11.49 ? 169 LYS A C     1 
ATOM   1251 O O     . LYS A 1 169 ? 9.306   1.477   -1.319  1.00 13.17 ? 169 LYS A O     1 
ATOM   1252 C CB    . LYS A 1 169 ? 11.434  3.527   -1.768  1.00 15.59 ? 169 LYS A CB    1 
ATOM   1253 C CG    . LYS A 1 169 ? 12.132  4.717   -2.594  1.00 19.56 ? 169 LYS A CG    1 
ATOM   1254 C CD    . LYS A 1 169 ? 12.555  5.805   -1.585  1.00 23.42 ? 169 LYS A CD    1 
ATOM   1255 C CE    . LYS A 1 169 ? 13.004  7.111   -2.320  1.00 23.83 ? 169 LYS A CE    1 
ATOM   1256 N NZ    . LYS A 1 169 ? 14.230  6.555   -3.037  1.00 26.75 ? 169 LYS A NZ    1 
ATOM   1257 N N     . PHE A 1 170 ? 11.015  0.238   -2.022  1.00 11.88 ? 170 PHE A N     1 
ATOM   1258 C CA    . PHE A 1 170 ? 10.651  -0.961  -1.259  1.00 12.33 ? 170 PHE A CA    1 
ATOM   1259 C C     . PHE A 1 170 ? 11.456  -1.198  -0.011  1.00 12.82 ? 170 PHE A C     1 
ATOM   1260 O O     . PHE A 1 170 ? 12.715  -1.132  -0.103  1.00 15.77 ? 170 PHE A O     1 
ATOM   1261 C CB    . PHE A 1 170 ? 10.725  -2.162  -2.182  1.00 13.60 ? 170 PHE A CB    1 
ATOM   1262 C CG    . PHE A 1 170 ? 9.647   -2.290  -3.278  1.00 12.41 ? 170 PHE A CG    1 
ATOM   1263 C CD1   . PHE A 1 170 ? 8.466   -2.944  -3.083  1.00 13.85 ? 170 PHE A CD1   1 
ATOM   1264 C CD2   . PHE A 1 170 ? 9.820   -1.603  -4.412  1.00 14.35 ? 170 PHE A CD2   1 
ATOM   1265 C CE1   . PHE A 1 170 ? 7.527   -2.982  -4.077  1.00 14.67 ? 170 PHE A CE1   1 
ATOM   1266 C CE2   . PHE A 1 170 ? 8.869   -1.601  -5.494  1.00 14.27 ? 170 PHE A CE2   1 
ATOM   1267 C CZ    . PHE A 1 170 ? 7.672   -2.295  -5.261  1.00 14.05 ? 170 PHE A CZ    1 
ATOM   1268 N N     . VAL A 1 171 ? 10.817  -1.460  1.101   1.00 11.19 ? 171 VAL A N     1 
ATOM   1269 C CA    . VAL A 1 171 ? 11.378  -1.804  2.388   1.00 10.42 ? 171 VAL A CA    1 
ATOM   1270 C C     . VAL A 1 171 ? 10.932  -3.266  2.650   1.00 12.13 ? 171 VAL A C     1 
ATOM   1271 O O     . VAL A 1 171 ? 9.781   -3.515  2.700   1.00 10.96 ? 171 VAL A O     1 
ATOM   1272 C CB    . VAL A 1 171 ? 10.931  -0.884  3.408   1.00 12.88 ? 171 VAL A CB    1 
ATOM   1273 C CG1   . VAL A 1 171 ? 11.343  -1.356  4.860   1.00 13.82 ? 171 VAL A CG1   1 
ATOM   1274 C CG2   . VAL A 1 171 ? 11.320  0.688   3.195   1.00 13.78 ? 171 VAL A CG2   1 
ATOM   1275 N N     . PHE A 1 172 ? 11.876  -4.106  2.795   1.00 11.59 ? 172 PHE A N     1 
ATOM   1276 C CA    . PHE A 1 172 ? 11.641  -5.542  2.933   1.00 10.43 ? 172 PHE A CA    1 
ATOM   1277 C C     . PHE A 1 172 ? 11.871  -5.899  4.356   1.00 12.65 ? 172 PHE A C     1 
ATOM   1278 O O     . PHE A 1 172 ? 12.937  -5.503  5.010   1.00 12.20 ? 172 PHE A O     1 
ATOM   1279 C CB    . PHE A 1 172 ? 12.599  -6.335  2.063   1.00 13.70 ? 172 PHE A CB    1 
ATOM   1280 C CG    . PHE A 1 172 ? 12.319  -6.249  0.623   1.00 13.22 ? 172 PHE A CG    1 
ATOM   1281 C CD1   . PHE A 1 172 ? 11.425  -7.168  -0.009  1.00 14.43 ? 172 PHE A CD1   1 
ATOM   1282 C CD2   . PHE A 1 172 ? 12.903  -5.316  -0.176  1.00 12.66 ? 172 PHE A CD2   1 
ATOM   1283 C CE1   . PHE A 1 172 ? 11.143  -7.066  -1.257  1.00 14.40 ? 172 PHE A CE1   1 
ATOM   1284 C CE2   . PHE A 1 172 ? 12.545  -5.175  -1.432  1.00 15.30 ? 172 PHE A CE2   1 
ATOM   1285 C CZ    . PHE A 1 172 ? 11.693  -6.063  -2.048  1.00 15.51 ? 172 PHE A CZ    1 
ATOM   1286 N N     . ALA A 1 173 ? 11.074  -6.757  4.935   1.00 11.56 ? 173 ALA A N     1 
ATOM   1287 C CA    . ALA A 1 173 ? 11.264  -7.413  6.205   1.00 11.02 ? 173 ALA A CA    1 
ATOM   1288 C C     . ALA A 1 173 ? 11.048  -8.956  5.936   1.00 11.41 ? 173 ALA A C     1 
ATOM   1289 O O     . ALA A 1 173 ? 9.901   -9.416  6.114   1.00 12.55 ? 173 ALA A O     1 
ATOM   1290 C CB    . ALA A 1 173 ? 10.298  -6.868  7.260   1.00 12.50 ? 173 ALA A CB    1 
ATOM   1291 N N     . GLU A 1 174 ? 12.088  -9.633  5.605   1.00 12.32 ? 174 GLU A N     1 
ATOM   1292 C CA    . GLU A 1 174 ? 11.995  -11.080 5.240   1.00 12.77 ? 174 GLU A CA    1 
ATOM   1293 C C     . GLU A 1 174 ? 12.598  -11.905 6.309   1.00 15.18 ? 174 GLU A C     1 
ATOM   1294 O O     . GLU A 1 174 ? 13.438  -11.468 7.093   1.00 15.01 ? 174 GLU A O     1 
ATOM   1295 C CB    . GLU A 1 174 ? 12.723  -11.248 3.960   1.00 12.26 ? 174 GLU A CB    1 
ATOM   1296 C CG    . GLU A 1 174 ? 12.186  -10.482 2.792   1.00 12.84 ? 174 GLU A CG    1 
ATOM   1297 C CD    . GLU A 1 174 ? 12.247  -11.253 1.487   1.00 14.15 ? 174 GLU A CD    1 
ATOM   1298 O OE1   . GLU A 1 174 ? 13.382  -11.522 1.022   1.00 15.70 ? 174 GLU A OE1   1 
ATOM   1299 O OE2   . GLU A 1 174 ? 11.267  -11.558 0.863   1.00 13.47 ? 174 GLU A OE2   1 
ATOM   1300 N N     . GLY A 1 175 ? 12.219  -13.194 6.249   1.00 13.36 ? 175 GLY A N     1 
ATOM   1301 C CA    . GLY A 1 175 ? 12.811  -14.157 7.180   1.00 13.78 ? 175 GLY A CA    1 
ATOM   1302 C C     . GLY A 1 175 ? 12.188  -14.032 8.506   1.00 13.44 ? 175 GLY A C     1 
ATOM   1303 O O     . GLY A 1 175 ? 12.816  -14.625 9.507   1.00 16.51 ? 175 GLY A O     1 
ATOM   1304 N N     . ILE A 1 176 ? 11.014  -13.508 8.740   1.00 13.41 ? 176 ILE A N     1 
ATOM   1305 C CA    . ILE A 1 176 ? 10.317  -13.356 9.978   1.00 14.91 ? 176 ILE A CA    1 
ATOM   1306 C C     . ILE A 1 176 ? 10.117  -14.675 10.621  1.00 15.63 ? 176 ILE A C     1 
ATOM   1307 O O     . ILE A 1 176 ? 10.118  -14.766 11.853  1.00 19.35 ? 176 ILE A O     1 
ATOM   1308 C CB    . ILE A 1 176 ? 9.004   -12.587 9.874   1.00 14.67 ? 176 ILE A CB    1 
ATOM   1309 C CG1   . ILE A 1 176 ? 9.267   -11.126 9.290   1.00 20.05 ? 176 ILE A CG1   1 
ATOM   1310 C CG2   . ILE A 1 176 ? 8.028   -12.607 11.003  1.00 18.76 ? 176 ILE A CG2   1 
ATOM   1311 C CD1   . ILE A 1 176 ? 9.890   -10.390 10.283  1.00 20.34 ? 176 ILE A CD1   1 
ATOM   1312 N N     . ALA A 1 177 ? 9.873   -15.722 9.823   1.00 15.40 ? 177 ALA A N     1 
ATOM   1313 C CA    . ALA A 1 177 ? 9.626   -17.051 10.421  1.00 16.02 ? 177 ALA A CA    1 
ATOM   1314 C C     . ALA A 1 177 ? 10.854  -17.777 10.809  1.00 16.92 ? 177 ALA A C     1 
ATOM   1315 O O     . ALA A 1 177 ? 10.644  -18.982 11.250  1.00 17.52 ? 177 ALA A O     1 
ATOM   1316 C CB    . ALA A 1 177 ? 8.788   -17.808 9.353   1.00 15.64 ? 177 ALA A CB    1 
ATOM   1317 N N     . TYR A 1 178 ? 12.046  -17.357 10.605  1.00 16.31 ? 178 TYR A N     1 
ATOM   1318 C CA    . TYR A 1 178 ? 13.287  -18.023 10.777  1.00 17.02 ? 178 TYR A CA    1 
ATOM   1319 C C     . TYR A 1 178 ? 13.966  -17.966 12.254  1.00 13.61 ? 178 TYR A C     1 
ATOM   1320 O O     . TYR A 1 178 ? 15.163  -18.182 12.251  1.00 21.94 ? 178 TYR A O     1 
ATOM   1321 C CB    . TYR A 1 178 ? 14.192  -17.870 9.703   1.00 17.95 ? 178 TYR A CB    1 
ATOM   1322 C CG    . TYR A 1 178 ? 13.681  -18.438 8.339   1.00 25.22 ? 178 TYR A CG    1 
ATOM   1323 C CD1   . TYR A 1 178 ? 12.722  -19.433 8.265   1.00 38.18 ? 178 TYR A CD1   1 
ATOM   1324 C CD2   . TYR A 1 178 ? 14.204  -17.940 7.111   1.00 28.87 ? 178 TYR A CD2   1 
ATOM   1325 C CE1   . TYR A 1 178 ? 12.268  -19.974 7.004   1.00 30.52 ? 178 TYR A CE1   1 
ATOM   1326 C CE2   . TYR A 1 178 ? 13.698  -18.441 5.839   1.00 34.72 ? 178 TYR A CE2   1 
ATOM   1327 C CZ    . TYR A 1 178 ? 12.735  -19.494 5.864   1.00 36.85 ? 178 TYR A CZ    1 
ATOM   1328 O OH    . TYR A 1 178 ? 12.230  -20.037 4.674   1.00 38.79 ? 178 TYR A OH    1 
ATOM   1329 N N     . GLY A 1 179 ? 13.185  -17.661 13.114  1.00 16.61 ? 179 GLY A N     1 
ATOM   1330 C CA    . GLY A 1 179 ? 13.794  -17.469 14.481  1.00 23.02 ? 179 GLY A CA    1 
ATOM   1331 C C     . GLY A 1 179 ? 14.170  -16.044 14.881  1.00 28.49 ? 179 GLY A C     1 
ATOM   1332 O O     . GLY A 1 179 ? 14.328  -15.202 13.949  1.00 25.89 ? 179 GLY A O     1 
ATOM   1333 N N     . PRO A 1 180 ? 14.240  -15.801 16.246  1.00 30.59 ? 180 PRO A N     1 
ATOM   1334 C CA    . PRO A 1 180 ? 14.783  -14.502 16.769  1.00 27.69 ? 180 PRO A CA    1 
ATOM   1335 C C     . PRO A 1 180 ? 15.989  -13.906 16.157  1.00 25.86 ? 180 PRO A C     1 
ATOM   1336 O O     . PRO A 1 180 ? 15.930  -12.667 15.866  1.00 26.14 ? 180 PRO A O     1 
ATOM   1337 C CB    . PRO A 1 180 ? 14.976  -14.849 18.285  1.00 29.32 ? 180 PRO A CB    1 
ATOM   1338 C CG    . PRO A 1 180 ? 13.820  -15.917 18.644  1.00 33.18 ? 180 PRO A CG    1 
ATOM   1339 C CD    . PRO A 1 180 ? 13.752  -16.736 17.367  1.00 32.08 ? 180 PRO A CD    1 
ATOM   1340 N N     . GLU A 1 181 ? 17.067  -14.456 15.805  1.00 25.78 ? 181 GLU A N     1 
ATOM   1341 C CA    . GLU A 1 181 ? 18.080  -13.649 15.083  1.00 26.55 ? 181 GLU A CA    1 
ATOM   1342 C C     . GLU A 1 181 ? 17.660  -13.095 13.718  1.00 26.22 ? 181 GLU A C     1 
ATOM   1343 O O     . GLU A 1 181 ? 18.023  -11.968 13.259  1.00 22.58 ? 181 GLU A O     1 
ATOM   1344 C CB    . GLU A 1 181 ? 19.467  -14.308 14.828  1.00 28.25 ? 181 GLU A CB    1 
ATOM   1345 C CG    . GLU A 1 181 ? 20.355  -14.580 16.163  1.00 35.48 ? 181 GLU A CG    1 
ATOM   1346 C CD    . GLU A 1 181 ? 19.987  -15.884 16.822  1.00 37.05 ? 181 GLU A CD    1 
ATOM   1347 O OE1   . GLU A 1 181 ? 20.151  -16.896 16.114  1.00 36.57 ? 181 GLU A OE1   1 
ATOM   1348 O OE2   . GLU A 1 181 ? 19.508  -15.916 17.974  1.00 45.36 ? 181 GLU A OE2   1 
ATOM   1349 N N     . MET A 1 182 ? 16.944  -13.913 12.937  1.00 23.52 ? 182 MET A N     1 
ATOM   1350 C CA    . MET A 1 182 ? 16.478  -13.508 11.627  1.00 22.62 ? 182 MET A CA    1 
ATOM   1351 C C     . MET A 1 182 ? 15.282  -12.611 11.814  1.00 18.39 ? 182 MET A C     1 
ATOM   1352 O O     . MET A 1 182 ? 15.214  -11.597 11.017  1.00 17.79 ? 182 MET A O     1 
ATOM   1353 C CB    . MET A 1 182 ? 16.042  -14.779 10.872  1.00 20.94 ? 182 MET A CB    1 
ATOM   1354 C CG    . MET A 1 182 ? 17.301  -15.447 10.435  1.00 24.40 ? 182 MET A CG    1 
ATOM   1355 S SD    . MET A 1 182 ? 18.143  -14.786 9.206   1.00 38.27 ? 182 MET A SD    1 
ATOM   1356 C CE    . MET A 1 182 ? 17.282  -15.754 7.934   1.00 35.61 ? 182 MET A CE    1 
ATOM   1357 N N     . ALA A 1 183 ? 14.409  -12.714 12.701  1.00 18.12 ? 183 ALA A N     1 
ATOM   1358 C CA    . ALA A 1 183 ? 13.379  -11.782 12.857  1.00 18.11 ? 183 ALA A CA    1 
ATOM   1359 C C     . ALA A 1 183 ? 13.938  -10.384 13.240  1.00 21.31 ? 183 ALA A C     1 
ATOM   1360 O O     . ALA A 1 183 ? 13.465  -9.320  12.765  1.00 17.29 ? 183 ALA A O     1 
ATOM   1361 C CB    . ALA A 1 183 ? 12.315  -12.107 13.734  1.00 21.10 ? 183 ALA A CB    1 
ATOM   1362 N N     . ALA A 1 184 ? 14.868  -10.395 14.175  1.00 19.40 ? 184 ALA A N     1 
ATOM   1363 C CA    . ALA A 1 184 ? 15.545  -9.165  14.565  1.00 18.24 ? 184 ALA A CA    1 
ATOM   1364 C C     . ALA A 1 184 ? 16.270  -8.722  13.445  1.00 14.96 ? 184 ALA A C     1 
ATOM   1365 O O     . ALA A 1 184 ? 16.307  -7.379  13.313  1.00 17.34 ? 184 ALA A O     1 
ATOM   1366 C CB    . ALA A 1 184 ? 16.526  -9.479  15.759  1.00 21.03 ? 184 ALA A CB    1 
ATOM   1367 N N     . LYS A 1 185 ? 17.036  -9.293  12.595  1.00 16.42 ? 185 LYS A N     1 
ATOM   1368 C CA    . LYS A 1 185 ? 17.665  -8.807  11.402  1.00 18.28 ? 185 LYS A CA    1 
ATOM   1369 C C     . LYS A 1 185 ? 16.620  -8.151  10.560  1.00 18.64 ? 185 LYS A C     1 
ATOM   1370 O O     . LYS A 1 185 ? 16.859  -7.016  10.064  1.00 18.69 ? 185 LYS A O     1 
ATOM   1371 C CB    . LYS A 1 185 ? 18.457  -9.878  10.583  1.00 18.70 ? 185 LYS A CB    1 
ATOM   1372 C CG    . LYS A 1 185 ? 19.122  -9.425  9.426   1.00 21.76 ? 185 LYS A CG    1 
ATOM   1373 C CD    . LYS A 1 185 ? 20.134  -10.366 8.801   1.00 27.39 ? 185 LYS A CD    1 
ATOM   1374 C CE    . LYS A 1 185 ? 20.369  -10.096 7.319   1.00 31.91 ? 185 LYS A CE    1 
ATOM   1375 N NZ    . LYS A 1 185 ? 20.535  -8.664  6.905   1.00 38.13 ? 185 LYS A NZ    1 
ATOM   1376 N N     . ALA A 1 186 ? 15.448  -8.716  10.340  1.00 17.60 ? 186 ALA A N     1 
ATOM   1377 C CA    . ALA A 1 186 ? 14.506  -8.185  9.401   1.00 16.06 ? 186 ALA A CA    1 
ATOM   1378 C C     . ALA A 1 186 ? 14.040  -6.835  10.039  1.00 16.20 ? 186 ALA A C     1 
ATOM   1379 O O     . ALA A 1 186 ? 13.863  -5.898  9.196   1.00 14.13 ? 186 ALA A O     1 
ATOM   1380 C CB    . ALA A 1 186 ? 13.348  -9.242  9.339   1.00 16.24 ? 186 ALA A CB    1 
ATOM   1381 N N     . GLN A 1 187 ? 13.697  -6.723  11.310  1.00 15.21 ? 187 GLN A N     1 
ATOM   1382 C CA    . GLN A 1 187 ? 13.212  -5.505  11.889  1.00 16.47 ? 187 GLN A CA    1 
ATOM   1383 C C     . GLN A 1 187 ? 14.314  -4.502  11.874  1.00 16.67 ? 187 GLN A C     1 
ATOM   1384 O O     . GLN A 1 187 ? 13.967  -3.317  11.412  1.00 15.19 ? 187 GLN A O     1 
ATOM   1385 C CB    . GLN A 1 187 ? 12.635  -5.678  13.307  1.00 18.52 ? 187 GLN A CB    1 
ATOM   1386 C CG    . GLN A 1 187 ? 11.457  -6.560  13.406  1.00 24.25 ? 187 GLN A CG    1 
ATOM   1387 C CD    . GLN A 1 187 ? 11.336  -7.281  14.751  1.00 31.19 ? 187 GLN A CD    1 
ATOM   1388 O OE1   . GLN A 1 187 ? 12.162  -7.070  15.693  1.00 31.75 ? 187 GLN A OE1   1 
ATOM   1389 N NE2   . GLN A 1 187 ? 10.352  -8.247  14.857  1.00 36.63 ? 187 GLN A NE2   1 
ATOM   1390 N N     . SER A 1 188 ? 15.538  -4.834  12.032  1.00 17.26 ? 188 SER A N     1 
ATOM   1391 C CA    . SER A 1 188 ? 16.635  -3.876  12.144  1.00 19.05 ? 188 SER A CA    1 
ATOM   1392 C C     . SER A 1 188 ? 16.849  -3.460  10.763  1.00 14.75 ? 188 SER A C     1 
ATOM   1393 O O     . SER A 1 188 ? 17.057  -2.178  10.498  1.00 16.53 ? 188 SER A O     1 
ATOM   1394 C CB    . SER A 1 188 ? 17.872  -4.548  12.834  1.00 21.63 ? 188 SER A CB    1 
ATOM   1395 O OG    . SER A 1 188 ? 19.115  -4.059  12.251  1.00 31.56 ? 188 SER A OG    1 
ATOM   1396 N N     . ASP A 1 189 ? 16.900  -4.183  9.741   1.00 16.24 ? 189 ASP A N     1 
ATOM   1397 C CA    . ASP A 1 189 ? 17.271  -3.808  8.396   1.00 18.28 ? 189 ASP A CA    1 
ATOM   1398 C C     . ASP A 1 189 ? 16.075  -2.981  7.811   1.00 17.91 ? 189 ASP A C     1 
ATOM   1399 O O     . ASP A 1 189 ? 16.332  -2.004  7.111   1.00 16.75 ? 189 ASP A O     1 
ATOM   1400 C CB    . ASP A 1 189 ? 17.461  -5.017  7.447   1.00 19.89 ? 189 ASP A CB    1 
ATOM   1401 C CG    . ASP A 1 189 ? 18.822  -5.756  7.619   1.00 25.39 ? 189 ASP A CG    1 
ATOM   1402 O OD1   . ASP A 1 189 ? 19.606  -5.242  8.471   1.00 28.77 ? 189 ASP A OD1   1 
ATOM   1403 O OD2   . ASP A 1 189 ? 18.828  -6.897  7.041   1.00 32.55 ? 189 ASP A OD2   1 
ATOM   1404 N N     . ALA A 1 190 ? 14.818  -3.298  8.138   1.00 15.32 ? 190 ALA A N     1 
ATOM   1405 C CA    . ALA A 1 190 ? 13.661  -2.505  7.666   1.00 14.19 ? 190 ALA A CA    1 
ATOM   1406 C C     . ALA A 1 190 ? 13.639  -1.187  8.386   1.00 12.86 ? 190 ALA A C     1 
ATOM   1407 O O     . ALA A 1 190 ? 13.417  -0.139  7.679   1.00 12.84 ? 190 ALA A O     1 
ATOM   1408 C CB    . ALA A 1 190 ? 12.365  -3.279  7.860   1.00 11.67 ? 190 ALA A CB    1 
ATOM   1409 N N     . LYS A 1 191 ? 13.920  -1.035  9.671   1.00 11.54 ? 191 LYS A N     1 
ATOM   1410 C CA    . LYS A 1 191 ? 13.991  0.254   10.288  1.00 14.00 ? 191 LYS A CA    1 
ATOM   1411 C C     . LYS A 1 191 ? 15.120  1.024   9.771   1.00 13.57 ? 191 LYS A C     1 
ATOM   1412 O O     . LYS A 1 191 ? 14.893  2.225   9.553   1.00 12.64 ? 191 LYS A O     1 
ATOM   1413 C CB    . LYS A 1 191 ? 14.077  0.051   11.781  1.00 13.49 ? 191 LYS A CB    1 
ATOM   1414 C CG    . LYS A 1 191 ? 12.806  -0.435  12.434  1.00 16.13 ? 191 LYS A CG    1 
ATOM   1415 C CD    . LYS A 1 191 ? 12.943  -0.614  13.996  1.00 22.44 ? 191 LYS A CD    1 
ATOM   1416 C CE    . LYS A 1 191 ? 11.484  -0.945  14.694  1.00 32.43 ? 191 LYS A CE    1 
ATOM   1417 N NZ    . LYS A 1 191 ? 10.683  -2.394  14.697  1.00 42.25 ? 191 LYS A NZ    1 
ATOM   1418 N N     . ALA A 1 192 ? 16.222  0.499   9.526   1.00 13.79 ? 192 ALA A N     1 
ATOM   1419 C CA    . ALA A 1 192 ? 17.367  1.246   8.878   1.00 16.23 ? 192 ALA A CA    1 
ATOM   1420 C C     . ALA A 1 192 ? 16.996  1.723   7.485   1.00 15.14 ? 192 ALA A C     1 
ATOM   1421 O O     . ALA A 1 192 ? 17.318  2.902   7.112   1.00 14.67 ? 192 ALA A O     1 
ATOM   1422 C CB    . ALA A 1 192 ? 18.726  0.421   8.767   1.00 17.39 ? 192 ALA A CB    1 
ATOM   1423 N N     . ALA A 1 193 ? 16.316  0.963   6.654   1.00 14.01 ? 193 ALA A N     1 
ATOM   1424 C CA    . ALA A 1 193 ? 15.836  1.392   5.427   1.00 14.32 ? 193 ALA A CA    1 
ATOM   1425 C C     . ALA A 1 193 ? 14.851  2.520   5.562   1.00 15.18 ? 193 ALA A C     1 
ATOM   1426 O O     . ALA A 1 193 ? 14.909  3.582   4.825   1.00 14.80 ? 193 ALA A O     1 
ATOM   1427 C CB    . ALA A 1 193 ? 15.230  0.227   4.528   1.00 14.81 ? 193 ALA A CB    1 
ATOM   1428 N N     . ILE A 1 194 ? 13.899  2.477   6.457   1.00 11.98 ? 194 ILE A N     1 
ATOM   1429 C CA    . ILE A 1 194 ? 12.950  3.481   6.815   1.00 12.56 ? 194 ILE A CA    1 
ATOM   1430 C C     . ILE A 1 194 ? 13.714  4.735   7.263   1.00 13.60 ? 194 ILE A C     1 
ATOM   1431 O O     . ILE A 1 194 ? 13.398  5.861   6.702   1.00 14.81 ? 194 ILE A O     1 
ATOM   1432 C CB    . ILE A 1 194 ? 11.921  3.057   7.869   1.00 11.34 ? 194 ILE A CB    1 
ATOM   1433 C CG1   . ILE A 1 194 ? 10.927  2.007   7.227   1.00 10.82 ? 194 ILE A CG1   1 
ATOM   1434 C CG2   . ILE A 1 194 ? 11.107  4.242   8.445   1.00 15.65 ? 194 ILE A CG2   1 
ATOM   1435 C CD1   . ILE A 1 194 ? 10.138  1.263   8.229   1.00 10.95 ? 194 ILE A CD1   1 
ATOM   1436 N N     . ASP A 1 195 ? 14.679  4.643   8.098   1.00 15.00 ? 195 ASP A N     1 
ATOM   1437 C CA    . ASP A 1 195 ? 15.422  5.880   8.536   1.00 13.36 ? 195 ASP A CA    1 
ATOM   1438 C C     . ASP A 1 195 ? 16.042  6.472   7.311   1.00 16.14 ? 195 ASP A C     1 
ATOM   1439 O O     . ASP A 1 195 ? 16.061  7.790   7.286   1.00 17.86 ? 195 ASP A O     1 
ATOM   1440 C CB    . ASP A 1 195 ? 16.535  5.416   9.451   1.00 15.48 ? 195 ASP A CB    1 
ATOM   1441 C CG    . ASP A 1 195 ? 16.088  4.911   10.696  1.00 12.75 ? 195 ASP A CG    1 
ATOM   1442 O OD1   . ASP A 1 195 ? 14.948  5.150   11.236  1.00 14.43 ? 195 ASP A OD1   1 
ATOM   1443 O OD2   . ASP A 1 195 ? 16.893  4.204   11.430  1.00 16.69 ? 195 ASP A OD2   1 
ATOM   1444 N N     . SER A 1 196 ? 16.605  5.758   6.377   1.00 14.76 ? 196 SER A N     1 
ATOM   1445 C CA    . SER A 1 196 ? 17.279  6.404   5.226   1.00 16.96 ? 196 SER A CA    1 
ATOM   1446 C C     . SER A 1 196 ? 16.241  7.121   4.470   1.00 18.58 ? 196 SER A C     1 
ATOM   1447 O O     . SER A 1 196 ? 16.489  8.253   3.933   1.00 21.39 ? 196 SER A O     1 
ATOM   1448 C CB    . SER A 1 196 ? 17.967  5.434   4.310   1.00 19.55 ? 196 SER A CB    1 
ATOM   1449 O OG    . SER A 1 196 ? 17.210  4.423   3.668   1.00 33.25 ? 196 SER A OG    1 
ATOM   1450 N N     . ILE A 1 197 ? 15.014  6.680   4.317   1.00 15.79 ? 197 ILE A N     1 
ATOM   1451 C CA    . ILE A 1 197 ? 13.994  7.371   3.561   1.00 16.81 ? 197 ILE A CA    1 
ATOM   1452 C C     . ILE A 1 197 ? 13.510  8.536   4.305   1.00 17.58 ? 197 ILE A C     1 
ATOM   1453 O O     . ILE A 1 197 ? 13.300  9.654   3.678   1.00 19.44 ? 197 ILE A O     1 
ATOM   1454 C CB    . ILE A 1 197 ? 12.791  6.293   3.215   1.00 16.19 ? 197 ILE A CB    1 
ATOM   1455 C CG1   . ILE A 1 197 ? 13.254  5.281   2.252   1.00 15.89 ? 197 ILE A CG1   1 
ATOM   1456 C CG2   . ILE A 1 197 ? 11.496  7.052   2.784   1.00 18.10 ? 197 ILE A CG2   1 
ATOM   1457 C CD1   . ILE A 1 197 ? 12.339  3.921   2.312   1.00 16.40 ? 197 ILE A CD1   1 
ATOM   1458 N N     . VAL A 1 198 ? 13.234  8.482   5.582   1.00 16.21 ? 198 VAL A N     1 
ATOM   1459 C CA    . VAL A 1 198 ? 12.696  9.559   6.371   1.00 16.70 ? 198 VAL A CA    1 
ATOM   1460 C C     . VAL A 1 198 ? 13.786  10.730  6.407   1.00 16.95 ? 198 VAL A C     1 
ATOM   1461 O O     . VAL A 1 198 ? 13.325  11.929  6.282   1.00 24.18 ? 198 VAL A O     1 
ATOM   1462 C CB    . VAL A 1 198 ? 12.305  9.148   7.784   1.00 19.66 ? 198 VAL A CB    1 
ATOM   1463 C CG1   . VAL A 1 198 ? 11.826  10.324  8.655   1.00 23.16 ? 198 VAL A CG1   1 
ATOM   1464 C CG2   . VAL A 1 198 ? 11.146  8.081   7.710   1.00 19.27 ? 198 VAL A CG2   1 
ATOM   1465 N N     . SER A 1 199 ? 15.004  10.422  6.311   1.00 17.14 ? 199 SER A N     1 
ATOM   1466 C CA    . SER A 1 199 ? 16.121  11.489  6.439   1.00 19.51 ? 199 SER A CA    1 
ATOM   1467 C C     . SER A 1 199 ? 16.893  11.735  5.130   1.00 24.07 ? 199 SER A C     1 
ATOM   1468 O O     . SER A 1 199 ? 18.056  12.316  5.178   1.00 25.57 ? 199 SER A O     1 
ATOM   1469 C CB    . SER A 1 199 ? 17.105  11.021  7.407   1.00 20.73 ? 199 SER A CB    1 
ATOM   1470 O OG    . SER A 1 199 ? 17.949  9.978   6.945   1.00 29.53 ? 199 SER A OG    1 
ATOM   1471 N N     . ALA A 1 200 ? 16.276  11.395  4.031   1.00 20.30 ? 200 ALA A N     1 
ATOM   1472 C CA    . ALA A 1 200 ? 16.728  11.775  2.708   1.00 20.76 ? 200 ALA A CA    1 
ATOM   1473 C C     . ALA A 1 200 ? 16.052  13.173  2.482   1.00 24.93 ? 200 ALA A C     1 
ATOM   1474 O O     . ALA A 1 200 ? 14.903  13.563  2.787   1.00 22.73 ? 200 ALA A O     1 
ATOM   1475 C CB    . ALA A 1 200 ? 16.155  10.753  1.659   1.00 21.91 ? 200 ALA A CB    1 
ATOM   1476 O OXT   . ALA A 1 200 ? 16.679  13.914  1.784   1.00 24.42 ? 200 ALA A OXT   1 
HETATM 1477 N N1    . FMN B 2 .   ? 5.356   -15.850 4.283   1.00 10.26 ? 201 FMN A N1    1 
HETATM 1478 C C2    . FMN B 2 .   ? 5.996   -15.991 3.187   1.00 9.20  ? 201 FMN A C2    1 
HETATM 1479 O O2    . FMN B 2 .   ? 7.153   -15.877 3.012   1.00 13.33 ? 201 FMN A O2    1 
HETATM 1480 N N3    . FMN B 2 .   ? 5.236   -16.379 2.012   1.00 10.35 ? 201 FMN A N3    1 
HETATM 1481 C C4    . FMN B 2 .   ? 3.922   -16.559 2.107   1.00 7.99  ? 201 FMN A C4    1 
HETATM 1482 O O4    . FMN B 2 .   ? 3.274   -16.858 0.980   1.00 11.43 ? 201 FMN A O4    1 
HETATM 1483 C C4A   . FMN B 2 .   ? 3.192   -16.545 3.260   1.00 7.95  ? 201 FMN A C4A   1 
HETATM 1484 N N5    . FMN B 2 .   ? 1.928   -16.728 3.407   1.00 7.69  ? 201 FMN A N5    1 
HETATM 1485 C C5A   . FMN B 2 .   ? 1.236   -16.560 4.525   1.00 8.77  ? 201 FMN A C5A   1 
HETATM 1486 C C6    . FMN B 2 .   ? -0.110  -16.685 4.696   1.00 10.40 ? 201 FMN A C6    1 
HETATM 1487 C C7    . FMN B 2 .   ? -0.881  -16.330 5.770   1.00 13.21 ? 201 FMN A C7    1 
HETATM 1488 C C7M   . FMN B 2 .   ? -2.395  -16.379 5.877   1.00 13.63 ? 201 FMN A C7M   1 
HETATM 1489 C C8    . FMN B 2 .   ? -0.137  -15.739 6.920   1.00 10.64 ? 201 FMN A C8    1 
HETATM 1490 C C8M   . FMN B 2 .   ? -0.845  -15.358 8.107   1.00 13.02 ? 201 FMN A C8M   1 
HETATM 1491 C C9    . FMN B 2 .   ? 1.187   -15.676 6.806   1.00 10.60 ? 201 FMN A C9    1 
HETATM 1492 C C9A   . FMN B 2 .   ? 1.932   -15.933 5.721   1.00 9.24  ? 201 FMN A C9A   1 
HETATM 1493 N N10   . FMN B 2 .   ? 3.259   -15.790 5.552   1.00 8.85  ? 201 FMN A N10   1 
HETATM 1494 C C10   . FMN B 2 .   ? 4.042   -16.024 4.477   1.00 6.80  ? 201 FMN A C10   1 
HETATM 1495 C "C1'" . FMN B 2 .   ? 3.992   -15.160 6.749   1.00 9.69  ? 201 FMN A "C1'" 1 
HETATM 1496 C "C2'" . FMN B 2 .   ? 3.891   -13.599 6.636   1.00 10.02 ? 201 FMN A "C2'" 1 
HETATM 1497 O "O2'" . FMN B 2 .   ? 4.371   -13.058 5.421   1.00 10.63 ? 201 FMN A "O2'" 1 
HETATM 1498 C "C3'" . FMN B 2 .   ? 4.714   -13.055 7.816   1.00 10.94 ? 201 FMN A "C3'" 1 
HETATM 1499 O "O3'" . FMN B 2 .   ? 4.107   -13.480 9.013   1.00 12.87 ? 201 FMN A "O3'" 1 
HETATM 1500 C "C4'" . FMN B 2 .   ? 4.618   -11.522 7.675   1.00 10.86 ? 201 FMN A "C4'" 1 
HETATM 1501 O "O4'" . FMN B 2 .   ? 5.347   -10.957 8.849   1.00 13.31 ? 201 FMN A "O4'" 1 
HETATM 1502 C "C5'" . FMN B 2 .   ? 3.245   -11.006 7.685   1.00 10.56 ? 201 FMN A "C5'" 1 
HETATM 1503 O "O5'" . FMN B 2 .   ? 3.183   -9.502  7.897   1.00 10.04 ? 201 FMN A "O5'" 1 
HETATM 1504 P P     . FMN B 2 .   ? 2.214   -9.101  8.984   1.00 10.88 ? 201 FMN A P     1 
HETATM 1505 O O1P   . FMN B 2 .   ? 2.337   -7.524  8.926   1.00 9.99  ? 201 FMN A O1P   1 
HETATM 1506 O O2P   . FMN B 2 .   ? 0.762   -9.549  8.752   1.00 12.17 ? 201 FMN A O2P   1 
HETATM 1507 O O3P   . FMN B 2 .   ? 2.727   -9.563  10.360  1.00 12.26 ? 201 FMN A O3P   1 
HETATM 1508 C C1    . EDO C 3 .   ? 0.842   -11.304 -7.613  0.50 12.11 ? 202 EDO A C1    1 
HETATM 1509 O O1    . EDO C 3 .   ? 0.965   -10.522 -6.347  0.50 18.39 ? 202 EDO A O1    1 
HETATM 1510 C C2    . EDO C 3 .   ? -0.342  -10.903 -8.490  0.50 9.34  ? 202 EDO A C2    1 
HETATM 1511 O O2    . EDO C 3 .   ? 0.088   -10.313 -9.773  0.50 11.24 ? 202 EDO A O2    1 
HETATM 1512 C C1    . EDO D 3 .   ? 14.646  -3.247  2.700   1.00 16.43 ? 203 EDO A C1    1 
HETATM 1513 O O1    . EDO D 3 .   ? 15.184  -3.202  1.495   1.00 35.03 ? 203 EDO A O1    1 
HETATM 1514 C C2    . EDO D 3 .   ? 15.514  -3.596  3.967   1.00 22.08 ? 203 EDO A C2    1 
HETATM 1515 O O2    . EDO D 3 .   ? 16.320  -4.662  3.356   1.00 38.50 ? 203 EDO A O2    1 
HETATM 1516 O O     . HOH E 4 .   ? 9.814   -4.054  -9.177  1.00 29.33 ? 204 HOH A O     1 
HETATM 1517 O O     . HOH E 4 .   ? -0.650  -7.043  1.577   1.00 9.45  ? 205 HOH A O     1 
HETATM 1518 O O     . HOH E 4 .   ? -11.695 -7.306  -4.759  1.00 9.44  ? 206 HOH A O     1 
HETATM 1519 O O     . HOH E 4 .   ? -0.239  -3.903  7.480   1.00 10.69 ? 207 HOH A O     1 
HETATM 1520 O O     . HOH E 4 .   ? -7.168  -7.094  -8.305  1.00 9.74  ? 208 HOH A O     1 
HETATM 1521 O O     . HOH E 4 .   ? 2.655   9.646   -8.871  1.00 13.69 ? 209 HOH A O     1 
HETATM 1522 O O     . HOH E 4 .   ? -6.926  6.315   -0.340  1.00 11.77 ? 210 HOH A O     1 
HETATM 1523 O O     . HOH E 4 .   ? -3.888  -3.877  9.442   1.00 11.84 ? 211 HOH A O     1 
HETATM 1524 O O     . HOH E 4 .   ? -10.025 -4.162  2.966   1.00 11.51 ? 212 HOH A O     1 
HETATM 1525 O O     . HOH E 4 .   ? 4.947   -13.490 -4.362  1.00 11.50 ? 213 HOH A O     1 
HETATM 1526 O O     . HOH E 4 .   ? -4.890  -5.551  -8.153  1.00 11.24 ? 214 HOH A O     1 
HETATM 1527 O O     . HOH E 4 .   ? 5.425   8.674   -8.869  1.00 13.81 ? 215 HOH A O     1 
HETATM 1528 O O     . HOH E 4 .   ? -4.081  -19.730 3.994   1.00 15.00 ? 216 HOH A O     1 
HETATM 1529 O O     . HOH E 4 .   ? -5.307  -6.467  11.454  1.00 14.62 ? 217 HOH A O     1 
HETATM 1530 O O     . HOH E 4 .   ? -17.509 -7.926  0.472   1.00 16.92 ? 218 HOH A O     1 
HETATM 1531 O O     . HOH E 4 .   ? -13.707 -7.481  2.332   1.00 15.47 ? 219 HOH A O     1 
HETATM 1532 O O     . HOH E 4 .   ? 5.587   1.850   -10.049 1.00 14.79 ? 220 HOH A O     1 
HETATM 1533 O O     . HOH E 4 .   ? -10.451 -8.690  -8.439  1.00 15.13 ? 221 HOH A O     1 
HETATM 1534 O O     . HOH E 4 .   ? -12.958 -4.038  -4.292  1.00 13.37 ? 222 HOH A O     1 
HETATM 1535 O O     . HOH E 4 .   ? 19.928  3.681   7.567   1.00 17.88 ? 223 HOH A O     1 
HETATM 1536 O O     . HOH E 4 .   ? -6.121  -11.599 3.809   1.00 18.91 ? 224 HOH A O     1 
HETATM 1537 O O     . HOH E 4 .   ? 14.537  -8.191  5.352   1.00 19.16 ? 225 HOH A O     1 
HETATM 1538 O O     . HOH E 4 .   ? -22.597 -9.595  -7.632  1.00 21.28 ? 226 HOH A O     1 
HETATM 1539 O O     . HOH E 4 .   ? -11.205 -8.169  5.868   1.00 13.62 ? 227 HOH A O     1 
HETATM 1540 O O     . HOH E 4 .   ? -5.526  -3.913  12.574  1.00 16.56 ? 228 HOH A O     1 
HETATM 1541 O O     . HOH E 4 .   ? -18.594 -7.787  -2.402  1.00 20.71 ? 229 HOH A O     1 
HETATM 1542 O O     . HOH E 4 .   ? -1.556  -1.397  13.940  1.00 18.97 ? 230 HOH A O     1 
HETATM 1543 O O     . HOH E 4 .   ? -10.704 -7.413  8.418   1.00 17.26 ? 231 HOH A O     1 
HETATM 1544 O O     . HOH E 4 .   ? -19.774 -11.552 -8.719  1.00 19.21 ? 232 HOH A O     1 
HETATM 1545 O O     . HOH E 4 .   ? 5.972   -15.539 9.706   1.00 21.54 ? 233 HOH A O     1 
HETATM 1546 O O     . HOH E 4 .   ? 9.529   6.874   -3.205  1.00 20.02 ? 234 HOH A O     1 
HETATM 1547 O O     . HOH E 4 .   ? -11.217 -6.819  3.414   1.00 14.99 ? 235 HOH A O     1 
HETATM 1548 O O     . HOH E 4 .   ? 10.378  -16.621 13.892  1.00 24.88 ? 236 HOH A O     1 
HETATM 1549 O O     . HOH E 4 .   ? 4.030   15.091  10.960  1.00 19.38 ? 237 HOH A O     1 
HETATM 1550 O O     . HOH E 4 .   ? 12.012  -9.017  -5.187  1.00 21.84 ? 238 HOH A O     1 
HETATM 1551 O O     . HOH E 4 .   ? 8.034   0.656   -9.035  1.00 22.84 ? 239 HOH A O     1 
HETATM 1552 O O     . HOH E 4 .   ? -9.835  6.779   -20.564 1.00 26.06 ? 240 HOH A O     1 
HETATM 1553 O O     . HOH E 4 .   ? 13.418  0.224   -3.678  1.00 23.44 ? 241 HOH A O     1 
HETATM 1554 O O     . HOH E 4 .   ? 14.099  7.873   11.151  1.00 24.13 ? 242 HOH A O     1 
HETATM 1555 O O     . HOH E 4 .   ? -18.793 -10.575 -2.816  1.00 22.89 ? 243 HOH A O     1 
HETATM 1556 O O     . HOH E 4 .   ? -7.922  14.888  -4.052  1.00 20.48 ? 244 HOH A O     1 
HETATM 1557 O O     . HOH E 4 .   ? -5.809  0.445   13.172  1.00 22.81 ? 245 HOH A O     1 
HETATM 1558 O O     . HOH E 4 .   ? 15.786  -10.551 1.916   1.00 22.53 ? 246 HOH A O     1 
HETATM 1559 O O     . HOH E 4 .   ? -10.623 1.614   5.377   1.00 20.95 ? 247 HOH A O     1 
HETATM 1560 O O     . HOH E 4 .   ? -5.696  8.996   10.508  1.00 24.94 ? 248 HOH A O     1 
HETATM 1561 O O     . HOH E 4 .   ? 2.947   9.792   -13.169 1.00 22.51 ? 249 HOH A O     1 
HETATM 1562 O O     . HOH E 4 .   ? 12.073  -16.014 -4.597  1.00 24.66 ? 250 HOH A O     1 
HETATM 1563 O O     . HOH E 4 .   ? 15.819  -11.941 8.353   1.00 26.12 ? 251 HOH A O     1 
HETATM 1564 O O     . HOH E 4 .   ? -7.725  -7.508  11.941  1.00 17.25 ? 252 HOH A O     1 
HETATM 1565 O O     . HOH E 4 .   ? 18.869  9.689   4.379   1.00 26.50 ? 253 HOH A O     1 
HETATM 1566 O O     . HOH E 4 .   ? 3.375   12.208  -11.892 1.00 25.14 ? 254 HOH A O     1 
HETATM 1567 O O     . HOH E 4 .   ? 1.168   5.704   -15.737 1.00 27.08 ? 255 HOH A O     1 
HETATM 1568 O O     . HOH E 4 .   ? 17.876  -0.437  12.634  1.00 24.30 ? 256 HOH A O     1 
HETATM 1569 O O     . HOH E 4 .   ? 12.521  -18.770 2.286   1.00 32.84 ? 257 HOH A O     1 
HETATM 1570 O O     . HOH E 4 .   ? 3.871   -11.748 11.228  1.00 24.78 ? 258 HOH A O     1 
HETATM 1571 O O     . HOH E 4 .   ? -1.100  16.218  -3.233  1.00 30.10 ? 259 HOH A O     1 
HETATM 1572 O O     . HOH E 4 .   ? 7.891   16.732  4.162   1.00 27.62 ? 260 HOH A O     1 
HETATM 1573 O O     . HOH E 4 .   ? 5.188   13.679  -3.392  1.00 23.69 ? 261 HOH A O     1 
HETATM 1574 O O     . HOH E 4 .   ? -12.895 11.183  -6.228  1.00 24.11 ? 262 HOH A O     1 
HETATM 1575 O O     . HOH E 4 .   ? 8.220   -5.503  12.618  1.00 25.98 ? 263 HOH A O     1 
HETATM 1576 O O     . HOH E 4 .   ? -4.413  16.033  -6.951  1.00 27.14 ? 264 HOH A O     1 
HETATM 1577 O O     . HOH E 4 .   ? 19.440  4.153   10.499  1.00 31.09 ? 265 HOH A O     1 
HETATM 1578 O O     . HOH E 4 .   ? -3.772  2.340   12.779  1.00 24.99 ? 266 HOH A O     1 
HETATM 1579 O O     . HOH E 4 .   ? 0.883   5.203   13.416  1.00 29.87 ? 267 HOH A O     1 
HETATM 1580 O O     . HOH E 4 .   ? 16.761  -16.816 14.007  1.00 30.35 ? 268 HOH A O     1 
HETATM 1581 O O     . HOH E 4 .   ? 15.554  -8.227  2.715   1.00 28.65 ? 269 HOH A O     1 
HETATM 1582 O O     . HOH E 4 .   ? -12.828 1.460   -14.518 1.00 29.29 ? 270 HOH A O     1 
HETATM 1583 O O     . HOH E 4 .   ? 0.727   16.116  -9.442  1.00 29.03 ? 271 HOH A O     1 
HETATM 1584 O O     . HOH E 4 .   ? -2.967  13.504  -8.127  1.00 29.36 ? 272 HOH A O     1 
HETATM 1585 O O     . HOH E 4 .   ? 10.117  18.255  5.569   1.00 27.69 ? 273 HOH A O     1 
HETATM 1586 O O     . HOH E 4 .   ? 12.165  9.939   -4.720  1.00 28.07 ? 274 HOH A O     1 
HETATM 1587 O O     . HOH E 4 .   ? 7.465   10.883  16.833  1.00 24.98 ? 275 HOH A O     1 
HETATM 1588 O O     . HOH E 4 .   ? 0.712   -1.800  15.212  1.00 27.50 ? 276 HOH A O     1 
HETATM 1589 O O     . HOH E 4 .   ? 10.779  -10.800 -8.225  1.00 31.14 ? 277 HOH A O     1 
HETATM 1590 O O     . HOH E 4 .   ? -17.636 9.937   -1.742  1.00 26.91 ? 278 HOH A O     1 
HETATM 1591 O O     . HOH E 4 .   ? -10.397 12.569  -9.433  1.00 31.64 ? 279 HOH A O     1 
HETATM 1592 O O     . HOH E 4 .   ? 6.753   10.512  -10.231 1.00 32.45 ? 280 HOH A O     1 
HETATM 1593 O O     . HOH E 4 .   ? -24.322 -9.734  -9.552  1.00 35.17 ? 281 HOH A O     1 
HETATM 1594 O O     . HOH E 4 .   ? -21.451 -6.812  -13.785 1.00 37.11 ? 282 HOH A O     1 
HETATM 1595 O O     . HOH E 4 .   ? -0.672  -20.671 4.161   1.00 31.23 ? 283 HOH A O     1 
HETATM 1596 O O     . HOH E 4 .   ? -22.480 7.399   -5.055  1.00 35.58 ? 284 HOH A O     1 
HETATM 1597 O O     . HOH E 4 .   ? 2.505   15.430  -4.579  1.00 29.84 ? 285 HOH A O     1 
HETATM 1598 O O     . HOH E 4 .   ? 0.645   15.092  -6.266  1.00 29.14 ? 286 HOH A O     1 
HETATM 1599 O O     . HOH E 4 .   ? 0.639   12.521  -20.800 1.00 28.22 ? 287 HOH A O     1 
HETATM 1600 O O     . HOH E 4 .   ? 16.791  2.067   13.290  1.00 27.61 ? 288 HOH A O     1 
HETATM 1601 O O     . HOH E 4 .   ? 17.513  5.730   14.151  1.00 33.86 ? 289 HOH A O     1 
HETATM 1602 O O     . HOH E 4 .   ? 15.790  9.193   9.794   1.00 33.44 ? 290 HOH A O     1 
HETATM 1603 O O     . HOH E 4 .   ? -0.936  1.051   15.813  1.00 30.21 ? 291 HOH A O     1 
HETATM 1604 O O     . HOH E 4 .   ? 11.877  12.746  3.458   1.00 29.52 ? 292 HOH A O     1 
HETATM 1605 O O     . HOH E 4 .   ? 2.062   14.535  17.325  1.00 24.39 ? 293 HOH A O     1 
HETATM 1606 O O     . HOH E 4 .   ? 5.291   8.847   -13.815 1.00 27.00 ? 294 HOH A O     1 
HETATM 1607 O O     . HOH E 4 .   ? -5.826  13.493  -11.216 1.00 38.20 ? 295 HOH A O     1 
HETATM 1608 O O     . HOH E 4 .   ? -7.802  12.888  2.548   1.00 30.86 ? 296 HOH A O     1 
HETATM 1609 O O     . HOH E 4 .   ? -8.783  7.682   6.578   1.00 32.31 ? 297 HOH A O     1 
HETATM 1610 O O     . HOH E 4 .   ? -9.082  10.941  4.284   1.00 32.53 ? 298 HOH A O     1 
HETATM 1611 O O     . HOH E 4 .   ? -15.578 11.716  -2.296  1.00 36.50 ? 299 HOH A O     1 
HETATM 1612 O O     . HOH E 4 .   ? -15.583 -0.157  8.974   1.00 32.13 ? 300 HOH A O     1 
HETATM 1613 O O     . HOH E 4 .   ? -10.560 1.987   13.174  1.00 36.68 ? 301 HOH A O     1 
HETATM 1614 O O     . HOH E 4 .   ? 10.634  -6.534  -9.312  1.00 31.67 ? 302 HOH A O     1 
HETATM 1615 O O     . HOH E 4 .   ? 2.650   -0.414  -14.973 1.00 28.82 ? 303 HOH A O     1 
HETATM 1616 O O     . HOH E 4 .   ? -6.018  -10.592 13.966  1.00 32.48 ? 304 HOH A O     1 
HETATM 1617 O O     . HOH E 4 .   ? 13.255  8.598   17.440  1.00 32.87 ? 305 HOH A O     1 
HETATM 1618 O O     . HOH E 4 .   ? -28.052 -4.487  -3.949  1.00 43.13 ? 306 HOH A O     1 
HETATM 1619 O O     . HOH E 4 .   ? -13.766 9.851   -8.291  1.00 33.71 ? 307 HOH A O     1 
HETATM 1620 O O     . HOH E 4 .   ? -10.039 13.057  1.247   1.00 32.68 ? 308 HOH A O     1 
HETATM 1621 O O     . HOH E 4 .   ? -1.610  9.900   -33.717 1.00 34.69 ? 309 HOH A O     1 
HETATM 1622 O O     . HOH E 4 .   ? 18.621  -1.867  5.496   1.00 34.72 ? 310 HOH A O     1 
HETATM 1623 O O     . HOH E 4 .   ? -3.024  13.584  5.677   1.00 29.67 ? 311 HOH A O     1 
HETATM 1624 O O     . HOH E 4 .   ? -4.170  9.425   -27.412 1.00 37.85 ? 312 HOH A O     1 
HETATM 1625 O O     . HOH E 4 .   ? 10.956  3.975   -8.669  1.00 33.08 ? 313 HOH A O     1 
HETATM 1626 O O     . HOH E 4 .   ? 17.571  -19.517 10.788  0.50 23.38 ? 314 HOH A O     1 
HETATM 1627 O O     . HOH E 4 .   ? 7.367   -18.956 1.760   1.00 34.38 ? 315 HOH A O     1 
HETATM 1628 O O     . HOH E 4 .   ? 4.407   -19.606 2.953   1.00 37.17 ? 316 HOH A O     1 
HETATM 1629 O O     . HOH E 4 .   ? -3.802  -6.817  18.569  1.00 30.44 ? 317 HOH A O     1 
HETATM 1630 O O     . HOH E 4 .   ? 7.113   12.211  -7.563  1.00 31.40 ? 318 HOH A O     1 
HETATM 1631 O O     . HOH E 4 .   ? -11.605 11.353  0.793   1.00 29.67 ? 319 HOH A O     1 
HETATM 1632 O O     . HOH E 4 .   ? -8.936  3.025   9.257   1.00 20.99 ? 320 HOH A O     1 
# 
loop_
_pdbx_poly_seq_scheme.asym_id 
_pdbx_poly_seq_scheme.entity_id 
_pdbx_poly_seq_scheme.seq_id 
_pdbx_poly_seq_scheme.mon_id 
_pdbx_poly_seq_scheme.ndb_seq_num 
_pdbx_poly_seq_scheme.pdb_seq_num 
_pdbx_poly_seq_scheme.auth_seq_num 
_pdbx_poly_seq_scheme.pdb_mon_id 
_pdbx_poly_seq_scheme.auth_mon_id 
_pdbx_poly_seq_scheme.pdb_strand_id 
_pdbx_poly_seq_scheme.pdb_ins_code 
_pdbx_poly_seq_scheme.hetero 
A 1 1   SER 1   1   1   SER SER A . n 
A 1 2   LYS 2   2   2   LYS LYS A . n 
A 1 3   VAL 3   3   3   VAL VAL A . n 
A 1 4   LEU 4   4   4   LEU LEU A . n 
A 1 5   VAL 5   5   5   VAL VAL A . n 
A 1 6   LEU 6   6   6   LEU LEU A . n 
A 1 7   LYS 7   7   7   LYS LYS A . n 
A 1 8   SER 8   8   8   SER SER A . n 
A 1 9   SER 9   9   9   SER SER A . n 
A 1 10  ILE 10  10  10  ILE ILE A . n 
A 1 11  LEU 11  11  11  LEU LEU A . n 
A 1 12  ALA 12  12  12  ALA ALA A . n 
A 1 13  GLY 13  13  13  GLY GLY A . n 
A 1 14  TYR 14  14  14  TYR TYR A . n 
A 1 15  SER 15  15  15  SER SER A . n 
A 1 16  GLN 16  16  16  GLN GLN A . n 
A 1 17  SER 17  17  17  SER SER A . n 
A 1 18  ASN 18  18  18  ASN ASN A . n 
A 1 19  GLN 19  19  19  GLN GLN A . n 
A 1 20  LEU 20  20  20  LEU LEU A . n 
A 1 21  SER 21  21  21  SER SER A . n 
A 1 22  ASP 22  22  22  ASP ASP A . n 
A 1 23  TYR 23  23  23  TYR TYR A . n 
A 1 24  PHE 24  24  24  PHE PHE A . n 
A 1 25  VAL 25  25  25  VAL VAL A . n 
A 1 26  GLU 26  26  26  GLU GLU A . n 
A 1 27  GLN 27  27  27  GLN GLN A . n 
A 1 28  TRP 28  28  28  TRP TRP A . n 
A 1 29  ARG 29  29  29  ARG ARG A . n 
A 1 30  GLU 30  30  30  GLU GLU A . n 
A 1 31  LYS 31  31  31  LYS LYS A . n 
A 1 32  HIS 32  32  32  HIS HIS A . n 
A 1 33  SER 33  33  33  SER SER A . n 
A 1 34  ALA 34  34  34  ALA ALA A . n 
A 1 35  ASP 35  35  35  ASP ASP A . n 
A 1 36  GLU 36  36  36  GLU GLU A . n 
A 1 37  ILE 37  37  37  ILE ILE A . n 
A 1 38  THR 38  38  38  THR THR A . n 
A 1 39  VAL 39  39  39  VAL VAL A . n 
A 1 40  ARG 40  40  40  ARG ARG A . n 
A 1 41  ASP 41  41  41  ASP ASP A . n 
A 1 42  LEU 42  42  42  LEU LEU A . n 
A 1 43  ALA 43  43  43  ALA ALA A . n 
A 1 44  ALA 44  44  44  ALA ALA A . n 
A 1 45  ASN 45  45  45  ASN ASN A . n 
A 1 46  PRO 46  46  46  PRO PRO A . n 
A 1 47  ILE 47  47  47  ILE ILE A . n 
A 1 48  PRO 48  48  48  PRO PRO A . n 
A 1 49  VAL 49  49  49  VAL VAL A . n 
A 1 50  LEU 50  50  50  LEU LEU A . n 
A 1 51  ASP 51  51  51  ASP ASP A . n 
A 1 52  GLY 52  52  52  GLY GLY A . n 
A 1 53  GLU 53  53  53  GLU GLU A . n 
A 1 54  LEU 54  54  54  LEU LEU A . n 
A 1 55  VAL 55  55  55  VAL VAL A . n 
A 1 56  GLY 56  56  56  GLY GLY A . n 
A 1 57  ALA 57  57  57  ALA ALA A . n 
A 1 58  LEU 58  58  58  LEU LEU A . n 
A 1 59  ARG 59  59  ?   ?   ?   A . n 
A 1 60  PRO 60  60  ?   ?   ?   A . n 
A 1 61  SER 61  61  ?   ?   ?   A . n 
A 1 62  ASP 62  62  ?   ?   ?   A . n 
A 1 63  ALA 63  63  ?   ?   ?   A . n 
A 1 64  PRO 64  64  ?   ?   ?   A . n 
A 1 65  LEU 65  65  65  LEU LEU A . n 
A 1 66  THR 66  66  66  THR THR A . n 
A 1 67  PRO 67  67  67  PRO PRO A . n 
A 1 68  ARG 68  68  68  ARG ARG A . n 
A 1 69  GLN 69  69  69  GLN GLN A . n 
A 1 70  GLN 70  70  70  GLN GLN A . n 
A 1 71  GLU 71  71  71  GLU GLU A . n 
A 1 72  ALA 72  72  72  ALA ALA A . n 
A 1 73  LEU 73  73  73  LEU LEU A . n 
A 1 74  ALA 74  74  74  ALA ALA A . n 
A 1 75  LEU 75  75  75  LEU LEU A . n 
A 1 76  SER 76  76  76  SER SER A . n 
A 1 77  ASP 77  77  77  ASP ASP A . n 
A 1 78  GLU 78  78  78  GLU GLU A . n 
A 1 79  LEU 79  79  79  LEU LEU A . n 
A 1 80  ILE 80  80  80  ILE ILE A . n 
A 1 81  ALA 81  81  81  ALA ALA A . n 
A 1 82  GLU 82  82  82  GLU GLU A . n 
A 1 83  LEU 83  83  83  LEU LEU A . n 
A 1 84  LYS 84  84  84  LYS LYS A . n 
A 1 85  ALA 85  85  85  ALA ALA A . n 
A 1 86  HIS 86  86  86  HIS HIS A . n 
A 1 87  ASP 87  87  87  ASP ASP A . n 
A 1 88  VAL 88  88  88  VAL VAL A . n 
A 1 89  ILE 89  89  89  ILE ILE A . n 
A 1 90  VAL 90  90  90  VAL VAL A . n 
A 1 91  ILE 91  91  91  ILE ILE A . n 
A 1 92  ALA 92  92  92  ALA ALA A . n 
A 1 93  ALA 93  93  93  ALA ALA A . n 
A 1 94  PRO 94  94  94  PRO PRO A . n 
A 1 95  MET 95  95  95  MET MET A . n 
A 1 96  TYR 96  96  96  TYR TYR A . n 
A 1 97  ASN 97  97  97  ASN ASN A . n 
A 1 98  PHE 98  98  98  PHE PHE A . n 
A 1 99  ASN 99  99  99  ASN ASN A . n 
A 1 100 ILE 100 100 100 ILE ILE A . n 
A 1 101 SER 101 101 101 SER SER A . n 
A 1 102 THR 102 102 102 THR THR A . n 
A 1 103 GLN 103 103 103 GLN GLN A . n 
A 1 104 LEU 104 104 104 LEU LEU A . n 
A 1 105 LYS 105 105 105 LYS LYS A . n 
A 1 106 ASN 106 106 106 ASN ASN A . n 
A 1 107 TYR 107 107 107 TYR TYR A . n 
A 1 108 PHE 108 108 108 PHE PHE A . n 
A 1 109 ASP 109 109 109 ASP ASP A . n 
A 1 110 LEU 110 110 110 LEU LEU A . n 
A 1 111 VAL 111 111 111 VAL VAL A . n 
A 1 112 ALA 112 112 112 ALA ALA A . n 
A 1 113 ARG 113 113 113 ARG ARG A . n 
A 1 114 ALA 114 114 114 ALA ALA A . n 
A 1 115 GLY 115 115 115 GLY GLY A . n 
A 1 116 VAL 116 116 116 VAL VAL A . n 
A 1 117 THR 117 117 117 THR THR A . n 
A 1 118 PHE 118 118 118 PHE PHE A . n 
A 1 119 ARG 119 119 119 ARG ARG A . n 
A 1 120 TYR 120 120 120 TYR TYR A . n 
A 1 121 THR 121 121 121 THR THR A . n 
A 1 122 GLU 122 122 122 GLU GLU A . n 
A 1 123 ASN 123 123 123 ASN ASN A . n 
A 1 124 GLY 124 124 124 GLY GLY A . n 
A 1 125 PRO 125 125 125 PRO PRO A . n 
A 1 126 GLU 126 126 126 GLU GLU A . n 
A 1 127 GLY 127 127 127 GLY GLY A . n 
A 1 128 LEU 128 128 128 LEU LEU A . n 
A 1 129 VAL 129 129 129 VAL VAL A . n 
A 1 130 THR 130 130 130 THR THR A . n 
A 1 131 GLY 131 131 131 GLY GLY A . n 
A 1 132 LYS 132 132 132 LYS LYS A . n 
A 1 133 LYS 133 133 133 LYS LYS A . n 
A 1 134 ALA 134 134 134 ALA ALA A . n 
A 1 135 ILE 135 135 135 ILE ILE A . n 
A 1 136 VAL 136 136 136 VAL VAL A . n 
A 1 137 ILE 137 137 137 ILE ILE A . n 
A 1 138 THR 138 138 138 THR THR A . n 
A 1 139 SER 139 139 139 SER SER A . n 
A 1 140 ARG 140 140 140 ARG ARG A . n 
A 1 141 GLY 141 141 141 GLY GLY A . n 
A 1 142 GLY 142 142 142 GLY GLY A . n 
A 1 143 ILE 143 143 143 ILE ILE A . n 
A 1 144 HIS 144 144 144 HIS HIS A . n 
A 1 145 LYS 145 145 145 LYS LYS A . n 
A 1 146 ASP 146 146 146 ASP ASP A . n 
A 1 147 GLY 147 147 147 GLY GLY A . n 
A 1 148 PRO 148 148 148 PRO PRO A . n 
A 1 149 THR 149 149 149 THR THR A . n 
A 1 150 ASP 150 150 150 ASP ASP A . n 
A 1 151 LEU 151 151 151 LEU LEU A . n 
A 1 152 VAL 152 152 152 VAL VAL A . n 
A 1 153 THR 153 153 153 THR THR A . n 
A 1 154 PRO 154 154 154 PRO PRO A . n 
A 1 155 TYR 155 155 155 TYR TYR A . n 
A 1 156 LEU 156 156 156 LEU LEU A . n 
A 1 157 SER 157 157 157 SER SER A . n 
A 1 158 THR 158 158 158 THR THR A . n 
A 1 159 PHE 159 159 159 PHE PHE A . n 
A 1 160 LEU 160 160 160 LEU LEU A . n 
A 1 161 GLY 161 161 161 GLY GLY A . n 
A 1 162 PHE 162 162 162 PHE PHE A . n 
A 1 163 ILE 163 163 163 ILE ILE A . n 
A 1 164 GLY 164 164 164 GLY GLY A . n 
A 1 165 ILE 165 165 165 ILE ILE A . n 
A 1 166 THR 166 166 166 THR THR A . n 
A 1 167 ASP 167 167 167 ASP ASP A . n 
A 1 168 VAL 168 168 168 VAL VAL A . n 
A 1 169 LYS 169 169 169 LYS LYS A . n 
A 1 170 PHE 170 170 170 PHE PHE A . n 
A 1 171 VAL 171 171 171 VAL VAL A . n 
A 1 172 PHE 172 172 172 PHE PHE A . n 
A 1 173 ALA 173 173 173 ALA ALA A . n 
A 1 174 GLU 174 174 174 GLU GLU A . n 
A 1 175 GLY 175 175 175 GLY GLY A . n 
A 1 176 ILE 176 176 176 ILE ILE A . n 
A 1 177 ALA 177 177 177 ALA ALA A . n 
A 1 178 TYR 178 178 178 TYR TYR A . n 
A 1 179 GLY 179 179 179 GLY GLY A . n 
A 1 180 PRO 180 180 180 PRO PRO A . n 
A 1 181 GLU 181 181 181 GLU GLU A . n 
A 1 182 MET 182 182 182 MET MET A . n 
A 1 183 ALA 183 183 183 ALA ALA A . n 
A 1 184 ALA 184 184 184 ALA ALA A . n 
A 1 185 LYS 185 185 185 LYS LYS A . n 
A 1 186 ALA 186 186 186 ALA ALA A . n 
A 1 187 GLN 187 187 187 GLN GLN A . n 
A 1 188 SER 188 188 188 SER SER A . n 
A 1 189 ASP 189 189 189 ASP ASP A . n 
A 1 190 ALA 190 190 190 ALA ALA A . n 
A 1 191 LYS 191 191 191 LYS LYS A . n 
A 1 192 ALA 192 192 192 ALA ALA A . n 
A 1 193 ALA 193 193 193 ALA ALA A . n 
A 1 194 ILE 194 194 194 ILE ILE A . n 
A 1 195 ASP 195 195 195 ASP ASP A . n 
A 1 196 SER 196 196 196 SER SER A . n 
A 1 197 ILE 197 197 197 ILE ILE A . n 
A 1 198 VAL 198 198 198 VAL VAL A . n 
A 1 199 SER 199 199 199 SER SER A . n 
A 1 200 ALA 200 200 200 ALA ALA A . n 
# 
loop_
_pdbx_nonpoly_scheme.asym_id 
_pdbx_nonpoly_scheme.entity_id 
_pdbx_nonpoly_scheme.mon_id 
_pdbx_nonpoly_scheme.ndb_seq_num 
_pdbx_nonpoly_scheme.pdb_seq_num 
_pdbx_nonpoly_scheme.auth_seq_num 
_pdbx_nonpoly_scheme.pdb_mon_id 
_pdbx_nonpoly_scheme.auth_mon_id 
_pdbx_nonpoly_scheme.pdb_strand_id 
_pdbx_nonpoly_scheme.pdb_ins_code 
B 2 FMN 1   201 201 FMN FMN A . 
C 3 EDO 1   202 202 EDO EGL A . 
D 3 EDO 1   203 203 EDO EGL A . 
E 4 HOH 1   204 1   HOH HOH A . 
E 4 HOH 2   205 2   HOH HOH A . 
E 4 HOH 3   206 3   HOH HOH A . 
E 4 HOH 4   207 4   HOH HOH A . 
E 4 HOH 5   208 5   HOH HOH A . 
E 4 HOH 6   209 6   HOH HOH A . 
E 4 HOH 7   210 7   HOH HOH A . 
E 4 HOH 8   211 8   HOH HOH A . 
E 4 HOH 9   212 9   HOH HOH A . 
E 4 HOH 10  213 10  HOH HOH A . 
E 4 HOH 11  214 11  HOH HOH A . 
E 4 HOH 12  215 12  HOH HOH A . 
E 4 HOH 13  216 13  HOH HOH A . 
E 4 HOH 14  217 14  HOH HOH A . 
E 4 HOH 15  218 15  HOH HOH A . 
E 4 HOH 16  219 16  HOH HOH A . 
E 4 HOH 17  220 17  HOH HOH A . 
E 4 HOH 18  221 18  HOH HOH A . 
E 4 HOH 19  222 19  HOH HOH A . 
E 4 HOH 20  223 20  HOH HOH A . 
E 4 HOH 21  224 21  HOH HOH A . 
E 4 HOH 22  225 22  HOH HOH A . 
E 4 HOH 23  226 23  HOH HOH A . 
E 4 HOH 24  227 24  HOH HOH A . 
E 4 HOH 25  228 25  HOH HOH A . 
E 4 HOH 26  229 26  HOH HOH A . 
E 4 HOH 27  230 27  HOH HOH A . 
E 4 HOH 28  231 28  HOH HOH A . 
E 4 HOH 29  232 29  HOH HOH A . 
E 4 HOH 30  233 30  HOH HOH A . 
E 4 HOH 31  234 31  HOH HOH A . 
E 4 HOH 32  235 32  HOH HOH A . 
E 4 HOH 33  236 33  HOH HOH A . 
E 4 HOH 34  237 34  HOH HOH A . 
E 4 HOH 35  238 35  HOH HOH A . 
E 4 HOH 36  239 36  HOH HOH A . 
E 4 HOH 37  240 37  HOH HOH A . 
E 4 HOH 38  241 38  HOH HOH A . 
E 4 HOH 39  242 39  HOH HOH A . 
E 4 HOH 40  243 40  HOH HOH A . 
E 4 HOH 41  244 41  HOH HOH A . 
E 4 HOH 42  245 42  HOH HOH A . 
E 4 HOH 43  246 43  HOH HOH A . 
E 4 HOH 44  247 44  HOH HOH A . 
E 4 HOH 45  248 45  HOH HOH A . 
E 4 HOH 46  249 46  HOH HOH A . 
E 4 HOH 47  250 47  HOH HOH A . 
E 4 HOH 48  251 48  HOH HOH A . 
E 4 HOH 49  252 49  HOH HOH A . 
E 4 HOH 50  253 50  HOH HOH A . 
E 4 HOH 51  254 51  HOH HOH A . 
E 4 HOH 52  255 52  HOH HOH A . 
E 4 HOH 53  256 53  HOH HOH A . 
E 4 HOH 54  257 54  HOH HOH A . 
E 4 HOH 55  258 55  HOH HOH A . 
E 4 HOH 56  259 56  HOH HOH A . 
E 4 HOH 57  260 57  HOH HOH A . 
E 4 HOH 58  261 58  HOH HOH A . 
E 4 HOH 59  262 59  HOH HOH A . 
E 4 HOH 60  263 60  HOH HOH A . 
E 4 HOH 61  264 61  HOH HOH A . 
E 4 HOH 62  265 62  HOH HOH A . 
E 4 HOH 63  266 63  HOH HOH A . 
E 4 HOH 64  267 64  HOH HOH A . 
E 4 HOH 65  268 65  HOH HOH A . 
E 4 HOH 66  269 66  HOH HOH A . 
E 4 HOH 67  270 67  HOH HOH A . 
E 4 HOH 68  271 68  HOH HOH A . 
E 4 HOH 69  272 69  HOH HOH A . 
E 4 HOH 70  273 70  HOH HOH A . 
E 4 HOH 71  274 71  HOH HOH A . 
E 4 HOH 72  275 72  HOH HOH A . 
E 4 HOH 73  276 73  HOH HOH A . 
E 4 HOH 74  277 74  HOH HOH A . 
E 4 HOH 75  278 75  HOH HOH A . 
E 4 HOH 76  279 76  HOH HOH A . 
E 4 HOH 77  280 77  HOH HOH A . 
E 4 HOH 78  281 78  HOH HOH A . 
E 4 HOH 79  282 79  HOH HOH A . 
E 4 HOH 80  283 80  HOH HOH A . 
E 4 HOH 81  284 81  HOH HOH A . 
E 4 HOH 82  285 82  HOH HOH A . 
E 4 HOH 83  286 83  HOH HOH A . 
E 4 HOH 84  287 84  HOH HOH A . 
E 4 HOH 85  288 85  HOH HOH A . 
E 4 HOH 86  289 86  HOH HOH A . 
E 4 HOH 87  290 87  HOH HOH A . 
E 4 HOH 88  291 88  HOH HOH A . 
E 4 HOH 89  292 89  HOH HOH A . 
E 4 HOH 90  293 90  HOH HOH A . 
E 4 HOH 91  294 91  HOH HOH A . 
E 4 HOH 92  295 92  HOH HOH A . 
E 4 HOH 93  296 93  HOH HOH A . 
E 4 HOH 94  297 94  HOH HOH A . 
E 4 HOH 95  298 95  HOH HOH A . 
E 4 HOH 96  299 96  HOH HOH A . 
E 4 HOH 97  300 97  HOH HOH A . 
E 4 HOH 98  301 98  HOH HOH A . 
E 4 HOH 99  302 99  HOH HOH A . 
E 4 HOH 100 303 100 HOH HOH A . 
E 4 HOH 101 304 101 HOH HOH A . 
E 4 HOH 102 305 102 HOH HOH A . 
E 4 HOH 103 306 103 HOH HOH A . 
E 4 HOH 104 307 104 HOH HOH A . 
E 4 HOH 105 308 105 HOH HOH A . 
E 4 HOH 106 309 106 HOH HOH A . 
E 4 HOH 107 310 107 HOH HOH A . 
E 4 HOH 108 311 108 HOH HOH A . 
E 4 HOH 109 312 109 HOH HOH A . 
E 4 HOH 110 313 110 HOH HOH A . 
E 4 HOH 111 314 111 HOH HOH A . 
E 4 HOH 112 315 112 HOH HOH A . 
E 4 HOH 113 316 113 HOH HOH A . 
E 4 HOH 114 317 114 HOH HOH A . 
E 4 HOH 115 318 115 HOH HOH A . 
E 4 HOH 116 319 116 HOH HOH A . 
E 4 HOH 117 320 117 HOH HOH A . 
# 
_pdbx_struct_assembly.id                   1 
_pdbx_struct_assembly.details              author_and_software_defined_assembly 
_pdbx_struct_assembly.method_details       PISA 
_pdbx_struct_assembly.oligomeric_details   dimeric 
_pdbx_struct_assembly.oligomeric_count     2 
# 
_pdbx_struct_assembly_gen.assembly_id       1 
_pdbx_struct_assembly_gen.oper_expression   1,2 
_pdbx_struct_assembly_gen.asym_id_list      A,B,C,D,E 
# 
loop_
_pdbx_struct_assembly_prop.biol_id 
_pdbx_struct_assembly_prop.type 
_pdbx_struct_assembly_prop.value 
_pdbx_struct_assembly_prop.details 
1 'ABSA (A^2)' 4850  ? 
1 MORE         -17.4 ? 
1 'SSA (A^2)'  16240 ? 
# 
loop_
_pdbx_struct_oper_list.id 
_pdbx_struct_oper_list.type 
_pdbx_struct_oper_list.name 
_pdbx_struct_oper_list.symmetry_operation 
_pdbx_struct_oper_list.matrix[1][1] 
_pdbx_struct_oper_list.matrix[1][2] 
_pdbx_struct_oper_list.matrix[1][3] 
_pdbx_struct_oper_list.vector[1] 
_pdbx_struct_oper_list.matrix[2][1] 
_pdbx_struct_oper_list.matrix[2][2] 
_pdbx_struct_oper_list.matrix[2][3] 
_pdbx_struct_oper_list.vector[2] 
_pdbx_struct_oper_list.matrix[3][1] 
_pdbx_struct_oper_list.matrix[3][2] 
_pdbx_struct_oper_list.matrix[3][3] 
_pdbx_struct_oper_list.vector[3] 
1 'identity operation'         1_555 x,y,z    1.0000000000 0.0000000000  0.0000000000  0.0000000000  0.0000000000  1.0000000000  0.0000000000 0.0000000000   0.0000000000  0.0000000000 1.0000000000  0.0000000000   
2 'crystal symmetry operation' 7_556 y,x,-z+1 0.4869021588 -0.1181218325 -0.8654325626 -8.0516394319 -0.1181218325 -0.9906162169 0.0687513160 -22.1193881228 -0.8654325626 0.0687513160 -0.4962859419 -10.8144964703 
# 
loop_
_pdbx_audit_revision_history.ordinal 
_pdbx_audit_revision_history.data_content_type 
_pdbx_audit_revision_history.major_revision 
_pdbx_audit_revision_history.minor_revision 
_pdbx_audit_revision_history.revision_date 
1 'Structure model' 1 0 2008-03-11 
2 'Structure model' 1 1 2011-07-13 
3 'Structure model' 1 2 2023-11-01 
# 
_pdbx_audit_revision_details.ordinal             1 
_pdbx_audit_revision_details.revision_ordinal    1 
_pdbx_audit_revision_details.data_content_type   'Structure model' 
_pdbx_audit_revision_details.provider            repository 
_pdbx_audit_revision_details.type                'Initial release' 
_pdbx_audit_revision_details.description         ? 
_pdbx_audit_revision_details.details             ? 
# 
loop_
_pdbx_audit_revision_group.ordinal 
_pdbx_audit_revision_group.revision_ordinal 
_pdbx_audit_revision_group.data_content_type 
_pdbx_audit_revision_group.group 
1 2 'Structure model' 'Version format compliance' 
2 3 'Structure model' 'Data collection'           
3 3 'Structure model' 'Database references'       
4 3 'Structure model' 'Derived calculations'      
5 3 'Structure model' 'Refinement description'    
# 
loop_
_pdbx_audit_revision_category.ordinal 
_pdbx_audit_revision_category.revision_ordinal 
_pdbx_audit_revision_category.data_content_type 
_pdbx_audit_revision_category.category 
1 3 'Structure model' chem_comp_atom                
2 3 'Structure model' chem_comp_bond                
3 3 'Structure model' database_2                    
4 3 'Structure model' pdbx_initial_refinement_model 
5 3 'Structure model' struct_site                   
# 
loop_
_pdbx_audit_revision_item.ordinal 
_pdbx_audit_revision_item.revision_ordinal 
_pdbx_audit_revision_item.data_content_type 
_pdbx_audit_revision_item.item 
1 3 'Structure model' '_database_2.pdbx_DOI'                
2 3 'Structure model' '_database_2.pdbx_database_accession' 
3 3 'Structure model' '_struct_site.pdbx_auth_asym_id'      
4 3 'Structure model' '_struct_site.pdbx_auth_comp_id'      
5 3 'Structure model' '_struct_site.pdbx_auth_seq_id'       
# 
_software.name             REFMAC 
_software.classification   refinement 
_software.version          5.2.0019 
_software.citation_id      ? 
_software.pdbx_ordinal     1 
# 
_pdbx_validate_close_contact.id               1 
_pdbx_validate_close_contact.PDB_model_num    1 
_pdbx_validate_close_contact.auth_atom_id_1   NH1 
_pdbx_validate_close_contact.auth_asym_id_1   A 
_pdbx_validate_close_contact.auth_comp_id_1   ARG 
_pdbx_validate_close_contact.auth_seq_id_1    29 
_pdbx_validate_close_contact.PDB_ins_code_1   ? 
_pdbx_validate_close_contact.label_alt_id_1   ? 
_pdbx_validate_close_contact.auth_atom_id_2   O 
_pdbx_validate_close_contact.auth_asym_id_2   A 
_pdbx_validate_close_contact.auth_comp_id_2   HOH 
_pdbx_validate_close_contact.auth_seq_id_2    293 
_pdbx_validate_close_contact.PDB_ins_code_2   ? 
_pdbx_validate_close_contact.label_alt_id_2   ? 
_pdbx_validate_close_contact.dist             1.83 
# 
loop_
_pdbx_validate_rmsd_bond.id 
_pdbx_validate_rmsd_bond.PDB_model_num 
_pdbx_validate_rmsd_bond.auth_atom_id_1 
_pdbx_validate_rmsd_bond.auth_asym_id_1 
_pdbx_validate_rmsd_bond.auth_comp_id_1 
_pdbx_validate_rmsd_bond.auth_seq_id_1 
_pdbx_validate_rmsd_bond.PDB_ins_code_1 
_pdbx_validate_rmsd_bond.label_alt_id_1 
_pdbx_validate_rmsd_bond.auth_atom_id_2 
_pdbx_validate_rmsd_bond.auth_asym_id_2 
_pdbx_validate_rmsd_bond.auth_comp_id_2 
_pdbx_validate_rmsd_bond.auth_seq_id_2 
_pdbx_validate_rmsd_bond.PDB_ins_code_2 
_pdbx_validate_rmsd_bond.label_alt_id_2 
_pdbx_validate_rmsd_bond.bond_value 
_pdbx_validate_rmsd_bond.bond_target_value 
_pdbx_validate_rmsd_bond.bond_deviation 
_pdbx_validate_rmsd_bond.bond_standard_deviation 
_pdbx_validate_rmsd_bond.linker_flag 
1  1 CA A SER 1   ? ? CB  A SER 1   ? ? 1.407 1.525 -0.118 0.015 N 
2  1 C  A SER 15  ? ? O   A SER 15  ? ? 1.361 1.229 0.132  0.019 N 
3  1 CD A LYS 31  ? ? CE  A LYS 31  ? ? 1.692 1.508 0.184  0.025 N 
4  1 CD A GLU 53  ? ? OE2 A GLU 53  ? ? 1.324 1.252 0.072  0.011 N 
5  1 N  A GLY 56  ? ? CA  A GLY 56  ? ? 1.556 1.456 0.100  0.015 N 
6  1 CA A PRO 67  ? ? CB  A PRO 67  ? ? 1.395 1.531 -0.136 0.020 N 
7  1 CB A SER 76  ? ? OG  A SER 76  ? ? 1.305 1.418 -0.113 0.013 N 
8  1 CD A GLU 82  ? ? OE1 A GLU 82  ? ? 1.342 1.252 0.090  0.011 N 
9  1 CZ A TYR 107 ? ? CE2 A TYR 107 ? ? 1.295 1.381 -0.086 0.013 N 
10 1 CB A VAL 116 ? ? CG2 A VAL 116 ? ? 1.676 1.524 0.152  0.021 N 
11 1 CB A TYR 155 ? ? CG  A TYR 155 ? ? 1.403 1.512 -0.109 0.015 N 
12 1 CG A TYR 155 ? ? CD1 A TYR 155 ? ? 1.487 1.387 0.100  0.013 N 
13 1 CG A PHE 162 ? ? CD1 A PHE 162 ? ? 1.262 1.383 -0.121 0.015 N 
14 1 CG A MET 182 ? ? SD  A MET 182 ? ? 1.630 1.807 -0.177 0.026 N 
15 1 C  A ALA 184 ? ? O   A ALA 184 ? ? 1.350 1.229 0.121  0.019 N 
16 1 CE A LYS 191 ? ? NZ  A LYS 191 ? ? 1.655 1.486 0.169  0.025 N 
# 
loop_
_pdbx_validate_rmsd_angle.id 
_pdbx_validate_rmsd_angle.PDB_model_num 
_pdbx_validate_rmsd_angle.auth_atom_id_1 
_pdbx_validate_rmsd_angle.auth_asym_id_1 
_pdbx_validate_rmsd_angle.auth_comp_id_1 
_pdbx_validate_rmsd_angle.auth_seq_id_1 
_pdbx_validate_rmsd_angle.PDB_ins_code_1 
_pdbx_validate_rmsd_angle.label_alt_id_1 
_pdbx_validate_rmsd_angle.auth_atom_id_2 
_pdbx_validate_rmsd_angle.auth_asym_id_2 
_pdbx_validate_rmsd_angle.auth_comp_id_2 
_pdbx_validate_rmsd_angle.auth_seq_id_2 
_pdbx_validate_rmsd_angle.PDB_ins_code_2 
_pdbx_validate_rmsd_angle.label_alt_id_2 
_pdbx_validate_rmsd_angle.auth_atom_id_3 
_pdbx_validate_rmsd_angle.auth_asym_id_3 
_pdbx_validate_rmsd_angle.auth_comp_id_3 
_pdbx_validate_rmsd_angle.auth_seq_id_3 
_pdbx_validate_rmsd_angle.PDB_ins_code_3 
_pdbx_validate_rmsd_angle.label_alt_id_3 
_pdbx_validate_rmsd_angle.angle_value 
_pdbx_validate_rmsd_angle.angle_target_value 
_pdbx_validate_rmsd_angle.angle_deviation 
_pdbx_validate_rmsd_angle.angle_standard_deviation 
_pdbx_validate_rmsd_angle.linker_flag 
1  1 CA  A GLN 19  ? ? C  A GLN 19  ? ? N   A LEU 20  ? ? 132.14 117.20 14.94  2.20 Y 
2  1 CB  A TYR 23  ? ? CG A TYR 23  ? ? CD1 A TYR 23  ? ? 115.69 121.00 -5.31  0.60 N 
3  1 O   A TYR 23  ? ? C  A TYR 23  ? ? N   A PHE 24  ? ? 109.94 122.70 -12.76 1.60 Y 
4  1 O   A SER 33  ? ? C  A SER 33  ? ? N   A ALA 34  ? ? 133.57 122.70 10.87  1.60 Y 
5  1 CB  A ASP 35  ? ? CG A ASP 35  ? ? OD2 A ASP 35  ? ? 127.96 118.30 9.66   0.90 N 
6  1 NE  A ARG 40  ? ? CZ A ARG 40  ? ? NH1 A ARG 40  ? ? 124.20 120.30 3.90   0.50 N 
7  1 NE  A ARG 40  ? ? CZ A ARG 40  ? ? NH2 A ARG 40  ? ? 113.67 120.30 -6.63  0.50 N 
8  1 NE  A ARG 68  ? ? CZ A ARG 68  ? ? NH1 A ARG 68  ? ? 123.49 120.30 3.19   0.50 N 
9  1 OE1 A GLU 82  ? ? CD A GLU 82  ? ? OE2 A GLU 82  ? ? 114.33 123.30 -8.97  1.20 N 
10 1 CB  A ASP 109 ? ? CG A ASP 109 ? ? OD2 A ASP 109 ? ? 110.96 118.30 -7.34  0.90 N 
11 1 CA  A THR 130 ? ? CB A THR 130 ? ? CG2 A THR 130 ? ? 98.24  112.40 -14.16 1.40 N 
12 1 O   A ILE 137 ? ? C  A ILE 137 ? ? N   A THR 138 ? ? 132.44 122.70 9.74   1.60 Y 
13 1 CB  A TYR 155 ? ? CG A TYR 155 ? ? CD1 A TYR 155 ? ? 126.07 121.00 5.07   0.60 N 
14 1 CA  A ALA 184 ? ? C  A ALA 184 ? ? N   A LYS 185 ? ? 134.28 117.20 17.08  2.20 Y 
15 1 O   A ALA 184 ? ? C  A ALA 184 ? ? N   A LYS 185 ? ? 111.30 122.70 -11.40 1.60 Y 
16 1 O   A SER 188 ? ? C  A SER 188 ? ? N   A ASP 189 ? ? 112.87 122.70 -9.83  1.60 Y 
17 1 CB  A ASP 189 ? ? CG A ASP 189 ? ? OD2 A ASP 189 ? ? 112.18 118.30 -6.12  0.90 N 
18 1 CD  A LYS 191 ? ? CE A LYS 191 ? ? NZ  A LYS 191 ? ? 127.14 111.70 15.44  2.30 N 
19 1 CB  A ASP 195 ? ? CG A ASP 195 ? ? OD1 A ASP 195 ? ? 125.68 118.30 7.38   0.90 N 
# 
loop_
_pdbx_validate_torsion.id 
_pdbx_validate_torsion.PDB_model_num 
_pdbx_validate_torsion.auth_comp_id 
_pdbx_validate_torsion.auth_asym_id 
_pdbx_validate_torsion.auth_seq_id 
_pdbx_validate_torsion.PDB_ins_code 
_pdbx_validate_torsion.label_alt_id 
_pdbx_validate_torsion.phi 
_pdbx_validate_torsion.psi 
1 1 ALA A 12  ? ? 56.33   -127.28 
2 1 HIS A 32  ? ? -145.15 53.40   
3 1 VAL A 116 ? ? -125.03 -61.91  
# 
loop_
_pdbx_unobs_or_zero_occ_atoms.id 
_pdbx_unobs_or_zero_occ_atoms.PDB_model_num 
_pdbx_unobs_or_zero_occ_atoms.polymer_flag 
_pdbx_unobs_or_zero_occ_atoms.occupancy_flag 
_pdbx_unobs_or_zero_occ_atoms.auth_asym_id 
_pdbx_unobs_or_zero_occ_atoms.auth_comp_id 
_pdbx_unobs_or_zero_occ_atoms.auth_seq_id 
_pdbx_unobs_or_zero_occ_atoms.PDB_ins_code 
_pdbx_unobs_or_zero_occ_atoms.auth_atom_id 
_pdbx_unobs_or_zero_occ_atoms.label_alt_id 
_pdbx_unobs_or_zero_occ_atoms.label_asym_id 
_pdbx_unobs_or_zero_occ_atoms.label_comp_id 
_pdbx_unobs_or_zero_occ_atoms.label_seq_id 
_pdbx_unobs_or_zero_occ_atoms.label_atom_id 
1 1 Y 0 A LYS 2  ? CE ? A LYS 2  CE 
2 1 Y 0 A PRO 67 ? CB ? A PRO 67 CB 
# 
loop_
_pdbx_unobs_or_zero_occ_residues.id 
_pdbx_unobs_or_zero_occ_residues.PDB_model_num 
_pdbx_unobs_or_zero_occ_residues.polymer_flag 
_pdbx_unobs_or_zero_occ_residues.occupancy_flag 
_pdbx_unobs_or_zero_occ_residues.auth_asym_id 
_pdbx_unobs_or_zero_occ_residues.auth_comp_id 
_pdbx_unobs_or_zero_occ_residues.auth_seq_id 
_pdbx_unobs_or_zero_occ_residues.PDB_ins_code 
_pdbx_unobs_or_zero_occ_residues.label_asym_id 
_pdbx_unobs_or_zero_occ_residues.label_comp_id 
_pdbx_unobs_or_zero_occ_residues.label_seq_id 
1 1 Y 1 A ARG 59 ? A ARG 59 
2 1 Y 1 A PRO 60 ? A PRO 60 
3 1 Y 1 A SER 61 ? A SER 61 
4 1 Y 1 A ASP 62 ? A ASP 62 
5 1 Y 1 A ALA 63 ? A ALA 63 
6 1 Y 1 A PRO 64 ? A PRO 64 
# 
loop_
_chem_comp_atom.comp_id 
_chem_comp_atom.atom_id 
_chem_comp_atom.type_symbol 
_chem_comp_atom.pdbx_aromatic_flag 
_chem_comp_atom.pdbx_stereo_config 
_chem_comp_atom.pdbx_ordinal 
ALA N      N N N 1   
ALA CA     C N S 2   
ALA C      C N N 3   
ALA O      O N N 4   
ALA CB     C N N 5   
ALA OXT    O N N 6   
ALA H      H N N 7   
ALA H2     H N N 8   
ALA HA     H N N 9   
ALA HB1    H N N 10  
ALA HB2    H N N 11  
ALA HB3    H N N 12  
ALA HXT    H N N 13  
ARG N      N N N 14  
ARG CA     C N S 15  
ARG C      C N N 16  
ARG O      O N N 17  
ARG CB     C N N 18  
ARG CG     C N N 19  
ARG CD     C N N 20  
ARG NE     N N N 21  
ARG CZ     C N N 22  
ARG NH1    N N N 23  
ARG NH2    N N N 24  
ARG OXT    O N N 25  
ARG H      H N N 26  
ARG H2     H N N 27  
ARG HA     H N N 28  
ARG HB2    H N N 29  
ARG HB3    H N N 30  
ARG HG2    H N N 31  
ARG HG3    H N N 32  
ARG HD2    H N N 33  
ARG HD3    H N N 34  
ARG HE     H N N 35  
ARG HH11   H N N 36  
ARG HH12   H N N 37  
ARG HH21   H N N 38  
ARG HH22   H N N 39  
ARG HXT    H N N 40  
ASN N      N N N 41  
ASN CA     C N S 42  
ASN C      C N N 43  
ASN O      O N N 44  
ASN CB     C N N 45  
ASN CG     C N N 46  
ASN OD1    O N N 47  
ASN ND2    N N N 48  
ASN OXT    O N N 49  
ASN H      H N N 50  
ASN H2     H N N 51  
ASN HA     H N N 52  
ASN HB2    H N N 53  
ASN HB3    H N N 54  
ASN HD21   H N N 55  
ASN HD22   H N N 56  
ASN HXT    H N N 57  
ASP N      N N N 58  
ASP CA     C N S 59  
ASP C      C N N 60  
ASP O      O N N 61  
ASP CB     C N N 62  
ASP CG     C N N 63  
ASP OD1    O N N 64  
ASP OD2    O N N 65  
ASP OXT    O N N 66  
ASP H      H N N 67  
ASP H2     H N N 68  
ASP HA     H N N 69  
ASP HB2    H N N 70  
ASP HB3    H N N 71  
ASP HD2    H N N 72  
ASP HXT    H N N 73  
EDO C1     C N N 74  
EDO O1     O N N 75  
EDO C2     C N N 76  
EDO O2     O N N 77  
EDO H11    H N N 78  
EDO H12    H N N 79  
EDO HO1    H N N 80  
EDO H21    H N N 81  
EDO H22    H N N 82  
EDO HO2    H N N 83  
FMN N1     N N N 84  
FMN C2     C N N 85  
FMN O2     O N N 86  
FMN N3     N N N 87  
FMN C4     C N N 88  
FMN O4     O N N 89  
FMN C4A    C N N 90  
FMN N5     N N N 91  
FMN C5A    C Y N 92  
FMN C6     C Y N 93  
FMN C7     C Y N 94  
FMN C7M    C N N 95  
FMN C8     C Y N 96  
FMN C8M    C N N 97  
FMN C9     C Y N 98  
FMN C9A    C Y N 99  
FMN N10    N N N 100 
FMN C10    C N N 101 
FMN "C1'"  C N N 102 
FMN "C2'"  C N S 103 
FMN "O2'"  O N N 104 
FMN "C3'"  C N S 105 
FMN "O3'"  O N N 106 
FMN "C4'"  C N R 107 
FMN "O4'"  O N N 108 
FMN "C5'"  C N N 109 
FMN "O5'"  O N N 110 
FMN P      P N N 111 
FMN O1P    O N N 112 
FMN O2P    O N N 113 
FMN O3P    O N N 114 
FMN HN3    H N N 115 
FMN H6     H N N 116 
FMN HM71   H N N 117 
FMN HM72   H N N 118 
FMN HM73   H N N 119 
FMN HM81   H N N 120 
FMN HM82   H N N 121 
FMN HM83   H N N 122 
FMN H9     H N N 123 
FMN "H1'1" H N N 124 
FMN "H1'2" H N N 125 
FMN "H2'"  H N N 126 
FMN "HO2'" H N N 127 
FMN "H3'"  H N N 128 
FMN "HO3'" H N N 129 
FMN "H4'"  H N N 130 
FMN "HO4'" H N N 131 
FMN "H5'1" H N N 132 
FMN "H5'2" H N N 133 
FMN HOP2   H N N 134 
FMN HOP3   H N N 135 
GLN N      N N N 136 
GLN CA     C N S 137 
GLN C      C N N 138 
GLN O      O N N 139 
GLN CB     C N N 140 
GLN CG     C N N 141 
GLN CD     C N N 142 
GLN OE1    O N N 143 
GLN NE2    N N N 144 
GLN OXT    O N N 145 
GLN H      H N N 146 
GLN H2     H N N 147 
GLN HA     H N N 148 
GLN HB2    H N N 149 
GLN HB3    H N N 150 
GLN HG2    H N N 151 
GLN HG3    H N N 152 
GLN HE21   H N N 153 
GLN HE22   H N N 154 
GLN HXT    H N N 155 
GLU N      N N N 156 
GLU CA     C N S 157 
GLU C      C N N 158 
GLU O      O N N 159 
GLU CB     C N N 160 
GLU CG     C N N 161 
GLU CD     C N N 162 
GLU OE1    O N N 163 
GLU OE2    O N N 164 
GLU OXT    O N N 165 
GLU H      H N N 166 
GLU H2     H N N 167 
GLU HA     H N N 168 
GLU HB2    H N N 169 
GLU HB3    H N N 170 
GLU HG2    H N N 171 
GLU HG3    H N N 172 
GLU HE2    H N N 173 
GLU HXT    H N N 174 
GLY N      N N N 175 
GLY CA     C N N 176 
GLY C      C N N 177 
GLY O      O N N 178 
GLY OXT    O N N 179 
GLY H      H N N 180 
GLY H2     H N N 181 
GLY HA2    H N N 182 
GLY HA3    H N N 183 
GLY HXT    H N N 184 
HIS N      N N N 185 
HIS CA     C N S 186 
HIS C      C N N 187 
HIS O      O N N 188 
HIS CB     C N N 189 
HIS CG     C Y N 190 
HIS ND1    N Y N 191 
HIS CD2    C Y N 192 
HIS CE1    C Y N 193 
HIS NE2    N Y N 194 
HIS OXT    O N N 195 
HIS H      H N N 196 
HIS H2     H N N 197 
HIS HA     H N N 198 
HIS HB2    H N N 199 
HIS HB3    H N N 200 
HIS HD1    H N N 201 
HIS HD2    H N N 202 
HIS HE1    H N N 203 
HIS HE2    H N N 204 
HIS HXT    H N N 205 
HOH O      O N N 206 
HOH H1     H N N 207 
HOH H2     H N N 208 
ILE N      N N N 209 
ILE CA     C N S 210 
ILE C      C N N 211 
ILE O      O N N 212 
ILE CB     C N S 213 
ILE CG1    C N N 214 
ILE CG2    C N N 215 
ILE CD1    C N N 216 
ILE OXT    O N N 217 
ILE H      H N N 218 
ILE H2     H N N 219 
ILE HA     H N N 220 
ILE HB     H N N 221 
ILE HG12   H N N 222 
ILE HG13   H N N 223 
ILE HG21   H N N 224 
ILE HG22   H N N 225 
ILE HG23   H N N 226 
ILE HD11   H N N 227 
ILE HD12   H N N 228 
ILE HD13   H N N 229 
ILE HXT    H N N 230 
LEU N      N N N 231 
LEU CA     C N S 232 
LEU C      C N N 233 
LEU O      O N N 234 
LEU CB     C N N 235 
LEU CG     C N N 236 
LEU CD1    C N N 237 
LEU CD2    C N N 238 
LEU OXT    O N N 239 
LEU H      H N N 240 
LEU H2     H N N 241 
LEU HA     H N N 242 
LEU HB2    H N N 243 
LEU HB3    H N N 244 
LEU HG     H N N 245 
LEU HD11   H N N 246 
LEU HD12   H N N 247 
LEU HD13   H N N 248 
LEU HD21   H N N 249 
LEU HD22   H N N 250 
LEU HD23   H N N 251 
LEU HXT    H N N 252 
LYS N      N N N 253 
LYS CA     C N S 254 
LYS C      C N N 255 
LYS O      O N N 256 
LYS CB     C N N 257 
LYS CG     C N N 258 
LYS CD     C N N 259 
LYS CE     C N N 260 
LYS NZ     N N N 261 
LYS OXT    O N N 262 
LYS H      H N N 263 
LYS H2     H N N 264 
LYS HA     H N N 265 
LYS HB2    H N N 266 
LYS HB3    H N N 267 
LYS HG2    H N N 268 
LYS HG3    H N N 269 
LYS HD2    H N N 270 
LYS HD3    H N N 271 
LYS HE2    H N N 272 
LYS HE3    H N N 273 
LYS HZ1    H N N 274 
LYS HZ2    H N N 275 
LYS HZ3    H N N 276 
LYS HXT    H N N 277 
MET N      N N N 278 
MET CA     C N S 279 
MET C      C N N 280 
MET O      O N N 281 
MET CB     C N N 282 
MET CG     C N N 283 
MET SD     S N N 284 
MET CE     C N N 285 
MET OXT    O N N 286 
MET H      H N N 287 
MET H2     H N N 288 
MET HA     H N N 289 
MET HB2    H N N 290 
MET HB3    H N N 291 
MET HG2    H N N 292 
MET HG3    H N N 293 
MET HE1    H N N 294 
MET HE2    H N N 295 
MET HE3    H N N 296 
MET HXT    H N N 297 
PHE N      N N N 298 
PHE CA     C N S 299 
PHE C      C N N 300 
PHE O      O N N 301 
PHE CB     C N N 302 
PHE CG     C Y N 303 
PHE CD1    C Y N 304 
PHE CD2    C Y N 305 
PHE CE1    C Y N 306 
PHE CE2    C Y N 307 
PHE CZ     C Y N 308 
PHE OXT    O N N 309 
PHE H      H N N 310 
PHE H2     H N N 311 
PHE HA     H N N 312 
PHE HB2    H N N 313 
PHE HB3    H N N 314 
PHE HD1    H N N 315 
PHE HD2    H N N 316 
PHE HE1    H N N 317 
PHE HE2    H N N 318 
PHE HZ     H N N 319 
PHE HXT    H N N 320 
PRO N      N N N 321 
PRO CA     C N S 322 
PRO C      C N N 323 
PRO O      O N N 324 
PRO CB     C N N 325 
PRO CG     C N N 326 
PRO CD     C N N 327 
PRO OXT    O N N 328 
PRO H      H N N 329 
PRO HA     H N N 330 
PRO HB2    H N N 331 
PRO HB3    H N N 332 
PRO HG2    H N N 333 
PRO HG3    H N N 334 
PRO HD2    H N N 335 
PRO HD3    H N N 336 
PRO HXT    H N N 337 
SER N      N N N 338 
SER CA     C N S 339 
SER C      C N N 340 
SER O      O N N 341 
SER CB     C N N 342 
SER OG     O N N 343 
SER OXT    O N N 344 
SER H      H N N 345 
SER H2     H N N 346 
SER HA     H N N 347 
SER HB2    H N N 348 
SER HB3    H N N 349 
SER HG     H N N 350 
SER HXT    H N N 351 
THR N      N N N 352 
THR CA     C N S 353 
THR C      C N N 354 
THR O      O N N 355 
THR CB     C N R 356 
THR OG1    O N N 357 
THR CG2    C N N 358 
THR OXT    O N N 359 
THR H      H N N 360 
THR H2     H N N 361 
THR HA     H N N 362 
THR HB     H N N 363 
THR HG1    H N N 364 
THR HG21   H N N 365 
THR HG22   H N N 366 
THR HG23   H N N 367 
THR HXT    H N N 368 
TRP N      N N N 369 
TRP CA     C N S 370 
TRP C      C N N 371 
TRP O      O N N 372 
TRP CB     C N N 373 
TRP CG     C Y N 374 
TRP CD1    C Y N 375 
TRP CD2    C Y N 376 
TRP NE1    N Y N 377 
TRP CE2    C Y N 378 
TRP CE3    C Y N 379 
TRP CZ2    C Y N 380 
TRP CZ3    C Y N 381 
TRP CH2    C Y N 382 
TRP OXT    O N N 383 
TRP H      H N N 384 
TRP H2     H N N 385 
TRP HA     H N N 386 
TRP HB2    H N N 387 
TRP HB3    H N N 388 
TRP HD1    H N N 389 
TRP HE1    H N N 390 
TRP HE3    H N N 391 
TRP HZ2    H N N 392 
TRP HZ3    H N N 393 
TRP HH2    H N N 394 
TRP HXT    H N N 395 
TYR N      N N N 396 
TYR CA     C N S 397 
TYR C      C N N 398 
TYR O      O N N 399 
TYR CB     C N N 400 
TYR CG     C Y N 401 
TYR CD1    C Y N 402 
TYR CD2    C Y N 403 
TYR CE1    C Y N 404 
TYR CE2    C Y N 405 
TYR CZ     C Y N 406 
TYR OH     O N N 407 
TYR OXT    O N N 408 
TYR H      H N N 409 
TYR H2     H N N 410 
TYR HA     H N N 411 
TYR HB2    H N N 412 
TYR HB3    H N N 413 
TYR HD1    H N N 414 
TYR HD2    H N N 415 
TYR HE1    H N N 416 
TYR HE2    H N N 417 
TYR HH     H N N 418 
TYR HXT    H N N 419 
VAL N      N N N 420 
VAL CA     C N S 421 
VAL C      C N N 422 
VAL O      O N N 423 
VAL CB     C N N 424 
VAL CG1    C N N 425 
VAL CG2    C N N 426 
VAL OXT    O N N 427 
VAL H      H N N 428 
VAL H2     H N N 429 
VAL HA     H N N 430 
VAL HB     H N N 431 
VAL HG11   H N N 432 
VAL HG12   H N N 433 
VAL HG13   H N N 434 
VAL HG21   H N N 435 
VAL HG22   H N N 436 
VAL HG23   H N N 437 
VAL HXT    H N N 438 
# 
loop_
_chem_comp_bond.comp_id 
_chem_comp_bond.atom_id_1 
_chem_comp_bond.atom_id_2 
_chem_comp_bond.value_order 
_chem_comp_bond.pdbx_aromatic_flag 
_chem_comp_bond.pdbx_stereo_config 
_chem_comp_bond.pdbx_ordinal 
ALA N     CA     sing N N 1   
ALA N     H      sing N N 2   
ALA N     H2     sing N N 3   
ALA CA    C      sing N N 4   
ALA CA    CB     sing N N 5   
ALA CA    HA     sing N N 6   
ALA C     O      doub N N 7   
ALA C     OXT    sing N N 8   
ALA CB    HB1    sing N N 9   
ALA CB    HB2    sing N N 10  
ALA CB    HB3    sing N N 11  
ALA OXT   HXT    sing N N 12  
ARG N     CA     sing N N 13  
ARG N     H      sing N N 14  
ARG N     H2     sing N N 15  
ARG CA    C      sing N N 16  
ARG CA    CB     sing N N 17  
ARG CA    HA     sing N N 18  
ARG C     O      doub N N 19  
ARG C     OXT    sing N N 20  
ARG CB    CG     sing N N 21  
ARG CB    HB2    sing N N 22  
ARG CB    HB3    sing N N 23  
ARG CG    CD     sing N N 24  
ARG CG    HG2    sing N N 25  
ARG CG    HG3    sing N N 26  
ARG CD    NE     sing N N 27  
ARG CD    HD2    sing N N 28  
ARG CD    HD3    sing N N 29  
ARG NE    CZ     sing N N 30  
ARG NE    HE     sing N N 31  
ARG CZ    NH1    sing N N 32  
ARG CZ    NH2    doub N N 33  
ARG NH1   HH11   sing N N 34  
ARG NH1   HH12   sing N N 35  
ARG NH2   HH21   sing N N 36  
ARG NH2   HH22   sing N N 37  
ARG OXT   HXT    sing N N 38  
ASN N     CA     sing N N 39  
ASN N     H      sing N N 40  
ASN N     H2     sing N N 41  
ASN CA    C      sing N N 42  
ASN CA    CB     sing N N 43  
ASN CA    HA     sing N N 44  
ASN C     O      doub N N 45  
ASN C     OXT    sing N N 46  
ASN CB    CG     sing N N 47  
ASN CB    HB2    sing N N 48  
ASN CB    HB3    sing N N 49  
ASN CG    OD1    doub N N 50  
ASN CG    ND2    sing N N 51  
ASN ND2   HD21   sing N N 52  
ASN ND2   HD22   sing N N 53  
ASN OXT   HXT    sing N N 54  
ASP N     CA     sing N N 55  
ASP N     H      sing N N 56  
ASP N     H2     sing N N 57  
ASP CA    C      sing N N 58  
ASP CA    CB     sing N N 59  
ASP CA    HA     sing N N 60  
ASP C     O      doub N N 61  
ASP C     OXT    sing N N 62  
ASP CB    CG     sing N N 63  
ASP CB    HB2    sing N N 64  
ASP CB    HB3    sing N N 65  
ASP CG    OD1    doub N N 66  
ASP CG    OD2    sing N N 67  
ASP OD2   HD2    sing N N 68  
ASP OXT   HXT    sing N N 69  
EDO C1    O1     sing N N 70  
EDO C1    C2     sing N N 71  
EDO C1    H11    sing N N 72  
EDO C1    H12    sing N N 73  
EDO O1    HO1    sing N N 74  
EDO C2    O2     sing N N 75  
EDO C2    H21    sing N N 76  
EDO C2    H22    sing N N 77  
EDO O2    HO2    sing N N 78  
FMN N1    C2     sing N N 79  
FMN N1    C10    doub N N 80  
FMN C2    O2     doub N N 81  
FMN C2    N3     sing N N 82  
FMN N3    C4     sing N N 83  
FMN N3    HN3    sing N N 84  
FMN C4    O4     doub N N 85  
FMN C4    C4A    sing N N 86  
FMN C4A   N5     doub N N 87  
FMN C4A   C10    sing N N 88  
FMN N5    C5A    sing N N 89  
FMN C5A   C6     doub Y N 90  
FMN C5A   C9A    sing Y N 91  
FMN C6    C7     sing Y N 92  
FMN C6    H6     sing N N 93  
FMN C7    C7M    sing N N 94  
FMN C7    C8     doub Y N 95  
FMN C7M   HM71   sing N N 96  
FMN C7M   HM72   sing N N 97  
FMN C7M   HM73   sing N N 98  
FMN C8    C8M    sing N N 99  
FMN C8    C9     sing Y N 100 
FMN C8M   HM81   sing N N 101 
FMN C8M   HM82   sing N N 102 
FMN C8M   HM83   sing N N 103 
FMN C9    C9A    doub Y N 104 
FMN C9    H9     sing N N 105 
FMN C9A   N10    sing N N 106 
FMN N10   C10    sing N N 107 
FMN N10   "C1'"  sing N N 108 
FMN "C1'" "C2'"  sing N N 109 
FMN "C1'" "H1'1" sing N N 110 
FMN "C1'" "H1'2" sing N N 111 
FMN "C2'" "O2'"  sing N N 112 
FMN "C2'" "C3'"  sing N N 113 
FMN "C2'" "H2'"  sing N N 114 
FMN "O2'" "HO2'" sing N N 115 
FMN "C3'" "O3'"  sing N N 116 
FMN "C3'" "C4'"  sing N N 117 
FMN "C3'" "H3'"  sing N N 118 
FMN "O3'" "HO3'" sing N N 119 
FMN "C4'" "O4'"  sing N N 120 
FMN "C4'" "C5'"  sing N N 121 
FMN "C4'" "H4'"  sing N N 122 
FMN "O4'" "HO4'" sing N N 123 
FMN "C5'" "O5'"  sing N N 124 
FMN "C5'" "H5'1" sing N N 125 
FMN "C5'" "H5'2" sing N N 126 
FMN "O5'" P      sing N N 127 
FMN P     O1P    doub N N 128 
FMN P     O2P    sing N N 129 
FMN P     O3P    sing N N 130 
FMN O2P   HOP2   sing N N 131 
FMN O3P   HOP3   sing N N 132 
GLN N     CA     sing N N 133 
GLN N     H      sing N N 134 
GLN N     H2     sing N N 135 
GLN CA    C      sing N N 136 
GLN CA    CB     sing N N 137 
GLN CA    HA     sing N N 138 
GLN C     O      doub N N 139 
GLN C     OXT    sing N N 140 
GLN CB    CG     sing N N 141 
GLN CB    HB2    sing N N 142 
GLN CB    HB3    sing N N 143 
GLN CG    CD     sing N N 144 
GLN CG    HG2    sing N N 145 
GLN CG    HG3    sing N N 146 
GLN CD    OE1    doub N N 147 
GLN CD    NE2    sing N N 148 
GLN NE2   HE21   sing N N 149 
GLN NE2   HE22   sing N N 150 
GLN OXT   HXT    sing N N 151 
GLU N     CA     sing N N 152 
GLU N     H      sing N N 153 
GLU N     H2     sing N N 154 
GLU CA    C      sing N N 155 
GLU CA    CB     sing N N 156 
GLU CA    HA     sing N N 157 
GLU C     O      doub N N 158 
GLU C     OXT    sing N N 159 
GLU CB    CG     sing N N 160 
GLU CB    HB2    sing N N 161 
GLU CB    HB3    sing N N 162 
GLU CG    CD     sing N N 163 
GLU CG    HG2    sing N N 164 
GLU CG    HG3    sing N N 165 
GLU CD    OE1    doub N N 166 
GLU CD    OE2    sing N N 167 
GLU OE2   HE2    sing N N 168 
GLU OXT   HXT    sing N N 169 
GLY N     CA     sing N N 170 
GLY N     H      sing N N 171 
GLY N     H2     sing N N 172 
GLY CA    C      sing N N 173 
GLY CA    HA2    sing N N 174 
GLY CA    HA3    sing N N 175 
GLY C     O      doub N N 176 
GLY C     OXT    sing N N 177 
GLY OXT   HXT    sing N N 178 
HIS N     CA     sing N N 179 
HIS N     H      sing N N 180 
HIS N     H2     sing N N 181 
HIS CA    C      sing N N 182 
HIS CA    CB     sing N N 183 
HIS CA    HA     sing N N 184 
HIS C     O      doub N N 185 
HIS C     OXT    sing N N 186 
HIS CB    CG     sing N N 187 
HIS CB    HB2    sing N N 188 
HIS CB    HB3    sing N N 189 
HIS CG    ND1    sing Y N 190 
HIS CG    CD2    doub Y N 191 
HIS ND1   CE1    doub Y N 192 
HIS ND1   HD1    sing N N 193 
HIS CD2   NE2    sing Y N 194 
HIS CD2   HD2    sing N N 195 
HIS CE1   NE2    sing Y N 196 
HIS CE1   HE1    sing N N 197 
HIS NE2   HE2    sing N N 198 
HIS OXT   HXT    sing N N 199 
HOH O     H1     sing N N 200 
HOH O     H2     sing N N 201 
ILE N     CA     sing N N 202 
ILE N     H      sing N N 203 
ILE N     H2     sing N N 204 
ILE CA    C      sing N N 205 
ILE CA    CB     sing N N 206 
ILE CA    HA     sing N N 207 
ILE C     O      doub N N 208 
ILE C     OXT    sing N N 209 
ILE CB    CG1    sing N N 210 
ILE CB    CG2    sing N N 211 
ILE CB    HB     sing N N 212 
ILE CG1   CD1    sing N N 213 
ILE CG1   HG12   sing N N 214 
ILE CG1   HG13   sing N N 215 
ILE CG2   HG21   sing N N 216 
ILE CG2   HG22   sing N N 217 
ILE CG2   HG23   sing N N 218 
ILE CD1   HD11   sing N N 219 
ILE CD1   HD12   sing N N 220 
ILE CD1   HD13   sing N N 221 
ILE OXT   HXT    sing N N 222 
LEU N     CA     sing N N 223 
LEU N     H      sing N N 224 
LEU N     H2     sing N N 225 
LEU CA    C      sing N N 226 
LEU CA    CB     sing N N 227 
LEU CA    HA     sing N N 228 
LEU C     O      doub N N 229 
LEU C     OXT    sing N N 230 
LEU CB    CG     sing N N 231 
LEU CB    HB2    sing N N 232 
LEU CB    HB3    sing N N 233 
LEU CG    CD1    sing N N 234 
LEU CG    CD2    sing N N 235 
LEU CG    HG     sing N N 236 
LEU CD1   HD11   sing N N 237 
LEU CD1   HD12   sing N N 238 
LEU CD1   HD13   sing N N 239 
LEU CD2   HD21   sing N N 240 
LEU CD2   HD22   sing N N 241 
LEU CD2   HD23   sing N N 242 
LEU OXT   HXT    sing N N 243 
LYS N     CA     sing N N 244 
LYS N     H      sing N N 245 
LYS N     H2     sing N N 246 
LYS CA    C      sing N N 247 
LYS CA    CB     sing N N 248 
LYS CA    HA     sing N N 249 
LYS C     O      doub N N 250 
LYS C     OXT    sing N N 251 
LYS CB    CG     sing N N 252 
LYS CB    HB2    sing N N 253 
LYS CB    HB3    sing N N 254 
LYS CG    CD     sing N N 255 
LYS CG    HG2    sing N N 256 
LYS CG    HG3    sing N N 257 
LYS CD    CE     sing N N 258 
LYS CD    HD2    sing N N 259 
LYS CD    HD3    sing N N 260 
LYS CE    NZ     sing N N 261 
LYS CE    HE2    sing N N 262 
LYS CE    HE3    sing N N 263 
LYS NZ    HZ1    sing N N 264 
LYS NZ    HZ2    sing N N 265 
LYS NZ    HZ3    sing N N 266 
LYS OXT   HXT    sing N N 267 
MET N     CA     sing N N 268 
MET N     H      sing N N 269 
MET N     H2     sing N N 270 
MET CA    C      sing N N 271 
MET CA    CB     sing N N 272 
MET CA    HA     sing N N 273 
MET C     O      doub N N 274 
MET C     OXT    sing N N 275 
MET CB    CG     sing N N 276 
MET CB    HB2    sing N N 277 
MET CB    HB3    sing N N 278 
MET CG    SD     sing N N 279 
MET CG    HG2    sing N N 280 
MET CG    HG3    sing N N 281 
MET SD    CE     sing N N 282 
MET CE    HE1    sing N N 283 
MET CE    HE2    sing N N 284 
MET CE    HE3    sing N N 285 
MET OXT   HXT    sing N N 286 
PHE N     CA     sing N N 287 
PHE N     H      sing N N 288 
PHE N     H2     sing N N 289 
PHE CA    C      sing N N 290 
PHE CA    CB     sing N N 291 
PHE CA    HA     sing N N 292 
PHE C     O      doub N N 293 
PHE C     OXT    sing N N 294 
PHE CB    CG     sing N N 295 
PHE CB    HB2    sing N N 296 
PHE CB    HB3    sing N N 297 
PHE CG    CD1    doub Y N 298 
PHE CG    CD2    sing Y N 299 
PHE CD1   CE1    sing Y N 300 
PHE CD1   HD1    sing N N 301 
PHE CD2   CE2    doub Y N 302 
PHE CD2   HD2    sing N N 303 
PHE CE1   CZ     doub Y N 304 
PHE CE1   HE1    sing N N 305 
PHE CE2   CZ     sing Y N 306 
PHE CE2   HE2    sing N N 307 
PHE CZ    HZ     sing N N 308 
PHE OXT   HXT    sing N N 309 
PRO N     CA     sing N N 310 
PRO N     CD     sing N N 311 
PRO N     H      sing N N 312 
PRO CA    C      sing N N 313 
PRO CA    CB     sing N N 314 
PRO CA    HA     sing N N 315 
PRO C     O      doub N N 316 
PRO C     OXT    sing N N 317 
PRO CB    CG     sing N N 318 
PRO CB    HB2    sing N N 319 
PRO CB    HB3    sing N N 320 
PRO CG    CD     sing N N 321 
PRO CG    HG2    sing N N 322 
PRO CG    HG3    sing N N 323 
PRO CD    HD2    sing N N 324 
PRO CD    HD3    sing N N 325 
PRO OXT   HXT    sing N N 326 
SER N     CA     sing N N 327 
SER N     H      sing N N 328 
SER N     H2     sing N N 329 
SER CA    C      sing N N 330 
SER CA    CB     sing N N 331 
SER CA    HA     sing N N 332 
SER C     O      doub N N 333 
SER C     OXT    sing N N 334 
SER CB    OG     sing N N 335 
SER CB    HB2    sing N N 336 
SER CB    HB3    sing N N 337 
SER OG    HG     sing N N 338 
SER OXT   HXT    sing N N 339 
THR N     CA     sing N N 340 
THR N     H      sing N N 341 
THR N     H2     sing N N 342 
THR CA    C      sing N N 343 
THR CA    CB     sing N N 344 
THR CA    HA     sing N N 345 
THR C     O      doub N N 346 
THR C     OXT    sing N N 347 
THR CB    OG1    sing N N 348 
THR CB    CG2    sing N N 349 
THR CB    HB     sing N N 350 
THR OG1   HG1    sing N N 351 
THR CG2   HG21   sing N N 352 
THR CG2   HG22   sing N N 353 
THR CG2   HG23   sing N N 354 
THR OXT   HXT    sing N N 355 
TRP N     CA     sing N N 356 
TRP N     H      sing N N 357 
TRP N     H2     sing N N 358 
TRP CA    C      sing N N 359 
TRP CA    CB     sing N N 360 
TRP CA    HA     sing N N 361 
TRP C     O      doub N N 362 
TRP C     OXT    sing N N 363 
TRP CB    CG     sing N N 364 
TRP CB    HB2    sing N N 365 
TRP CB    HB3    sing N N 366 
TRP CG    CD1    doub Y N 367 
TRP CG    CD2    sing Y N 368 
TRP CD1   NE1    sing Y N 369 
TRP CD1   HD1    sing N N 370 
TRP CD2   CE2    doub Y N 371 
TRP CD2   CE3    sing Y N 372 
TRP NE1   CE2    sing Y N 373 
TRP NE1   HE1    sing N N 374 
TRP CE2   CZ2    sing Y N 375 
TRP CE3   CZ3    doub Y N 376 
TRP CE3   HE3    sing N N 377 
TRP CZ2   CH2    doub Y N 378 
TRP CZ2   HZ2    sing N N 379 
TRP CZ3   CH2    sing Y N 380 
TRP CZ3   HZ3    sing N N 381 
TRP CH2   HH2    sing N N 382 
TRP OXT   HXT    sing N N 383 
TYR N     CA     sing N N 384 
TYR N     H      sing N N 385 
TYR N     H2     sing N N 386 
TYR CA    C      sing N N 387 
TYR CA    CB     sing N N 388 
TYR CA    HA     sing N N 389 
TYR C     O      doub N N 390 
TYR C     OXT    sing N N 391 
TYR CB    CG     sing N N 392 
TYR CB    HB2    sing N N 393 
TYR CB    HB3    sing N N 394 
TYR CG    CD1    doub Y N 395 
TYR CG    CD2    sing Y N 396 
TYR CD1   CE1    sing Y N 397 
TYR CD1   HD1    sing N N 398 
TYR CD2   CE2    doub Y N 399 
TYR CD2   HD2    sing N N 400 
TYR CE1   CZ     doub Y N 401 
TYR CE1   HE1    sing N N 402 
TYR CE2   CZ     sing Y N 403 
TYR CE2   HE2    sing N N 404 
TYR CZ    OH     sing N N 405 
TYR OH    HH     sing N N 406 
TYR OXT   HXT    sing N N 407 
VAL N     CA     sing N N 408 
VAL N     H      sing N N 409 
VAL N     H2     sing N N 410 
VAL CA    C      sing N N 411 
VAL CA    CB     sing N N 412 
VAL CA    HA     sing N N 413 
VAL C     O      doub N N 414 
VAL C     OXT    sing N N 415 
VAL CB    CG1    sing N N 416 
VAL CB    CG2    sing N N 417 
VAL CB    HB     sing N N 418 
VAL CG1   HG11   sing N N 419 
VAL CG1   HG12   sing N N 420 
VAL CG1   HG13   sing N N 421 
VAL CG2   HG21   sing N N 422 
VAL CG2   HG22   sing N N 423 
VAL CG2   HG23   sing N N 424 
VAL OXT   HXT    sing N N 425 
# 
loop_
_pdbx_entity_nonpoly.entity_id 
_pdbx_entity_nonpoly.name 
_pdbx_entity_nonpoly.comp_id 
2 'FLAVIN MONONUCLEOTIDE' FMN 
3 1,2-ETHANEDIOL          EDO 
4 water                   HOH 
# 
_pdbx_initial_refinement_model.id               1 
_pdbx_initial_refinement_model.entity_id_list   ? 
_pdbx_initial_refinement_model.type             'experimental model' 
_pdbx_initial_refinement_model.source_name      PDB 
_pdbx_initial_refinement_model.accession_code   1V4B 
_pdbx_initial_refinement_model.details          'PDB ENTRY 1V4B' 
# 
